data_2QNI
# 
_entry.id   2QNI 
# 
_audit_conform.dict_name       mmcif_pdbx.dic 
_audit_conform.dict_version    5.398 
_audit_conform.dict_location   http://mmcif.pdb.org/dictionaries/ascii/mmcif_pdbx.dic 
# 
loop_
_database_2.database_id 
_database_2.database_code 
_database_2.pdbx_database_accession 
_database_2.pdbx_DOI 
PDB   2QNI         pdb_00002qni 10.2210/pdb2qni/pdb 
RCSB  RCSB043820   ?            ?                   
WWPDB D_1000043820 ?            ?                   
# 
loop_
_pdbx_audit_revision_history.ordinal 
_pdbx_audit_revision_history.data_content_type 
_pdbx_audit_revision_history.major_revision 
_pdbx_audit_revision_history.minor_revision 
_pdbx_audit_revision_history.revision_date 
1 'Structure model' 1 0 2007-08-07 
2 'Structure model' 1 1 2011-07-13 
3 'Structure model' 1 2 2024-11-06 
# 
_pdbx_audit_revision_details.ordinal             1 
_pdbx_audit_revision_details.revision_ordinal    1 
_pdbx_audit_revision_details.data_content_type   'Structure model' 
_pdbx_audit_revision_details.provider            repository 
_pdbx_audit_revision_details.type                'Initial release' 
_pdbx_audit_revision_details.description         ? 
_pdbx_audit_revision_details.details             ? 
# 
loop_
_pdbx_audit_revision_group.ordinal 
_pdbx_audit_revision_group.revision_ordinal 
_pdbx_audit_revision_group.data_content_type 
_pdbx_audit_revision_group.group 
1 2 'Structure model' 'Source and taxonomy'       
2 2 'Structure model' 'Version format compliance' 
3 3 'Structure model' 'Data collection'           
4 3 'Structure model' 'Database references'       
5 3 'Structure model' 'Derived calculations'      
6 3 'Structure model' 'Structure summary'         
# 
loop_
_pdbx_audit_revision_category.ordinal 
_pdbx_audit_revision_category.revision_ordinal 
_pdbx_audit_revision_category.data_content_type 
_pdbx_audit_revision_category.category 
1 3 'Structure model' chem_comp_atom            
2 3 'Structure model' chem_comp_bond            
3 3 'Structure model' database_2                
4 3 'Structure model' pdbx_entry_details        
5 3 'Structure model' pdbx_modification_feature 
6 3 'Structure model' struct_conn               
7 3 'Structure model' struct_ref_seq_dif        
# 
loop_
_pdbx_audit_revision_item.ordinal 
_pdbx_audit_revision_item.revision_ordinal 
_pdbx_audit_revision_item.data_content_type 
_pdbx_audit_revision_item.item 
1 3 'Structure model' '_database_2.pdbx_DOI'                
2 3 'Structure model' '_database_2.pdbx_database_accession' 
3 3 'Structure model' '_struct_conn.pdbx_leaving_atom_flag' 
4 3 'Structure model' '_struct_ref_seq_dif.details'         
# 
_pdbx_database_status.status_code                     REL 
_pdbx_database_status.entry_id                        2QNI 
_pdbx_database_status.recvd_initial_deposition_date   2007-07-18 
_pdbx_database_status.deposit_site                    RCSB 
_pdbx_database_status.process_site                    RCSB 
_pdbx_database_status.status_code_sf                  REL 
_pdbx_database_status.status_code_mr                  ? 
_pdbx_database_status.SG_entry                        Y 
_pdbx_database_status.pdb_format_compatible           Y 
_pdbx_database_status.status_code_cs                  ? 
_pdbx_database_status.status_code_nmr_data            ? 
_pdbx_database_status.methods_development_category    ? 
# 
_pdbx_database_related.db_name        TargetDB 
_pdbx_database_related.db_id          APC5852 
_pdbx_database_related.details        . 
_pdbx_database_related.content_type   unspecified 
# 
loop_
_audit_author.name 
_audit_author.pdbx_ordinal 
'Dong, A.'                                      1 
'Xu, X.'                                        2 
'Gu, J.'                                        3 
'Zheng, H.'                                     4 
'Edwards, A.M.'                                 5 
'Joachimiak, A.'                                6 
'Savchenko, A.'                                 7 
'Midwest Center for Structural Genomics (MCSG)' 8 
# 
_citation.id                        primary 
_citation.title                     'Crystal structure of uncharacterized protein Atu0299.' 
_citation.journal_abbrev            'To be Published' 
_citation.journal_volume            ? 
_citation.page_first                ? 
_citation.page_last                 ? 
_citation.year                      ? 
_citation.journal_id_ASTM           ? 
_citation.country                   ? 
_citation.journal_id_ISSN           ? 
_citation.journal_id_CSD            0353 
_citation.book_publisher            ? 
_citation.pdbx_database_id_PubMed   ? 
_citation.pdbx_database_id_DOI      ? 
# 
loop_
_citation_author.citation_id 
_citation_author.name 
_citation_author.ordinal 
_citation_author.identifier_ORCID 
primary 'Dong, A.'       1 ? 
primary 'Xu, X.'         2 ? 
primary 'Gu, J.'         3 ? 
primary 'Zheng, H.'      4 ? 
primary 'Edwards, A.M.'  5 ? 
primary 'Joachimiak, A.' 6 ? 
primary 'Savchenko, A.'  7 ? 
# 
loop_
_entity.id 
_entity.type 
_entity.src_method 
_entity.pdbx_description 
_entity.formula_weight 
_entity.pdbx_number_of_molecules 
_entity.pdbx_ec 
_entity.pdbx_mutation 
_entity.pdbx_fragment 
_entity.details 
1 polymer man 'Uncharacterized protein Atu0299' 24388.555 1   ? ? ? ? 
2 water   nat water                             18.015    177 ? ? ? ? 
# 
_entity_name_com.entity_id   1 
_entity_name_com.name        AGR_C_517p 
# 
_entity_poly.entity_id                      1 
_entity_poly.type                           'polypeptide(L)' 
_entity_poly.nstd_linkage                   no 
_entity_poly.nstd_monomer                   yes 
_entity_poly.pdbx_seq_one_letter_code       
;(MSE)GSSHHHHHHSSGRENLYFQG(MSE)HALYITHPQVKIDPAVPVPEWGLSERGAERAREASRLPWAKALRRIVSSA
ETKAIETAH(MSE)LAETSGAAIEIIEA(MSE)HENDRSATGFLPPPEFEKAADWFFAHPEESFQGWERAIDAQARIVEA
VKAVLDRHDARQPIAFVGHGGVGTLLKCHIEGRGISRSKDQPAGGGNLFRFSIAEFSLAAASPTCDWTA(MSE)ETWQG
;
_entity_poly.pdbx_seq_one_letter_code_can   
;MGSSHHHHHHSSGRENLYFQGMHALYITHPQVKIDPAVPVPEWGLSERGAERAREASRLPWAKALRRIVSSAETKAIETA
HMLAETSGAAIEIIEAMHENDRSATGFLPPPEFEKAADWFFAHPEESFQGWERAIDAQARIVEAVKAVLDRHDARQPIAF
VGHGGVGTLLKCHIEGRGISRSKDQPAGGGNLFRFSIAEFSLAAASPTCDWTAMETWQG
;
_entity_poly.pdbx_strand_id                 A 
_entity_poly.pdbx_target_identifier         APC5852 
# 
_pdbx_entity_nonpoly.entity_id   2 
_pdbx_entity_nonpoly.name        water 
_pdbx_entity_nonpoly.comp_id     HOH 
# 
loop_
_entity_poly_seq.entity_id 
_entity_poly_seq.num 
_entity_poly_seq.mon_id 
_entity_poly_seq.hetero 
1 1   MSE n 
1 2   GLY n 
1 3   SER n 
1 4   SER n 
1 5   HIS n 
1 6   HIS n 
1 7   HIS n 
1 8   HIS n 
1 9   HIS n 
1 10  HIS n 
1 11  SER n 
1 12  SER n 
1 13  GLY n 
1 14  ARG n 
1 15  GLU n 
1 16  ASN n 
1 17  LEU n 
1 18  TYR n 
1 19  PHE n 
1 20  GLN n 
1 21  GLY n 
1 22  MSE n 
1 23  HIS n 
1 24  ALA n 
1 25  LEU n 
1 26  TYR n 
1 27  ILE n 
1 28  THR n 
1 29  HIS n 
1 30  PRO n 
1 31  GLN n 
1 32  VAL n 
1 33  LYS n 
1 34  ILE n 
1 35  ASP n 
1 36  PRO n 
1 37  ALA n 
1 38  VAL n 
1 39  PRO n 
1 40  VAL n 
1 41  PRO n 
1 42  GLU n 
1 43  TRP n 
1 44  GLY n 
1 45  LEU n 
1 46  SER n 
1 47  GLU n 
1 48  ARG n 
1 49  GLY n 
1 50  ALA n 
1 51  GLU n 
1 52  ARG n 
1 53  ALA n 
1 54  ARG n 
1 55  GLU n 
1 56  ALA n 
1 57  SER n 
1 58  ARG n 
1 59  LEU n 
1 60  PRO n 
1 61  TRP n 
1 62  ALA n 
1 63  LYS n 
1 64  ALA n 
1 65  LEU n 
1 66  ARG n 
1 67  ARG n 
1 68  ILE n 
1 69  VAL n 
1 70  SER n 
1 71  SER n 
1 72  ALA n 
1 73  GLU n 
1 74  THR n 
1 75  LYS n 
1 76  ALA n 
1 77  ILE n 
1 78  GLU n 
1 79  THR n 
1 80  ALA n 
1 81  HIS n 
1 82  MSE n 
1 83  LEU n 
1 84  ALA n 
1 85  GLU n 
1 86  THR n 
1 87  SER n 
1 88  GLY n 
1 89  ALA n 
1 90  ALA n 
1 91  ILE n 
1 92  GLU n 
1 93  ILE n 
1 94  ILE n 
1 95  GLU n 
1 96  ALA n 
1 97  MSE n 
1 98  HIS n 
1 99  GLU n 
1 100 ASN n 
1 101 ASP n 
1 102 ARG n 
1 103 SER n 
1 104 ALA n 
1 105 THR n 
1 106 GLY n 
1 107 PHE n 
1 108 LEU n 
1 109 PRO n 
1 110 PRO n 
1 111 PRO n 
1 112 GLU n 
1 113 PHE n 
1 114 GLU n 
1 115 LYS n 
1 116 ALA n 
1 117 ALA n 
1 118 ASP n 
1 119 TRP n 
1 120 PHE n 
1 121 PHE n 
1 122 ALA n 
1 123 HIS n 
1 124 PRO n 
1 125 GLU n 
1 126 GLU n 
1 127 SER n 
1 128 PHE n 
1 129 GLN n 
1 130 GLY n 
1 131 TRP n 
1 132 GLU n 
1 133 ARG n 
1 134 ALA n 
1 135 ILE n 
1 136 ASP n 
1 137 ALA n 
1 138 GLN n 
1 139 ALA n 
1 140 ARG n 
1 141 ILE n 
1 142 VAL n 
1 143 GLU n 
1 144 ALA n 
1 145 VAL n 
1 146 LYS n 
1 147 ALA n 
1 148 VAL n 
1 149 LEU n 
1 150 ASP n 
1 151 ARG n 
1 152 HIS n 
1 153 ASP n 
1 154 ALA n 
1 155 ARG n 
1 156 GLN n 
1 157 PRO n 
1 158 ILE n 
1 159 ALA n 
1 160 PHE n 
1 161 VAL n 
1 162 GLY n 
1 163 HIS n 
1 164 GLY n 
1 165 GLY n 
1 166 VAL n 
1 167 GLY n 
1 168 THR n 
1 169 LEU n 
1 170 LEU n 
1 171 LYS n 
1 172 CYS n 
1 173 HIS n 
1 174 ILE n 
1 175 GLU n 
1 176 GLY n 
1 177 ARG n 
1 178 GLY n 
1 179 ILE n 
1 180 SER n 
1 181 ARG n 
1 182 SER n 
1 183 LYS n 
1 184 ASP n 
1 185 GLN n 
1 186 PRO n 
1 187 ALA n 
1 188 GLY n 
1 189 GLY n 
1 190 GLY n 
1 191 ASN n 
1 192 LEU n 
1 193 PHE n 
1 194 ARG n 
1 195 PHE n 
1 196 SER n 
1 197 ILE n 
1 198 ALA n 
1 199 GLU n 
1 200 PHE n 
1 201 SER n 
1 202 LEU n 
1 203 ALA n 
1 204 ALA n 
1 205 ALA n 
1 206 SER n 
1 207 PRO n 
1 208 THR n 
1 209 CYS n 
1 210 ASP n 
1 211 TRP n 
1 212 THR n 
1 213 ALA n 
1 214 MSE n 
1 215 GLU n 
1 216 THR n 
1 217 TRP n 
1 218 GLN n 
1 219 GLY n 
# 
_entity_src_gen.entity_id                          1 
_entity_src_gen.pdbx_src_id                        1 
_entity_src_gen.pdbx_alt_source_flag               sample 
_entity_src_gen.pdbx_seq_type                      ? 
_entity_src_gen.pdbx_beg_seq_num                   ? 
_entity_src_gen.pdbx_end_seq_num                   ? 
_entity_src_gen.gene_src_common_name               ? 
_entity_src_gen.gene_src_genus                     Agrobacterium 
_entity_src_gen.pdbx_gene_src_gene                 'AGR_C_517, Atu0299' 
_entity_src_gen.gene_src_species                   'Agrobacterium tumefaciens' 
_entity_src_gen.gene_src_strain                    C58 
_entity_src_gen.gene_src_tissue                    ? 
_entity_src_gen.gene_src_tissue_fraction           ? 
_entity_src_gen.gene_src_details                   ? 
_entity_src_gen.pdbx_gene_src_fragment             ? 
_entity_src_gen.pdbx_gene_src_scientific_name      'Agrobacterium tumefaciens str.' 
_entity_src_gen.pdbx_gene_src_ncbi_taxonomy_id     176299 
_entity_src_gen.pdbx_gene_src_variant              ? 
_entity_src_gen.pdbx_gene_src_cell_line            ? 
_entity_src_gen.pdbx_gene_src_atcc                 33970 
_entity_src_gen.pdbx_gene_src_organ                ? 
_entity_src_gen.pdbx_gene_src_organelle            ? 
_entity_src_gen.pdbx_gene_src_cell                 ? 
_entity_src_gen.pdbx_gene_src_cellular_location    ? 
_entity_src_gen.host_org_common_name               ? 
_entity_src_gen.pdbx_host_org_scientific_name      'Escherichia coli' 
_entity_src_gen.pdbx_host_org_ncbi_taxonomy_id     562 
_entity_src_gen.host_org_genus                     Escherichia 
_entity_src_gen.pdbx_host_org_gene                 ? 
_entity_src_gen.pdbx_host_org_organ                ? 
_entity_src_gen.host_org_species                   ? 
_entity_src_gen.pdbx_host_org_tissue               ? 
_entity_src_gen.pdbx_host_org_tissue_fraction      ? 
_entity_src_gen.pdbx_host_org_strain               'BL21(DE3) derivative' 
_entity_src_gen.pdbx_host_org_variant              ? 
_entity_src_gen.pdbx_host_org_cell_line            ? 
_entity_src_gen.pdbx_host_org_atcc                 ? 
_entity_src_gen.pdbx_host_org_culture_collection   ? 
_entity_src_gen.pdbx_host_org_cell                 ? 
_entity_src_gen.pdbx_host_org_organelle            ? 
_entity_src_gen.pdbx_host_org_cellular_location    ? 
_entity_src_gen.pdbx_host_org_vector_type          Plasmid 
_entity_src_gen.pdbx_host_org_vector               ? 
_entity_src_gen.host_org_details                   ? 
_entity_src_gen.expression_system_id               ? 
_entity_src_gen.plasmid_name                       'pET derivative' 
_entity_src_gen.plasmid_details                    ? 
_entity_src_gen.pdbx_description                   ? 
# 
loop_
_chem_comp.id 
_chem_comp.type 
_chem_comp.mon_nstd_flag 
_chem_comp.name 
_chem_comp.pdbx_synonyms 
_chem_comp.formula 
_chem_comp.formula_weight 
ALA 'L-peptide linking' y ALANINE          ? 'C3 H7 N O2'     89.093  
ARG 'L-peptide linking' y ARGININE         ? 'C6 H15 N4 O2 1' 175.209 
ASN 'L-peptide linking' y ASPARAGINE       ? 'C4 H8 N2 O3'    132.118 
ASP 'L-peptide linking' y 'ASPARTIC ACID'  ? 'C4 H7 N O4'     133.103 
CYS 'L-peptide linking' y CYSTEINE         ? 'C3 H7 N O2 S'   121.158 
GLN 'L-peptide linking' y GLUTAMINE        ? 'C5 H10 N2 O3'   146.144 
GLU 'L-peptide linking' y 'GLUTAMIC ACID'  ? 'C5 H9 N O4'     147.129 
GLY 'peptide linking'   y GLYCINE          ? 'C2 H5 N O2'     75.067  
HIS 'L-peptide linking' y HISTIDINE        ? 'C6 H10 N3 O2 1' 156.162 
HOH non-polymer         . WATER            ? 'H2 O'           18.015  
ILE 'L-peptide linking' y ISOLEUCINE       ? 'C6 H13 N O2'    131.173 
LEU 'L-peptide linking' y LEUCINE          ? 'C6 H13 N O2'    131.173 
LYS 'L-peptide linking' y LYSINE           ? 'C6 H15 N2 O2 1' 147.195 
MSE 'L-peptide linking' n SELENOMETHIONINE ? 'C5 H11 N O2 Se' 196.106 
PHE 'L-peptide linking' y PHENYLALANINE    ? 'C9 H11 N O2'    165.189 
PRO 'L-peptide linking' y PROLINE          ? 'C5 H9 N O2'     115.130 
SER 'L-peptide linking' y SERINE           ? 'C3 H7 N O3'     105.093 
THR 'L-peptide linking' y THREONINE        ? 'C4 H9 N O3'     119.119 
TRP 'L-peptide linking' y TRYPTOPHAN       ? 'C11 H12 N2 O2'  204.225 
TYR 'L-peptide linking' y TYROSINE         ? 'C9 H11 N O3'    181.189 
VAL 'L-peptide linking' y VALINE           ? 'C5 H11 N O2'    117.146 
# 
loop_
_pdbx_poly_seq_scheme.asym_id 
_pdbx_poly_seq_scheme.entity_id 
_pdbx_poly_seq_scheme.seq_id 
_pdbx_poly_seq_scheme.mon_id 
_pdbx_poly_seq_scheme.ndb_seq_num 
_pdbx_poly_seq_scheme.pdb_seq_num 
_pdbx_poly_seq_scheme.auth_seq_num 
_pdbx_poly_seq_scheme.pdb_mon_id 
_pdbx_poly_seq_scheme.auth_mon_id 
_pdbx_poly_seq_scheme.pdb_strand_id 
_pdbx_poly_seq_scheme.pdb_ins_code 
_pdbx_poly_seq_scheme.hetero 
A 1 1   MSE 1   1   ?   ?   ?   A . n 
A 1 2   GLY 2   2   ?   ?   ?   A . n 
A 1 3   SER 3   3   ?   ?   ?   A . n 
A 1 4   SER 4   4   ?   ?   ?   A . n 
A 1 5   HIS 5   5   ?   ?   ?   A . n 
A 1 6   HIS 6   6   ?   ?   ?   A . n 
A 1 7   HIS 7   7   ?   ?   ?   A . n 
A 1 8   HIS 8   8   ?   ?   ?   A . n 
A 1 9   HIS 9   9   ?   ?   ?   A . n 
A 1 10  HIS 10  10  ?   ?   ?   A . n 
A 1 11  SER 11  11  ?   ?   ?   A . n 
A 1 12  SER 12  12  ?   ?   ?   A . n 
A 1 13  GLY 13  13  ?   ?   ?   A . n 
A 1 14  ARG 14  14  ?   ?   ?   A . n 
A 1 15  GLU 15  15  ?   ?   ?   A . n 
A 1 16  ASN 16  16  ?   ?   ?   A . n 
A 1 17  LEU 17  17  ?   ?   ?   A . n 
A 1 18  TYR 18  18  ?   ?   ?   A . n 
A 1 19  PHE 19  19  ?   ?   ?   A . n 
A 1 20  GLN 20  20  ?   ?   ?   A . n 
A 1 21  GLY 21  21  21  GLY GLY A . n 
A 1 22  MSE 22  22  22  MSE MSE A . n 
A 1 23  HIS 23  23  23  HIS HIS A . n 
A 1 24  ALA 24  24  24  ALA ALA A . n 
A 1 25  LEU 25  25  25  LEU LEU A . n 
A 1 26  TYR 26  26  26  TYR TYR A . n 
A 1 27  ILE 27  27  27  ILE ILE A . n 
A 1 28  THR 28  28  28  THR THR A . n 
A 1 29  HIS 29  29  29  HIS HIS A . n 
A 1 30  PRO 30  30  30  PRO PRO A . n 
A 1 31  GLN 31  31  31  GLN GLN A . n 
A 1 32  VAL 32  32  32  VAL VAL A . n 
A 1 33  LYS 33  33  33  LYS LYS A . n 
A 1 34  ILE 34  34  34  ILE ILE A . n 
A 1 35  ASP 35  35  35  ASP ASP A . n 
A 1 36  PRO 36  36  36  PRO PRO A . n 
A 1 37  ALA 37  37  37  ALA ALA A . n 
A 1 38  VAL 38  38  38  VAL VAL A . n 
A 1 39  PRO 39  39  39  PRO PRO A . n 
A 1 40  VAL 40  40  40  VAL VAL A . n 
A 1 41  PRO 41  41  41  PRO PRO A . n 
A 1 42  GLU 42  42  42  GLU GLU A . n 
A 1 43  TRP 43  43  43  TRP TRP A . n 
A 1 44  GLY 44  44  44  GLY GLY A . n 
A 1 45  LEU 45  45  45  LEU LEU A . n 
A 1 46  SER 46  46  46  SER SER A . n 
A 1 47  GLU 47  47  47  GLU GLU A . n 
A 1 48  ARG 48  48  48  ARG ARG A . n 
A 1 49  GLY 49  49  49  GLY GLY A . n 
A 1 50  ALA 50  50  50  ALA ALA A . n 
A 1 51  GLU 51  51  51  GLU GLU A . n 
A 1 52  ARG 52  52  52  ARG ARG A . n 
A 1 53  ALA 53  53  53  ALA ALA A . n 
A 1 54  ARG 54  54  54  ARG ARG A . n 
A 1 55  GLU 55  55  55  GLU GLU A . n 
A 1 56  ALA 56  56  56  ALA ALA A . n 
A 1 57  SER 57  57  57  SER SER A . n 
A 1 58  ARG 58  58  58  ARG ARG A . n 
A 1 59  LEU 59  59  59  LEU LEU A . n 
A 1 60  PRO 60  60  60  PRO PRO A . n 
A 1 61  TRP 61  61  61  TRP TRP A . n 
A 1 62  ALA 62  62  62  ALA ALA A . n 
A 1 63  LYS 63  63  63  LYS LYS A . n 
A 1 64  ALA 64  64  64  ALA ALA A . n 
A 1 65  LEU 65  65  65  LEU LEU A . n 
A 1 66  ARG 66  66  66  ARG ARG A . n 
A 1 67  ARG 67  67  67  ARG ARG A . n 
A 1 68  ILE 68  68  68  ILE ILE A . n 
A 1 69  VAL 69  69  69  VAL VAL A . n 
A 1 70  SER 70  70  70  SER SER A . n 
A 1 71  SER 71  71  71  SER SER A . n 
A 1 72  ALA 72  72  72  ALA ALA A . n 
A 1 73  GLU 73  73  73  GLU GLU A . n 
A 1 74  THR 74  74  74  THR THR A . n 
A 1 75  LYS 75  75  75  LYS LYS A . n 
A 1 76  ALA 76  76  76  ALA ALA A . n 
A 1 77  ILE 77  77  77  ILE ILE A . n 
A 1 78  GLU 78  78  78  GLU GLU A . n 
A 1 79  THR 79  79  79  THR THR A . n 
A 1 80  ALA 80  80  80  ALA ALA A . n 
A 1 81  HIS 81  81  81  HIS HIS A . n 
A 1 82  MSE 82  82  82  MSE MSE A . n 
A 1 83  LEU 83  83  83  LEU LEU A . n 
A 1 84  ALA 84  84  84  ALA ALA A . n 
A 1 85  GLU 85  85  85  GLU GLU A . n 
A 1 86  THR 86  86  86  THR THR A . n 
A 1 87  SER 87  87  87  SER SER A . n 
A 1 88  GLY 88  88  88  GLY GLY A . n 
A 1 89  ALA 89  89  89  ALA ALA A . n 
A 1 90  ALA 90  90  90  ALA ALA A . n 
A 1 91  ILE 91  91  91  ILE ILE A . n 
A 1 92  GLU 92  92  92  GLU GLU A . n 
A 1 93  ILE 93  93  93  ILE ILE A . n 
A 1 94  ILE 94  94  94  ILE ILE A . n 
A 1 95  GLU 95  95  95  GLU GLU A . n 
A 1 96  ALA 96  96  96  ALA ALA A . n 
A 1 97  MSE 97  97  97  MSE MSE A . n 
A 1 98  HIS 98  98  98  HIS HIS A . n 
A 1 99  GLU 99  99  99  GLU GLU A . n 
A 1 100 ASN 100 100 100 ASN ASN A . n 
A 1 101 ASP 101 101 101 ASP ASP A . n 
A 1 102 ARG 102 102 102 ARG ARG A . n 
A 1 103 SER 103 103 103 SER SER A . n 
A 1 104 ALA 104 104 104 ALA ALA A . n 
A 1 105 THR 105 105 105 THR THR A . n 
A 1 106 GLY 106 106 106 GLY GLY A . n 
A 1 107 PHE 107 107 107 PHE PHE A . n 
A 1 108 LEU 108 108 108 LEU LEU A . n 
A 1 109 PRO 109 109 109 PRO PRO A . n 
A 1 110 PRO 110 110 110 PRO PRO A . n 
A 1 111 PRO 111 111 111 PRO PRO A . n 
A 1 112 GLU 112 112 112 GLU GLU A . n 
A 1 113 PHE 113 113 113 PHE PHE A . n 
A 1 114 GLU 114 114 114 GLU GLU A . n 
A 1 115 LYS 115 115 115 LYS LYS A . n 
A 1 116 ALA 116 116 116 ALA ALA A . n 
A 1 117 ALA 117 117 117 ALA ALA A . n 
A 1 118 ASP 118 118 118 ASP ASP A . n 
A 1 119 TRP 119 119 119 TRP TRP A . n 
A 1 120 PHE 120 120 120 PHE PHE A . n 
A 1 121 PHE 121 121 121 PHE PHE A . n 
A 1 122 ALA 122 122 122 ALA ALA A . n 
A 1 123 HIS 123 123 123 HIS HIS A . n 
A 1 124 PRO 124 124 124 PRO PRO A . n 
A 1 125 GLU 125 125 125 GLU GLU A . n 
A 1 126 GLU 126 126 126 GLU GLU A . n 
A 1 127 SER 127 127 127 SER SER A . n 
A 1 128 PHE 128 128 128 PHE PHE A . n 
A 1 129 GLN 129 129 129 GLN GLN A . n 
A 1 130 GLY 130 130 130 GLY GLY A . n 
A 1 131 TRP 131 131 131 TRP TRP A . n 
A 1 132 GLU 132 132 132 GLU GLU A . n 
A 1 133 ARG 133 133 133 ARG ARG A . n 
A 1 134 ALA 134 134 134 ALA ALA A . n 
A 1 135 ILE 135 135 135 ILE ILE A . n 
A 1 136 ASP 136 136 136 ASP ASP A . n 
A 1 137 ALA 137 137 137 ALA ALA A . n 
A 1 138 GLN 138 138 138 GLN GLN A . n 
A 1 139 ALA 139 139 139 ALA ALA A . n 
A 1 140 ARG 140 140 140 ARG ARG A . n 
A 1 141 ILE 141 141 141 ILE ILE A . n 
A 1 142 VAL 142 142 142 VAL VAL A . n 
A 1 143 GLU 143 143 143 GLU GLU A . n 
A 1 144 ALA 144 144 144 ALA ALA A . n 
A 1 145 VAL 145 145 145 VAL VAL A . n 
A 1 146 LYS 146 146 146 LYS LYS A . n 
A 1 147 ALA 147 147 147 ALA ALA A . n 
A 1 148 VAL 148 148 148 VAL VAL A . n 
A 1 149 LEU 149 149 149 LEU LEU A . n 
A 1 150 ASP 150 150 150 ASP ASP A . n 
A 1 151 ARG 151 151 151 ARG ARG A . n 
A 1 152 HIS 152 152 152 HIS HIS A . n 
A 1 153 ASP 153 153 153 ASP ASP A . n 
A 1 154 ALA 154 154 154 ALA ALA A . n 
A 1 155 ARG 155 155 155 ARG ARG A . n 
A 1 156 GLN 156 156 156 GLN GLN A . n 
A 1 157 PRO 157 157 157 PRO PRO A . n 
A 1 158 ILE 158 158 158 ILE ILE A . n 
A 1 159 ALA 159 159 159 ALA ALA A . n 
A 1 160 PHE 160 160 160 PHE PHE A . n 
A 1 161 VAL 161 161 161 VAL VAL A . n 
A 1 162 GLY 162 162 162 GLY GLY A . n 
A 1 163 HIS 163 163 163 HIS HIS A . n 
A 1 164 GLY 164 164 164 GLY GLY A . n 
A 1 165 GLY 165 165 165 GLY GLY A . n 
A 1 166 VAL 166 166 166 VAL VAL A . n 
A 1 167 GLY 167 167 167 GLY GLY A . n 
A 1 168 THR 168 168 168 THR THR A . n 
A 1 169 LEU 169 169 169 LEU LEU A . n 
A 1 170 LEU 170 170 170 LEU LEU A . n 
A 1 171 LYS 171 171 171 LYS LYS A . n 
A 1 172 CYS 172 172 172 CYS CYS A . n 
A 1 173 HIS 173 173 173 HIS HIS A . n 
A 1 174 ILE 174 174 174 ILE ILE A . n 
A 1 175 GLU 175 175 175 GLU GLU A . n 
A 1 176 GLY 176 176 176 GLY GLY A . n 
A 1 177 ARG 177 177 177 ARG ARG A . n 
A 1 178 GLY 178 178 178 GLY GLY A . n 
A 1 179 ILE 179 179 179 ILE ILE A . n 
A 1 180 SER 180 180 180 SER SER A . n 
A 1 181 ARG 181 181 181 ARG ARG A . n 
A 1 182 SER 182 182 182 SER SER A . n 
A 1 183 LYS 183 183 ?   ?   ?   A . n 
A 1 184 ASP 184 184 ?   ?   ?   A . n 
A 1 185 GLN 185 185 185 GLN GLN A . n 
A 1 186 PRO 186 186 186 PRO PRO A . n 
A 1 187 ALA 187 187 187 ALA ALA A . n 
A 1 188 GLY 188 188 188 GLY GLY A . n 
A 1 189 GLY 189 189 189 GLY GLY A . n 
A 1 190 GLY 190 190 190 GLY GLY A . n 
A 1 191 ASN 191 191 191 ASN ASN A . n 
A 1 192 LEU 192 192 192 LEU LEU A . n 
A 1 193 PHE 193 193 193 PHE PHE A . n 
A 1 194 ARG 194 194 194 ARG ARG A . n 
A 1 195 PHE 195 195 195 PHE PHE A . n 
A 1 196 SER 196 196 196 SER SER A . n 
A 1 197 ILE 197 197 197 ILE ILE A . n 
A 1 198 ALA 198 198 198 ALA ALA A . n 
A 1 199 GLU 199 199 199 GLU GLU A . n 
A 1 200 PHE 200 200 200 PHE PHE A . n 
A 1 201 SER 201 201 201 SER SER A . n 
A 1 202 LEU 202 202 ?   ?   ?   A . n 
A 1 203 ALA 203 203 203 ALA ALA A . n 
A 1 204 ALA 204 204 204 ALA ALA A . n 
A 1 205 ALA 205 205 205 ALA ALA A . n 
A 1 206 SER 206 206 ?   ?   ?   A . n 
A 1 207 PRO 207 207 ?   ?   ?   A . n 
A 1 208 THR 208 208 208 THR THR A . n 
A 1 209 CYS 209 209 209 CYS CYS A . n 
A 1 210 ASP 210 210 210 ASP ASP A . n 
A 1 211 TRP 211 211 211 TRP TRP A . n 
A 1 212 THR 212 212 212 THR THR A . n 
A 1 213 ALA 213 213 213 ALA ALA A . n 
A 1 214 MSE 214 214 214 MSE MSE A . n 
A 1 215 GLU 215 215 215 GLU GLU A . n 
A 1 216 THR 216 216 216 THR THR A . n 
A 1 217 TRP 217 217 217 TRP TRP A . n 
A 1 218 GLN 218 218 218 GLN GLN A . n 
A 1 219 GLY 219 219 219 GLY GLY A . n 
# 
loop_
_pdbx_nonpoly_scheme.asym_id 
_pdbx_nonpoly_scheme.entity_id 
_pdbx_nonpoly_scheme.mon_id 
_pdbx_nonpoly_scheme.ndb_seq_num 
_pdbx_nonpoly_scheme.pdb_seq_num 
_pdbx_nonpoly_scheme.auth_seq_num 
_pdbx_nonpoly_scheme.pdb_mon_id 
_pdbx_nonpoly_scheme.auth_mon_id 
_pdbx_nonpoly_scheme.pdb_strand_id 
_pdbx_nonpoly_scheme.pdb_ins_code 
B 2 HOH 1   220 220 HOH HOH A . 
B 2 HOH 2   221 221 HOH HOH A . 
B 2 HOH 3   222 222 HOH HOH A . 
B 2 HOH 4   223 223 HOH HOH A . 
B 2 HOH 5   224 224 HOH HOH A . 
B 2 HOH 6   225 225 HOH HOH A . 
B 2 HOH 7   226 226 HOH HOH A . 
B 2 HOH 8   227 227 HOH HOH A . 
B 2 HOH 9   228 228 HOH HOH A . 
B 2 HOH 10  229 229 HOH HOH A . 
B 2 HOH 11  230 230 HOH HOH A . 
B 2 HOH 12  231 231 HOH HOH A . 
B 2 HOH 13  232 232 HOH HOH A . 
B 2 HOH 14  233 233 HOH HOH A . 
B 2 HOH 15  234 234 HOH HOH A . 
B 2 HOH 16  235 235 HOH HOH A . 
B 2 HOH 17  236 236 HOH HOH A . 
B 2 HOH 18  237 237 HOH HOH A . 
B 2 HOH 19  238 238 HOH HOH A . 
B 2 HOH 20  239 239 HOH HOH A . 
B 2 HOH 21  240 240 HOH HOH A . 
B 2 HOH 22  241 241 HOH HOH A . 
B 2 HOH 23  242 242 HOH HOH A . 
B 2 HOH 24  243 243 HOH HOH A . 
B 2 HOH 25  244 244 HOH HOH A . 
B 2 HOH 26  245 245 HOH HOH A . 
B 2 HOH 27  246 246 HOH HOH A . 
B 2 HOH 28  247 247 HOH HOH A . 
B 2 HOH 29  248 248 HOH HOH A . 
B 2 HOH 30  249 249 HOH HOH A . 
B 2 HOH 31  250 250 HOH HOH A . 
B 2 HOH 32  251 251 HOH HOH A . 
B 2 HOH 33  252 252 HOH HOH A . 
B 2 HOH 34  253 253 HOH HOH A . 
B 2 HOH 35  254 254 HOH HOH A . 
B 2 HOH 36  255 255 HOH HOH A . 
B 2 HOH 37  256 256 HOH HOH A . 
B 2 HOH 38  257 257 HOH HOH A . 
B 2 HOH 39  258 258 HOH HOH A . 
B 2 HOH 40  259 259 HOH HOH A . 
B 2 HOH 41  260 260 HOH HOH A . 
B 2 HOH 42  261 261 HOH HOH A . 
B 2 HOH 43  262 262 HOH HOH A . 
B 2 HOH 44  263 263 HOH HOH A . 
B 2 HOH 45  264 264 HOH HOH A . 
B 2 HOH 46  265 265 HOH HOH A . 
B 2 HOH 47  266 266 HOH HOH A . 
B 2 HOH 48  267 267 HOH HOH A . 
B 2 HOH 49  268 268 HOH HOH A . 
B 2 HOH 50  269 269 HOH HOH A . 
B 2 HOH 51  270 270 HOH HOH A . 
B 2 HOH 52  271 271 HOH HOH A . 
B 2 HOH 53  272 272 HOH HOH A . 
B 2 HOH 54  273 273 HOH HOH A . 
B 2 HOH 55  274 274 HOH HOH A . 
B 2 HOH 56  275 275 HOH HOH A . 
B 2 HOH 57  277 277 HOH HOH A . 
B 2 HOH 58  278 278 HOH HOH A . 
B 2 HOH 59  279 279 HOH HOH A . 
B 2 HOH 60  280 280 HOH HOH A . 
B 2 HOH 61  281 281 HOH HOH A . 
B 2 HOH 62  282 282 HOH HOH A . 
B 2 HOH 63  283 283 HOH HOH A . 
B 2 HOH 64  284 284 HOH HOH A . 
B 2 HOH 65  285 285 HOH HOH A . 
B 2 HOH 66  286 286 HOH HOH A . 
B 2 HOH 67  288 288 HOH HOH A . 
B 2 HOH 68  289 289 HOH HOH A . 
B 2 HOH 69  290 290 HOH HOH A . 
B 2 HOH 70  291 291 HOH HOH A . 
B 2 HOH 71  292 292 HOH HOH A . 
B 2 HOH 72  293 293 HOH HOH A . 
B 2 HOH 73  294 294 HOH HOH A . 
B 2 HOH 74  295 295 HOH HOH A . 
B 2 HOH 75  296 296 HOH HOH A . 
B 2 HOH 76  297 297 HOH HOH A . 
B 2 HOH 77  298 298 HOH HOH A . 
B 2 HOH 78  299 299 HOH HOH A . 
B 2 HOH 79  300 300 HOH HOH A . 
B 2 HOH 80  301 301 HOH HOH A . 
B 2 HOH 81  302 302 HOH HOH A . 
B 2 HOH 82  303 303 HOH HOH A . 
B 2 HOH 83  304 304 HOH HOH A . 
B 2 HOH 84  305 305 HOH HOH A . 
B 2 HOH 85  306 306 HOH HOH A . 
B 2 HOH 86  307 307 HOH HOH A . 
B 2 HOH 87  308 308 HOH HOH A . 
B 2 HOH 88  309 309 HOH HOH A . 
B 2 HOH 89  310 310 HOH HOH A . 
B 2 HOH 90  311 311 HOH HOH A . 
B 2 HOH 91  312 312 HOH HOH A . 
B 2 HOH 92  313 313 HOH HOH A . 
B 2 HOH 93  314 314 HOH HOH A . 
B 2 HOH 94  315 315 HOH HOH A . 
B 2 HOH 95  316 316 HOH HOH A . 
B 2 HOH 96  317 317 HOH HOH A . 
B 2 HOH 97  318 318 HOH HOH A . 
B 2 HOH 98  319 319 HOH HOH A . 
B 2 HOH 99  320 320 HOH HOH A . 
B 2 HOH 100 321 321 HOH HOH A . 
B 2 HOH 101 322 322 HOH HOH A . 
B 2 HOH 102 323 323 HOH HOH A . 
B 2 HOH 103 324 324 HOH HOH A . 
B 2 HOH 104 325 325 HOH HOH A . 
B 2 HOH 105 326 326 HOH HOH A . 
B 2 HOH 106 327 327 HOH HOH A . 
B 2 HOH 107 328 328 HOH HOH A . 
B 2 HOH 108 329 329 HOH HOH A . 
B 2 HOH 109 330 330 HOH HOH A . 
B 2 HOH 110 331 331 HOH HOH A . 
B 2 HOH 111 332 332 HOH HOH A . 
B 2 HOH 112 333 333 HOH HOH A . 
B 2 HOH 113 334 334 HOH HOH A . 
B 2 HOH 114 335 335 HOH HOH A . 
B 2 HOH 115 336 336 HOH HOH A . 
B 2 HOH 116 337 337 HOH HOH A . 
B 2 HOH 117 338 338 HOH HOH A . 
B 2 HOH 118 339 339 HOH HOH A . 
B 2 HOH 119 340 340 HOH HOH A . 
B 2 HOH 120 341 341 HOH HOH A . 
B 2 HOH 121 342 342 HOH HOH A . 
B 2 HOH 122 343 343 HOH HOH A . 
B 2 HOH 123 344 344 HOH HOH A . 
B 2 HOH 124 345 345 HOH HOH A . 
B 2 HOH 125 346 346 HOH HOH A . 
B 2 HOH 126 347 347 HOH HOH A . 
B 2 HOH 127 348 348 HOH HOH A . 
B 2 HOH 128 349 349 HOH HOH A . 
B 2 HOH 129 350 350 HOH HOH A . 
B 2 HOH 130 351 351 HOH HOH A . 
B 2 HOH 131 352 352 HOH HOH A . 
B 2 HOH 132 353 353 HOH HOH A . 
B 2 HOH 133 354 354 HOH HOH A . 
B 2 HOH 134 355 355 HOH HOH A . 
B 2 HOH 135 356 356 HOH HOH A . 
B 2 HOH 136 357 357 HOH HOH A . 
B 2 HOH 137 358 358 HOH HOH A . 
B 2 HOH 138 359 359 HOH HOH A . 
B 2 HOH 139 360 360 HOH HOH A . 
B 2 HOH 140 361 361 HOH HOH A . 
B 2 HOH 141 362 362 HOH HOH A . 
B 2 HOH 142 363 363 HOH HOH A . 
B 2 HOH 143 364 364 HOH HOH A . 
B 2 HOH 144 365 365 HOH HOH A . 
B 2 HOH 145 366 366 HOH HOH A . 
B 2 HOH 146 367 367 HOH HOH A . 
B 2 HOH 147 368 368 HOH HOH A . 
B 2 HOH 148 369 369 HOH HOH A . 
B 2 HOH 149 370 370 HOH HOH A . 
B 2 HOH 150 371 371 HOH HOH A . 
B 2 HOH 151 372 372 HOH HOH A . 
B 2 HOH 152 373 373 HOH HOH A . 
B 2 HOH 153 374 374 HOH HOH A . 
B 2 HOH 154 375 375 HOH HOH A . 
B 2 HOH 155 376 376 HOH HOH A . 
B 2 HOH 156 377 377 HOH HOH A . 
B 2 HOH 157 379 379 HOH HOH A . 
B 2 HOH 158 380 380 HOH HOH A . 
B 2 HOH 159 381 381 HOH HOH A . 
B 2 HOH 160 382 382 HOH HOH A . 
B 2 HOH 161 383 383 HOH HOH A . 
B 2 HOH 162 384 384 HOH HOH A . 
B 2 HOH 163 385 385 HOH HOH A . 
B 2 HOH 164 386 386 HOH HOH A . 
B 2 HOH 165 387 387 HOH HOH A . 
B 2 HOH 166 388 388 HOH HOH A . 
B 2 HOH 167 389 389 HOH HOH A . 
B 2 HOH 168 391 391 HOH HOH A . 
B 2 HOH 169 392 392 HOH HOH A . 
B 2 HOH 170 393 393 HOH HOH A . 
B 2 HOH 171 394 394 HOH HOH A . 
B 2 HOH 172 395 395 HOH HOH A . 
B 2 HOH 173 396 396 HOH HOH A . 
B 2 HOH 174 397 397 HOH HOH A . 
B 2 HOH 175 398 398 HOH HOH A . 
B 2 HOH 176 399 399 HOH HOH A . 
B 2 HOH 177 400 400 HOH HOH A . 
# 
loop_
_pdbx_unobs_or_zero_occ_atoms.id 
_pdbx_unobs_or_zero_occ_atoms.PDB_model_num 
_pdbx_unobs_or_zero_occ_atoms.polymer_flag 
_pdbx_unobs_or_zero_occ_atoms.occupancy_flag 
_pdbx_unobs_or_zero_occ_atoms.auth_asym_id 
_pdbx_unobs_or_zero_occ_atoms.auth_comp_id 
_pdbx_unobs_or_zero_occ_atoms.auth_seq_id 
_pdbx_unobs_or_zero_occ_atoms.PDB_ins_code 
_pdbx_unobs_or_zero_occ_atoms.auth_atom_id 
_pdbx_unobs_or_zero_occ_atoms.label_alt_id 
_pdbx_unobs_or_zero_occ_atoms.label_asym_id 
_pdbx_unobs_or_zero_occ_atoms.label_comp_id 
_pdbx_unobs_or_zero_occ_atoms.label_seq_id 
_pdbx_unobs_or_zero_occ_atoms.label_atom_id 
1 1 Y 1 A GLU 199 ? OE1 ? A GLU 199 OE1 
2 1 Y 1 A GLU 199 ? OE2 ? A GLU 199 OE2 
3 1 Y 1 A SER 201 ? OG  ? A SER 201 OG  
4 1 Y 1 A GLN 218 ? CD  ? A GLN 218 CD  
5 1 Y 1 A GLN 218 ? OE1 ? A GLN 218 OE1 
6 1 Y 1 A GLN 218 ? NE2 ? A GLN 218 NE2 
# 
loop_
_software.name 
_software.classification 
_software.version 
_software.citation_id 
_software.pdbx_ordinal 
REFMAC   refinement        5.2.0019 ? 1 
ADSC     'data collection' Quantum  ? 2 
HKL-2000 'data reduction'  .        ? 3 
HKL-2000 'data scaling'    .        ? 4 
SOLVE    phasing           .        ? 5 
# 
_cell.entry_id           2QNI 
_cell.length_a           111.347 
_cell.length_b           111.347 
_cell.length_c           136.020 
_cell.angle_alpha        90.00 
_cell.angle_beta         90.00 
_cell.angle_gamma        120.00 
_cell.Z_PDB              18 
_cell.pdbx_unique_axis   ? 
_cell.length_a_esd       ? 
_cell.length_b_esd       ? 
_cell.length_c_esd       ? 
_cell.angle_alpha_esd    ? 
_cell.angle_beta_esd     ? 
_cell.angle_gamma_esd    ? 
# 
_symmetry.entry_id                         2QNI 
_symmetry.space_group_name_H-M             'H 3 2' 
_symmetry.pdbx_full_space_group_name_H-M   ? 
_symmetry.cell_setting                     ? 
_symmetry.Int_Tables_number                155 
_symmetry.space_group_name_Hall            ? 
# 
_exptl.entry_id          2QNI 
_exptl.method            'X-RAY DIFFRACTION' 
_exptl.crystals_number   1 
# 
_exptl_crystal.id                    1 
_exptl_crystal.density_meas          ? 
_exptl_crystal.density_Matthews      3.33 
_exptl_crystal.density_percent_sol   63.03 
_exptl_crystal.description           
;Due to a number of circumstances, initial data processing was only accomplished in space group C2. Scaling statistics is provided for that space group. Using the program XPREP, the higher symmetry (H32) was detected and used in refinement. The structure factor file contains both data sets: for H32 and for C2 space group assignments
;
_exptl_crystal.F_000                 ? 
_exptl_crystal.preparation           ? 
# 
_exptl_crystal_grow.crystal_id      1 
_exptl_crystal_grow.method          'VAPOR DIFFUSION, SITTING DROP' 
_exptl_crystal_grow.temp            297 
_exptl_crystal_grow.temp_details    
;THE CRYSTAL WAS OBTAINED BY IN SITU PROTEOLYSIS, PROTEIN SAMPLE WAS MIXED WITH 1:100 WEIGHT TO WEIGHT RATIO WITH CHYMOTRYPSIN IMMEDIATELY PRIOR TO SETTING UP CRYSTALLIZATION
;
_exptl_crystal_grow.pH              4.6 
_exptl_crystal_grow.pdbx_details    
;0.1M Na(OAC) pH 4.6, 3.5M Sodium formate. THE CRYSTAL WAS OBTAINED BY IN SITU PROTEOLYSIS, PROTEIN SAMPLE WAS MIXED WITH 1:100 WEIGHT TO WEIGHT RATIO WITH CHYMOTRYPSIN IMMEDIATELY PRIOR TO SETTING UP CRYSTALLIZATION, VAPOR DIFFUSION, SITTING DROP, temperature 297K
;
_exptl_crystal_grow.pdbx_pH_range   . 
# 
_diffrn.id                     1 
_diffrn.ambient_temp           100 
_diffrn.ambient_temp_details   ? 
_diffrn.crystal_id             1 
# 
_diffrn_detector.diffrn_id              1 
_diffrn_detector.detector               CCD 
_diffrn_detector.type                   'ADSC QUANTUM 210' 
_diffrn_detector.pdbx_collection_date   2007-05-05 
_diffrn_detector.details                ? 
# 
_diffrn_radiation.diffrn_id                        1 
_diffrn_radiation.wavelength_id                    1 
_diffrn_radiation.pdbx_monochromatic_or_laue_m_l   M 
_diffrn_radiation.monochromator                    'Si(111)' 
_diffrn_radiation.pdbx_diffrn_protocol             'SINGLE WAVELENGTH' 
_diffrn_radiation.pdbx_scattering_type             x-ray 
# 
_diffrn_radiation_wavelength.id           1 
_diffrn_radiation_wavelength.wavelength   0.97600 
_diffrn_radiation_wavelength.wt           1.0 
# 
_diffrn_source.diffrn_id                   1 
_diffrn_source.source                      SYNCHROTRON 
_diffrn_source.type                        'CHESS BEAMLINE A1' 
_diffrn_source.pdbx_synchrotron_site       CHESS 
_diffrn_source.pdbx_synchrotron_beamline   A1 
_diffrn_source.pdbx_wavelength             ? 
_diffrn_source.pdbx_wavelength_list        0.97600 
# 
_reflns.entry_id                     2QNI 
_reflns.observed_criterion_sigma_F   0 
_reflns.observed_criterion_sigma_I   0 
_reflns.d_resolution_high            1.8 
_reflns.d_resolution_low             50 
_reflns.number_all                   88206 
_reflns.number_obs                   88206 
_reflns.percent_possible_obs         99.9 
_reflns.pdbx_Rmerge_I_obs            0.061 
_reflns.pdbx_Rsym_value              0.061 
_reflns.pdbx_netI_over_sigmaI        10.9 
_reflns.B_iso_Wilson_estimate        28.4 
_reflns.pdbx_redundancy              7.5 
_reflns.R_free_details               ? 
_reflns.limit_h_max                  ? 
_reflns.limit_h_min                  ? 
_reflns.limit_k_max                  ? 
_reflns.limit_k_min                  ? 
_reflns.limit_l_max                  ? 
_reflns.limit_l_min                  ? 
_reflns.observed_criterion_F_max     ? 
_reflns.observed_criterion_F_min     ? 
_reflns.pdbx_chi_squared             ? 
_reflns.pdbx_scaling_rejects         ? 
_reflns.pdbx_ordinal                 1 
_reflns.pdbx_diffrn_id               1 
# 
_reflns_shell.d_res_high             1.80 
_reflns_shell.d_res_low              1.86 
_reflns_shell.percent_possible_all   99.3 
_reflns_shell.Rmerge_I_obs           0.749 
_reflns_shell.pdbx_Rsym_value        0.749 
_reflns_shell.meanI_over_sigI_obs    1.92 
_reflns_shell.pdbx_redundancy        6.1 
_reflns_shell.percent_possible_obs   ? 
_reflns_shell.number_unique_all      8762 
_reflns_shell.number_measured_all    ? 
_reflns_shell.number_measured_obs    ? 
_reflns_shell.number_unique_obs      ? 
_reflns_shell.pdbx_chi_squared       ? 
_reflns_shell.pdbx_ordinal           1 
_reflns_shell.pdbx_diffrn_id         1 
# 
_refine.entry_id                                 2QNI 
_refine.ls_number_reflns_obs                     29193 
_refine.ls_number_reflns_all                     29193 
_refine.pdbx_ls_sigma_I                          0 
_refine.pdbx_ls_sigma_F                          0 
_refine.pdbx_data_cutoff_high_absF               ? 
_refine.pdbx_data_cutoff_low_absF                ? 
_refine.pdbx_data_cutoff_high_rms_absF           ? 
_refine.ls_d_res_low                             50.00 
_refine.ls_d_res_high                            1.80 
_refine.ls_percent_reflns_obs                    99.95 
_refine.ls_R_factor_obs                          0.19998 
_refine.ls_R_factor_all                          0.19998 
_refine.ls_R_factor_R_work                       0.19931 
_refine.ls_R_factor_R_free                       0.22067 
_refine.ls_R_factor_R_free_error                 ? 
_refine.ls_R_factor_R_free_error_details         ? 
_refine.ls_percent_reflns_R_free                 3.2 
_refine.ls_number_reflns_R_free                  967 
_refine.ls_number_parameters                     ? 
_refine.ls_number_restraints                     ? 
_refine.occupancy_min                            ? 
_refine.occupancy_max                            ? 
_refine.correlation_coeff_Fo_to_Fc               0.955 
_refine.correlation_coeff_Fo_to_Fc_free          0.945 
_refine.B_iso_mean                               28.700 
_refine.aniso_B[1][1]                            0.32 
_refine.aniso_B[2][2]                            0.32 
_refine.aniso_B[3][3]                            -0.48 
_refine.aniso_B[1][2]                            0.16 
_refine.aniso_B[1][3]                            0.00 
_refine.aniso_B[2][3]                            0.00 
_refine.solvent_model_details                    MASK 
_refine.solvent_model_param_ksol                 ? 
_refine.solvent_model_param_bsol                 ? 
_refine.pdbx_solvent_vdw_probe_radii             1.40 
_refine.pdbx_solvent_ion_probe_radii             0.80 
_refine.pdbx_solvent_shrinkage_radii             0.80 
_refine.pdbx_ls_cross_valid_method               THROUGHOUT 
_refine.details                                  
'HYDROGENS HAVE BEEN ADDED IN THE RIDING POSITIONS. ARP/wARP 6.1.1 and COOT 0.1 programs were also used in refinement' 
_refine.pdbx_starting_model                      ? 
_refine.pdbx_method_to_determine_struct          SAD 
_refine.pdbx_isotropic_thermal_model             ? 
_refine.pdbx_stereochemistry_target_values       'MAXIMUM LIKELIHOOD' 
_refine.pdbx_stereochem_target_val_spec_case     ? 
_refine.pdbx_R_Free_selection_details            RANDOM 
_refine.pdbx_overall_ESU_R                       0.099 
_refine.pdbx_overall_ESU_R_Free                  0.096 
_refine.overall_SU_ML                            0.065 
_refine.overall_SU_B                             2.034 
_refine.ls_redundancy_reflns_obs                 ? 
_refine.B_iso_min                                ? 
_refine.B_iso_max                                ? 
_refine.overall_SU_R_Cruickshank_DPI             ? 
_refine.overall_SU_R_free                        ? 
_refine.ls_wR_factor_R_free                      ? 
_refine.ls_wR_factor_R_work                      ? 
_refine.overall_FOM_free_R_set                   ? 
_refine.overall_FOM_work_R_set                   ? 
_refine.pdbx_overall_phase_error                 ? 
_refine.pdbx_refine_id                           'X-RAY DIFFRACTION' 
_refine.pdbx_diffrn_id                           1 
_refine.pdbx_TLS_residual_ADP_flag               ? 
_refine.pdbx_overall_SU_R_free_Cruickshank_DPI   ? 
_refine.pdbx_overall_SU_R_Blow_DPI               ? 
_refine.pdbx_overall_SU_R_free_Blow_DPI          ? 
# 
_refine_hist.pdbx_refine_id                   'X-RAY DIFFRACTION' 
_refine_hist.cycle_id                         LAST 
_refine_hist.pdbx_number_atoms_protein        1490 
_refine_hist.pdbx_number_atoms_nucleic_acid   0 
_refine_hist.pdbx_number_atoms_ligand         0 
_refine_hist.number_atoms_solvent             177 
_refine_hist.number_atoms_total               1667 
_refine_hist.d_res_high                       1.80 
_refine_hist.d_res_low                        50.00 
# 
loop_
_refine_ls_restr.type 
_refine_ls_restr.dev_ideal 
_refine_ls_restr.dev_ideal_target 
_refine_ls_restr.weight 
_refine_ls_restr.number 
_refine_ls_restr.pdbx_refine_id 
_refine_ls_restr.pdbx_restraint_function 
r_bond_refined_d             0.009  0.021  ? 1527 'X-RAY DIFFRACTION' ? 
r_bond_other_d               ?      ?      ? ?    'X-RAY DIFFRACTION' ? 
r_angle_refined_deg          1.138  1.925  ? 2067 'X-RAY DIFFRACTION' ? 
r_angle_other_deg            ?      ?      ? ?    'X-RAY DIFFRACTION' ? 
r_dihedral_angle_1_deg       5.286  5.000  ? 190  'X-RAY DIFFRACTION' ? 
r_dihedral_angle_2_deg       30.616 22.571 ? 70   'X-RAY DIFFRACTION' ? 
r_dihedral_angle_3_deg       12.917 15.000 ? 236  'X-RAY DIFFRACTION' ? 
r_dihedral_angle_4_deg       19.284 15.000 ? 14   'X-RAY DIFFRACTION' ? 
r_chiral_restr               0.080  0.200  ? 219  'X-RAY DIFFRACTION' ? 
r_gen_planes_refined         0.004  0.020  ? 1181 'X-RAY DIFFRACTION' ? 
r_gen_planes_other           ?      ?      ? ?    'X-RAY DIFFRACTION' ? 
r_nbd_refined                0.201  0.200  ? 743  'X-RAY DIFFRACTION' ? 
r_nbd_other                  ?      ?      ? ?    'X-RAY DIFFRACTION' ? 
r_nbtor_refined              0.301  0.200  ? 1044 'X-RAY DIFFRACTION' ? 
r_nbtor_other                ?      ?      ? ?    'X-RAY DIFFRACTION' ? 
r_xyhbond_nbd_refined        0.149  0.200  ? 144  'X-RAY DIFFRACTION' ? 
r_xyhbond_nbd_other          ?      ?      ? ?    'X-RAY DIFFRACTION' ? 
r_metal_ion_refined          ?      ?      ? ?    'X-RAY DIFFRACTION' ? 
r_metal_ion_other            ?      ?      ? ?    'X-RAY DIFFRACTION' ? 
r_symmetry_vdw_refined       0.215  0.200  ? 55   'X-RAY DIFFRACTION' ? 
r_symmetry_vdw_other         ?      ?      ? ?    'X-RAY DIFFRACTION' ? 
r_symmetry_hbond_refined     0.234  0.200  ? 25   'X-RAY DIFFRACTION' ? 
r_symmetry_hbond_other       ?      ?      ? ?    'X-RAY DIFFRACTION' ? 
r_symmetry_metal_ion_refined ?      ?      ? ?    'X-RAY DIFFRACTION' ? 
r_symmetry_metal_ion_other   ?      ?      ? ?    'X-RAY DIFFRACTION' ? 
r_mcbond_it                  0.944  1.500  ? 991  'X-RAY DIFFRACTION' ? 
r_mcbond_other               ?      ?      ? ?    'X-RAY DIFFRACTION' ? 
r_mcangle_it                 1.379  2.000  ? 1524 'X-RAY DIFFRACTION' ? 
r_scbond_it                  2.384  3.000  ? 622  'X-RAY DIFFRACTION' ? 
r_scangle_it                 3.501  4.500  ? 543  'X-RAY DIFFRACTION' ? 
r_rigid_bond_restr           ?      ?      ? ?    'X-RAY DIFFRACTION' ? 
r_sphericity_free            ?      ?      ? ?    'X-RAY DIFFRACTION' ? 
r_sphericity_bonded          ?      ?      ? ?    'X-RAY DIFFRACTION' ? 
# 
_refine_ls_shell.pdbx_total_number_of_bins_used   20 
_refine_ls_shell.d_res_high                       1.80 
_refine_ls_shell.d_res_low                        1.85 
_refine_ls_shell.number_reflns_R_work             2140 
_refine_ls_shell.R_factor_R_work                  0.272 
_refine_ls_shell.percent_reflns_obs               100.00 
_refine_ls_shell.R_factor_R_free                  0.316 
_refine_ls_shell.R_factor_R_free_error            ? 
_refine_ls_shell.percent_reflns_R_free            ? 
_refine_ls_shell.number_reflns_R_free             64 
_refine_ls_shell.number_reflns_all                ? 
_refine_ls_shell.R_factor_all                     ? 
_refine_ls_shell.number_reflns_obs                ? 
_refine_ls_shell.redundancy_reflns_obs            ? 
_refine_ls_shell.pdbx_refine_id                   'X-RAY DIFFRACTION' 
# 
_struct.entry_id                  2QNI 
_struct.title                     'Crystal structure of uncharacterized protein Atu0299' 
_struct.pdbx_model_details        ? 
_struct.pdbx_CASP_flag            ? 
_struct.pdbx_model_type_details   ? 
# 
_struct_keywords.entry_id        2QNI 
_struct_keywords.pdbx_keywords   'STRUCTURAL GENOMICS, UNKNOWN FUNCTION' 
_struct_keywords.text            
;MCSG, Atu0299, In situ proteolysis, Structural genomics, PSI-2, Protein Structure Initiative, Midwest Center for Structural Genomics, Uncharacterized protein, UNKNOWN FUNCTION
;
# 
loop_
_struct_asym.id 
_struct_asym.pdbx_blank_PDB_chainid_flag 
_struct_asym.pdbx_modified 
_struct_asym.entity_id 
_struct_asym.details 
A N N 1 ? 
B N N 2 ? 
# 
_struct_ref.id                         1 
_struct_ref.db_name                    UNP 
_struct_ref.db_code                    Q8UIJ6_AGRT5 
_struct_ref.pdbx_db_accession          Q8UIJ6 
_struct_ref.entity_id                  1 
_struct_ref.pdbx_seq_one_letter_code   
;MHALYITHPQVKIDPAVPVPEWGLSERGAERAREASRLPWAKALRRIVSSAETKAIETAHMLAETSGAAIEIIEAMHEND
RSATGFLPPPEFEKAADWFFAHPEESFQGWERAIDAQARIVEAVKAVLDRHDARQPIAFVGHGGVGTLLKCHIEGRGISR
SKDQPAGGGNLFRFSIAEFSLAAASPTCDWTAMETWQG
;
_struct_ref.pdbx_align_begin           1 
_struct_ref.pdbx_db_isoform            ? 
# 
_struct_ref_seq.align_id                      1 
_struct_ref_seq.ref_id                        1 
_struct_ref_seq.pdbx_PDB_id_code              2QNI 
_struct_ref_seq.pdbx_strand_id                A 
_struct_ref_seq.seq_align_beg                 22 
_struct_ref_seq.pdbx_seq_align_beg_ins_code   ? 
_struct_ref_seq.seq_align_end                 219 
_struct_ref_seq.pdbx_seq_align_end_ins_code   ? 
_struct_ref_seq.pdbx_db_accession             Q8UIJ6 
_struct_ref_seq.db_align_beg                  1 
_struct_ref_seq.pdbx_db_align_beg_ins_code    ? 
_struct_ref_seq.db_align_end                  198 
_struct_ref_seq.pdbx_db_align_end_ins_code    ? 
_struct_ref_seq.pdbx_auth_seq_align_beg       22 
_struct_ref_seq.pdbx_auth_seq_align_end       219 
# 
loop_
_struct_ref_seq_dif.align_id 
_struct_ref_seq_dif.pdbx_pdb_id_code 
_struct_ref_seq_dif.mon_id 
_struct_ref_seq_dif.pdbx_pdb_strand_id 
_struct_ref_seq_dif.seq_num 
_struct_ref_seq_dif.pdbx_pdb_ins_code 
_struct_ref_seq_dif.pdbx_seq_db_name 
_struct_ref_seq_dif.pdbx_seq_db_accession_code 
_struct_ref_seq_dif.db_mon_id 
_struct_ref_seq_dif.pdbx_seq_db_seq_num 
_struct_ref_seq_dif.details 
_struct_ref_seq_dif.pdbx_auth_seq_num 
_struct_ref_seq_dif.pdbx_ordinal 
1 2QNI MSE A 1  ? UNP Q8UIJ6 ? ? 'expression tag' 1  1  
1 2QNI GLY A 2  ? UNP Q8UIJ6 ? ? 'expression tag' 2  2  
1 2QNI SER A 3  ? UNP Q8UIJ6 ? ? 'expression tag' 3  3  
1 2QNI SER A 4  ? UNP Q8UIJ6 ? ? 'expression tag' 4  4  
1 2QNI HIS A 5  ? UNP Q8UIJ6 ? ? 'expression tag' 5  5  
1 2QNI HIS A 6  ? UNP Q8UIJ6 ? ? 'expression tag' 6  6  
1 2QNI HIS A 7  ? UNP Q8UIJ6 ? ? 'expression tag' 7  7  
1 2QNI HIS A 8  ? UNP Q8UIJ6 ? ? 'expression tag' 8  8  
1 2QNI HIS A 9  ? UNP Q8UIJ6 ? ? 'expression tag' 9  9  
1 2QNI HIS A 10 ? UNP Q8UIJ6 ? ? 'expression tag' 10 10 
1 2QNI SER A 11 ? UNP Q8UIJ6 ? ? 'expression tag' 11 11 
1 2QNI SER A 12 ? UNP Q8UIJ6 ? ? 'expression tag' 12 12 
1 2QNI GLY A 13 ? UNP Q8UIJ6 ? ? 'expression tag' 13 13 
1 2QNI ARG A 14 ? UNP Q8UIJ6 ? ? 'expression tag' 14 14 
1 2QNI GLU A 15 ? UNP Q8UIJ6 ? ? 'expression tag' 15 15 
1 2QNI ASN A 16 ? UNP Q8UIJ6 ? ? 'expression tag' 16 16 
1 2QNI LEU A 17 ? UNP Q8UIJ6 ? ? 'expression tag' 17 17 
1 2QNI TYR A 18 ? UNP Q8UIJ6 ? ? 'expression tag' 18 18 
1 2QNI PHE A 19 ? UNP Q8UIJ6 ? ? 'expression tag' 19 19 
1 2QNI GLN A 20 ? UNP Q8UIJ6 ? ? 'expression tag' 20 20 
1 2QNI GLY A 21 ? UNP Q8UIJ6 ? ? 'expression tag' 21 21 
# 
_pdbx_struct_assembly.id                   1 
_pdbx_struct_assembly.details              software_defined_assembly 
_pdbx_struct_assembly.method_details       PISA 
_pdbx_struct_assembly.oligomeric_details   dimeric 
_pdbx_struct_assembly.oligomeric_count     2 
# 
_pdbx_struct_assembly_prop.biol_id   1 
_pdbx_struct_assembly_prop.type      'ABSA (A^2)' 
_pdbx_struct_assembly_prop.value     2370 
_pdbx_struct_assembly_prop.details   ? 
# 
_pdbx_struct_assembly_gen.assembly_id       1 
_pdbx_struct_assembly_gen.oper_expression   1,2 
_pdbx_struct_assembly_gen.asym_id_list      A,B 
# 
loop_
_pdbx_struct_oper_list.id 
_pdbx_struct_oper_list.type 
_pdbx_struct_oper_list.name 
_pdbx_struct_oper_list.symmetry_operation 
_pdbx_struct_oper_list.matrix[1][1] 
_pdbx_struct_oper_list.matrix[1][2] 
_pdbx_struct_oper_list.matrix[1][3] 
_pdbx_struct_oper_list.vector[1] 
_pdbx_struct_oper_list.matrix[2][1] 
_pdbx_struct_oper_list.matrix[2][2] 
_pdbx_struct_oper_list.matrix[2][3] 
_pdbx_struct_oper_list.vector[2] 
_pdbx_struct_oper_list.matrix[3][1] 
_pdbx_struct_oper_list.matrix[3][2] 
_pdbx_struct_oper_list.matrix[3][3] 
_pdbx_struct_oper_list.vector[3] 
1 'identity operation'         1_555  x,y,z              1.0000000000  0.0000000000 0.0000000000  0.0000000000  0.0000000000 1.0000000000  0.0000000000  0.0000000000   0.0000000000  0.0000000000  1.0000000000 0.0000000000   
2 'crystal symmetry operation' 10_455 y-1/3,x+1/3,-z+1/3 -0.9091806036 0.2672759616 -0.3193026626 26.7222170363 0.2672759616 -0.2134230958 -0.9396883220 -23.6397886523 -0.3193026626 -0.9396883220 0.1226036994 -12.1873447309 
# 
_struct_biol.id   1 
# 
loop_
_struct_conf.conf_type_id 
_struct_conf.id 
_struct_conf.pdbx_PDB_helix_id 
_struct_conf.beg_label_comp_id 
_struct_conf.beg_label_asym_id 
_struct_conf.beg_label_seq_id 
_struct_conf.pdbx_beg_PDB_ins_code 
_struct_conf.end_label_comp_id 
_struct_conf.end_label_asym_id 
_struct_conf.end_label_seq_id 
_struct_conf.pdbx_end_PDB_ins_code 
_struct_conf.beg_auth_comp_id 
_struct_conf.beg_auth_asym_id 
_struct_conf.beg_auth_seq_id 
_struct_conf.end_auth_comp_id 
_struct_conf.end_auth_asym_id 
_struct_conf.end_auth_seq_id 
_struct_conf.pdbx_PDB_helix_class 
_struct_conf.details 
_struct_conf.pdbx_PDB_helix_length 
HELX_P HELX_P1  1  PRO A 39  ? TRP A 43  ? PRO A 39  TRP A 43  5 ? 5  
HELX_P HELX_P2  2  SER A 46  ? ARG A 58  ? SER A 46  ARG A 58  1 ? 13 
HELX_P HELX_P3  3  LEU A 59  ? ALA A 64  ? LEU A 59  ALA A 64  1 ? 6  
HELX_P HELX_P4  4  GLU A 73  ? ALA A 84  ? GLU A 73  ALA A 84  1 ? 12 
HELX_P HELX_P5  5  GLU A 95  ? HIS A 98  ? GLU A 95  HIS A 98  5 ? 4  
HELX_P HELX_P6  6  ARG A 102 ? GLY A 106 ? ARG A 102 GLY A 106 5 ? 5  
HELX_P HELX_P7  7  PRO A 109 ? HIS A 123 ? PRO A 109 HIS A 123 1 ? 15 
HELX_P HELX_P8  8  ARG A 133 ? ARG A 151 ? ARG A 133 ARG A 151 1 ? 19 
HELX_P HELX_P9  9  HIS A 163 ? GLY A 176 ? HIS A 163 GLY A 176 1 ? 14 
HELX_P HELX_P10 10 ILE A 197 ? SER A 201 ? ILE A 197 SER A 201 1 ? 5  
HELX_P HELX_P11 11 GLU A 215 ? TRP A 217 ? GLU A 215 TRP A 217 5 ? 3  
# 
_struct_conf_type.id          HELX_P 
_struct_conf_type.criteria    ? 
_struct_conf_type.reference   ? 
# 
loop_
_struct_conn.id 
_struct_conn.conn_type_id 
_struct_conn.pdbx_leaving_atom_flag 
_struct_conn.pdbx_PDB_id 
_struct_conn.ptnr1_label_asym_id 
_struct_conn.ptnr1_label_comp_id 
_struct_conn.ptnr1_label_seq_id 
_struct_conn.ptnr1_label_atom_id 
_struct_conn.pdbx_ptnr1_label_alt_id 
_struct_conn.pdbx_ptnr1_PDB_ins_code 
_struct_conn.pdbx_ptnr1_standard_comp_id 
_struct_conn.ptnr1_symmetry 
_struct_conn.ptnr2_label_asym_id 
_struct_conn.ptnr2_label_comp_id 
_struct_conn.ptnr2_label_seq_id 
_struct_conn.ptnr2_label_atom_id 
_struct_conn.pdbx_ptnr2_label_alt_id 
_struct_conn.pdbx_ptnr2_PDB_ins_code 
_struct_conn.ptnr1_auth_asym_id 
_struct_conn.ptnr1_auth_comp_id 
_struct_conn.ptnr1_auth_seq_id 
_struct_conn.ptnr2_auth_asym_id 
_struct_conn.ptnr2_auth_comp_id 
_struct_conn.ptnr2_auth_seq_id 
_struct_conn.ptnr2_symmetry 
_struct_conn.pdbx_ptnr3_label_atom_id 
_struct_conn.pdbx_ptnr3_label_seq_id 
_struct_conn.pdbx_ptnr3_label_comp_id 
_struct_conn.pdbx_ptnr3_label_asym_id 
_struct_conn.pdbx_ptnr3_label_alt_id 
_struct_conn.pdbx_ptnr3_PDB_ins_code 
_struct_conn.details 
_struct_conn.pdbx_dist_value 
_struct_conn.pdbx_value_order 
_struct_conn.pdbx_role 
covale1 covale both ? A GLY 21  C ? ? ? 1_555 A MSE 22  N ? ? A GLY 21  A MSE 22  1_555 ? ? ? ? ? ? ? 1.342 ? ? 
covale2 covale both ? A MSE 22  C ? ? ? 1_555 A HIS 23  N ? ? A MSE 22  A HIS 23  1_555 ? ? ? ? ? ? ? 1.333 ? ? 
covale3 covale both ? A HIS 81  C ? ? ? 1_555 A MSE 82  N ? ? A HIS 81  A MSE 82  1_555 ? ? ? ? ? ? ? 1.333 ? ? 
covale4 covale both ? A MSE 82  C ? ? ? 1_555 A LEU 83  N ? ? A MSE 82  A LEU 83  1_555 ? ? ? ? ? ? ? 1.329 ? ? 
covale5 covale both ? A ALA 96  C ? ? ? 1_555 A MSE 97  N ? ? A ALA 96  A MSE 97  1_555 ? ? ? ? ? ? ? 1.330 ? ? 
covale6 covale both ? A MSE 97  C ? ? ? 1_555 A HIS 98  N ? ? A MSE 97  A HIS 98  1_555 ? ? ? ? ? ? ? 1.329 ? ? 
covale7 covale both ? A ALA 213 C ? ? ? 1_555 A MSE 214 N ? ? A ALA 213 A MSE 214 1_555 ? ? ? ? ? ? ? 1.333 ? ? 
covale8 covale both ? A MSE 214 C ? ? ? 1_555 A GLU 215 N ? ? A MSE 214 A GLU 215 1_555 ? ? ? ? ? ? ? 1.331 ? ? 
# 
_struct_conn_type.id          covale 
_struct_conn_type.criteria    ? 
_struct_conn_type.reference   ? 
# 
loop_
_pdbx_modification_feature.ordinal 
_pdbx_modification_feature.label_comp_id 
_pdbx_modification_feature.label_asym_id 
_pdbx_modification_feature.label_seq_id 
_pdbx_modification_feature.label_alt_id 
_pdbx_modification_feature.modified_residue_label_comp_id 
_pdbx_modification_feature.modified_residue_label_asym_id 
_pdbx_modification_feature.modified_residue_label_seq_id 
_pdbx_modification_feature.modified_residue_label_alt_id 
_pdbx_modification_feature.auth_comp_id 
_pdbx_modification_feature.auth_asym_id 
_pdbx_modification_feature.auth_seq_id 
_pdbx_modification_feature.PDB_ins_code 
_pdbx_modification_feature.symmetry 
_pdbx_modification_feature.modified_residue_auth_comp_id 
_pdbx_modification_feature.modified_residue_auth_asym_id 
_pdbx_modification_feature.modified_residue_auth_seq_id 
_pdbx_modification_feature.modified_residue_PDB_ins_code 
_pdbx_modification_feature.modified_residue_symmetry 
_pdbx_modification_feature.comp_id_linking_atom 
_pdbx_modification_feature.modified_residue_id_linking_atom 
_pdbx_modification_feature.modified_residue_id 
_pdbx_modification_feature.ref_pcm_id 
_pdbx_modification_feature.ref_comp_id 
_pdbx_modification_feature.type 
_pdbx_modification_feature.category 
1 MSE A 22  ? . . . . MSE A 22  ? 1_555 . . . . . . . MET 1 MSE Selenomethionine 'Named protein modification' 
2 MSE A 82  ? . . . . MSE A 82  ? 1_555 . . . . . . . MET 1 MSE Selenomethionine 'Named protein modification' 
3 MSE A 97  ? . . . . MSE A 97  ? 1_555 . . . . . . . MET 1 MSE Selenomethionine 'Named protein modification' 
4 MSE A 214 ? . . . . MSE A 214 ? 1_555 . . . . . . . MET 1 MSE Selenomethionine 'Named protein modification' 
# 
_struct_sheet.id               A 
_struct_sheet.type             ? 
_struct_sheet.number_strands   6 
_struct_sheet.details          ? 
# 
loop_
_struct_sheet_order.sheet_id 
_struct_sheet_order.range_id_1 
_struct_sheet_order.range_id_2 
_struct_sheet_order.offset 
_struct_sheet_order.sense 
A 1 2 ? parallel      
A 2 3 ? parallel      
A 3 4 ? parallel      
A 4 5 ? anti-parallel 
A 5 6 ? anti-parallel 
# 
loop_
_struct_sheet_range.sheet_id 
_struct_sheet_range.id 
_struct_sheet_range.beg_label_comp_id 
_struct_sheet_range.beg_label_asym_id 
_struct_sheet_range.beg_label_seq_id 
_struct_sheet_range.pdbx_beg_PDB_ins_code 
_struct_sheet_range.end_label_comp_id 
_struct_sheet_range.end_label_asym_id 
_struct_sheet_range.end_label_seq_id 
_struct_sheet_range.pdbx_end_PDB_ins_code 
_struct_sheet_range.beg_auth_comp_id 
_struct_sheet_range.beg_auth_asym_id 
_struct_sheet_range.beg_auth_seq_id 
_struct_sheet_range.end_auth_comp_id 
_struct_sheet_range.end_auth_asym_id 
_struct_sheet_range.end_auth_seq_id 
A 1 ALA A 90  ? ILE A 93  ? ALA A 90  ILE A 93  
A 2 ARG A 67  ? SER A 70  ? ARG A 67  SER A 70  
A 3 ILE A 158 ? GLY A 162 ? ILE A 158 GLY A 162 
A 4 HIS A 23  ? THR A 28  ? HIS A 23  THR A 28  
A 5 ASN A 191 ? SER A 196 ? ASN A 191 SER A 196 
A 6 THR A 212 ? ALA A 213 ? THR A 212 ALA A 213 
# 
loop_
_pdbx_struct_sheet_hbond.sheet_id 
_pdbx_struct_sheet_hbond.range_id_1 
_pdbx_struct_sheet_hbond.range_id_2 
_pdbx_struct_sheet_hbond.range_1_label_atom_id 
_pdbx_struct_sheet_hbond.range_1_label_comp_id 
_pdbx_struct_sheet_hbond.range_1_label_asym_id 
_pdbx_struct_sheet_hbond.range_1_label_seq_id 
_pdbx_struct_sheet_hbond.range_1_PDB_ins_code 
_pdbx_struct_sheet_hbond.range_1_auth_atom_id 
_pdbx_struct_sheet_hbond.range_1_auth_comp_id 
_pdbx_struct_sheet_hbond.range_1_auth_asym_id 
_pdbx_struct_sheet_hbond.range_1_auth_seq_id 
_pdbx_struct_sheet_hbond.range_2_label_atom_id 
_pdbx_struct_sheet_hbond.range_2_label_comp_id 
_pdbx_struct_sheet_hbond.range_2_label_asym_id 
_pdbx_struct_sheet_hbond.range_2_label_seq_id 
_pdbx_struct_sheet_hbond.range_2_PDB_ins_code 
_pdbx_struct_sheet_hbond.range_2_auth_atom_id 
_pdbx_struct_sheet_hbond.range_2_auth_comp_id 
_pdbx_struct_sheet_hbond.range_2_auth_asym_id 
_pdbx_struct_sheet_hbond.range_2_auth_seq_id 
A 1 2 O ALA A 90  ? O ALA A 90  N ILE A 68  ? N ILE A 68  
A 2 3 N VAL A 69  ? N VAL A 69  O ALA A 159 ? O ALA A 159 
A 3 4 O PHE A 160 ? O PHE A 160 N LEU A 25  ? N LEU A 25  
A 4 5 N THR A 28  ? N THR A 28  O ASN A 191 ? O ASN A 191 
A 5 6 N LEU A 192 ? N LEU A 192 O THR A 212 ? O THR A 212 
# 
_pdbx_entry_details.entry_id                   2QNI 
_pdbx_entry_details.compound_details           ? 
_pdbx_entry_details.source_details             ? 
_pdbx_entry_details.nonpolymer_details         ? 
_pdbx_entry_details.sequence_details           ? 
_pdbx_entry_details.has_ligand_of_interest     ? 
_pdbx_entry_details.has_protein_modification   Y 
# 
_pdbx_validate_close_contact.id               1 
_pdbx_validate_close_contact.PDB_model_num    1 
_pdbx_validate_close_contact.auth_atom_id_1   O 
_pdbx_validate_close_contact.auth_asym_id_1   A 
_pdbx_validate_close_contact.auth_comp_id_1   HOH 
_pdbx_validate_close_contact.auth_seq_id_1    377 
_pdbx_validate_close_contact.PDB_ins_code_1   ? 
_pdbx_validate_close_contact.label_alt_id_1   ? 
_pdbx_validate_close_contact.auth_atom_id_2   O 
_pdbx_validate_close_contact.auth_asym_id_2   A 
_pdbx_validate_close_contact.auth_comp_id_2   HOH 
_pdbx_validate_close_contact.auth_seq_id_2    387 
_pdbx_validate_close_contact.PDB_ins_code_2   ? 
_pdbx_validate_close_contact.label_alt_id_2   ? 
_pdbx_validate_close_contact.dist             2.13 
# 
loop_
_pdbx_validate_torsion.id 
_pdbx_validate_torsion.PDB_model_num 
_pdbx_validate_torsion.auth_comp_id 
_pdbx_validate_torsion.auth_asym_id 
_pdbx_validate_torsion.auth_seq_id 
_pdbx_validate_torsion.PDB_ins_code 
_pdbx_validate_torsion.label_alt_id 
_pdbx_validate_torsion.phi 
_pdbx_validate_torsion.psi 
1 1 PRO A 30  ? ? -85.91  -157.93 
2 1 ASN A 100 ? ? -34.02  123.76  
3 1 ARG A 102 ? ? -145.84 34.38   
# 
_pdbx_SG_project.id                    1 
_pdbx_SG_project.project_name          'PSI, Protein Structure Initiative' 
_pdbx_SG_project.full_name_of_center   'Midwest Center for Structural Genomics' 
_pdbx_SG_project.initial_of_center     MCSG 
# 
loop_
_pdbx_struct_mod_residue.id 
_pdbx_struct_mod_residue.label_asym_id 
_pdbx_struct_mod_residue.label_comp_id 
_pdbx_struct_mod_residue.label_seq_id 
_pdbx_struct_mod_residue.auth_asym_id 
_pdbx_struct_mod_residue.auth_comp_id 
_pdbx_struct_mod_residue.auth_seq_id 
_pdbx_struct_mod_residue.PDB_ins_code 
_pdbx_struct_mod_residue.parent_comp_id 
_pdbx_struct_mod_residue.details 
1 A MSE 22  A MSE 22  ? MET SELENOMETHIONINE 
2 A MSE 82  A MSE 82  ? MET SELENOMETHIONINE 
3 A MSE 97  A MSE 97  ? MET SELENOMETHIONINE 
4 A MSE 214 A MSE 214 ? MET SELENOMETHIONINE 
# 
_pdbx_database_remark.id     300 
_pdbx_database_remark.text   
;
BIOMOLECULE: 1
SEE REMARK 350 FOR THE AUTHOR PROVIDED AND PROGRAM
GENERATED ASSEMBLY INFORMATION FOR THE STRUCTURE IN
THIS ENTRY. THE REMARK MAY ALSO PROVIDE INFORMATION
ON BURIED SURFACE AREA.
AUTHORS STATE THAT THE BIOLOGICAL UNIT INFORMATION
OF THIS PROTEIN IS NOT AVAILABLE.
;
# 
loop_
_pdbx_unobs_or_zero_occ_residues.id 
_pdbx_unobs_or_zero_occ_residues.PDB_model_num 
_pdbx_unobs_or_zero_occ_residues.polymer_flag 
_pdbx_unobs_or_zero_occ_residues.occupancy_flag 
_pdbx_unobs_or_zero_occ_residues.auth_asym_id 
_pdbx_unobs_or_zero_occ_residues.auth_comp_id 
_pdbx_unobs_or_zero_occ_residues.auth_seq_id 
_pdbx_unobs_or_zero_occ_residues.PDB_ins_code 
_pdbx_unobs_or_zero_occ_residues.label_asym_id 
_pdbx_unobs_or_zero_occ_residues.label_comp_id 
_pdbx_unobs_or_zero_occ_residues.label_seq_id 
1  1 Y 1 A MSE 1   ? A MSE 1   
2  1 Y 1 A GLY 2   ? A GLY 2   
3  1 Y 1 A SER 3   ? A SER 3   
4  1 Y 1 A SER 4   ? A SER 4   
5  1 Y 1 A HIS 5   ? A HIS 5   
6  1 Y 1 A HIS 6   ? A HIS 6   
7  1 Y 1 A HIS 7   ? A HIS 7   
8  1 Y 1 A HIS 8   ? A HIS 8   
9  1 Y 1 A HIS 9   ? A HIS 9   
10 1 Y 1 A HIS 10  ? A HIS 10  
11 1 Y 1 A SER 11  ? A SER 11  
12 1 Y 1 A SER 12  ? A SER 12  
13 1 Y 1 A GLY 13  ? A GLY 13  
14 1 Y 1 A ARG 14  ? A ARG 14  
15 1 Y 1 A GLU 15  ? A GLU 15  
16 1 Y 1 A ASN 16  ? A ASN 16  
17 1 Y 1 A LEU 17  ? A LEU 17  
18 1 Y 1 A TYR 18  ? A TYR 18  
19 1 Y 1 A PHE 19  ? A PHE 19  
20 1 Y 1 A GLN 20  ? A GLN 20  
21 1 Y 1 A LYS 183 ? A LYS 183 
22 1 Y 1 A ASP 184 ? A ASP 184 
23 1 Y 1 A LEU 202 ? A LEU 202 
24 1 Y 1 A SER 206 ? A SER 206 
25 1 Y 1 A PRO 207 ? A PRO 207 
# 
loop_
_chem_comp_atom.comp_id 
_chem_comp_atom.atom_id 
_chem_comp_atom.type_symbol 
_chem_comp_atom.pdbx_aromatic_flag 
_chem_comp_atom.pdbx_stereo_config 
_chem_comp_atom.pdbx_ordinal 
ALA N    N  N N 1   
ALA CA   C  N S 2   
ALA C    C  N N 3   
ALA O    O  N N 4   
ALA CB   C  N N 5   
ALA OXT  O  N N 6   
ALA H    H  N N 7   
ALA H2   H  N N 8   
ALA HA   H  N N 9   
ALA HB1  H  N N 10  
ALA HB2  H  N N 11  
ALA HB3  H  N N 12  
ALA HXT  H  N N 13  
ARG N    N  N N 14  
ARG CA   C  N S 15  
ARG C    C  N N 16  
ARG O    O  N N 17  
ARG CB   C  N N 18  
ARG CG   C  N N 19  
ARG CD   C  N N 20  
ARG NE   N  N N 21  
ARG CZ   C  N N 22  
ARG NH1  N  N N 23  
ARG NH2  N  N N 24  
ARG OXT  O  N N 25  
ARG H    H  N N 26  
ARG H2   H  N N 27  
ARG HA   H  N N 28  
ARG HB2  H  N N 29  
ARG HB3  H  N N 30  
ARG HG2  H  N N 31  
ARG HG3  H  N N 32  
ARG HD2  H  N N 33  
ARG HD3  H  N N 34  
ARG HE   H  N N 35  
ARG HH11 H  N N 36  
ARG HH12 H  N N 37  
ARG HH21 H  N N 38  
ARG HH22 H  N N 39  
ARG HXT  H  N N 40  
ASN N    N  N N 41  
ASN CA   C  N S 42  
ASN C    C  N N 43  
ASN O    O  N N 44  
ASN CB   C  N N 45  
ASN CG   C  N N 46  
ASN OD1  O  N N 47  
ASN ND2  N  N N 48  
ASN OXT  O  N N 49  
ASN H    H  N N 50  
ASN H2   H  N N 51  
ASN HA   H  N N 52  
ASN HB2  H  N N 53  
ASN HB3  H  N N 54  
ASN HD21 H  N N 55  
ASN HD22 H  N N 56  
ASN HXT  H  N N 57  
ASP N    N  N N 58  
ASP CA   C  N S 59  
ASP C    C  N N 60  
ASP O    O  N N 61  
ASP CB   C  N N 62  
ASP CG   C  N N 63  
ASP OD1  O  N N 64  
ASP OD2  O  N N 65  
ASP OXT  O  N N 66  
ASP H    H  N N 67  
ASP H2   H  N N 68  
ASP HA   H  N N 69  
ASP HB2  H  N N 70  
ASP HB3  H  N N 71  
ASP HD2  H  N N 72  
ASP HXT  H  N N 73  
CYS N    N  N N 74  
CYS CA   C  N R 75  
CYS C    C  N N 76  
CYS O    O  N N 77  
CYS CB   C  N N 78  
CYS SG   S  N N 79  
CYS OXT  O  N N 80  
CYS H    H  N N 81  
CYS H2   H  N N 82  
CYS HA   H  N N 83  
CYS HB2  H  N N 84  
CYS HB3  H  N N 85  
CYS HG   H  N N 86  
CYS HXT  H  N N 87  
GLN N    N  N N 88  
GLN CA   C  N S 89  
GLN C    C  N N 90  
GLN O    O  N N 91  
GLN CB   C  N N 92  
GLN CG   C  N N 93  
GLN CD   C  N N 94  
GLN OE1  O  N N 95  
GLN NE2  N  N N 96  
GLN OXT  O  N N 97  
GLN H    H  N N 98  
GLN H2   H  N N 99  
GLN HA   H  N N 100 
GLN HB2  H  N N 101 
GLN HB3  H  N N 102 
GLN HG2  H  N N 103 
GLN HG3  H  N N 104 
GLN HE21 H  N N 105 
GLN HE22 H  N N 106 
GLN HXT  H  N N 107 
GLU N    N  N N 108 
GLU CA   C  N S 109 
GLU C    C  N N 110 
GLU O    O  N N 111 
GLU CB   C  N N 112 
GLU CG   C  N N 113 
GLU CD   C  N N 114 
GLU OE1  O  N N 115 
GLU OE2  O  N N 116 
GLU OXT  O  N N 117 
GLU H    H  N N 118 
GLU H2   H  N N 119 
GLU HA   H  N N 120 
GLU HB2  H  N N 121 
GLU HB3  H  N N 122 
GLU HG2  H  N N 123 
GLU HG3  H  N N 124 
GLU HE2  H  N N 125 
GLU HXT  H  N N 126 
GLY N    N  N N 127 
GLY CA   C  N N 128 
GLY C    C  N N 129 
GLY O    O  N N 130 
GLY OXT  O  N N 131 
GLY H    H  N N 132 
GLY H2   H  N N 133 
GLY HA2  H  N N 134 
GLY HA3  H  N N 135 
GLY HXT  H  N N 136 
HIS N    N  N N 137 
HIS CA   C  N S 138 
HIS C    C  N N 139 
HIS O    O  N N 140 
HIS CB   C  N N 141 
HIS CG   C  Y N 142 
HIS ND1  N  Y N 143 
HIS CD2  C  Y N 144 
HIS CE1  C  Y N 145 
HIS NE2  N  Y N 146 
HIS OXT  O  N N 147 
HIS H    H  N N 148 
HIS H2   H  N N 149 
HIS HA   H  N N 150 
HIS HB2  H  N N 151 
HIS HB3  H  N N 152 
HIS HD1  H  N N 153 
HIS HD2  H  N N 154 
HIS HE1  H  N N 155 
HIS HE2  H  N N 156 
HIS HXT  H  N N 157 
HOH O    O  N N 158 
HOH H1   H  N N 159 
HOH H2   H  N N 160 
ILE N    N  N N 161 
ILE CA   C  N S 162 
ILE C    C  N N 163 
ILE O    O  N N 164 
ILE CB   C  N S 165 
ILE CG1  C  N N 166 
ILE CG2  C  N N 167 
ILE CD1  C  N N 168 
ILE OXT  O  N N 169 
ILE H    H  N N 170 
ILE H2   H  N N 171 
ILE HA   H  N N 172 
ILE HB   H  N N 173 
ILE HG12 H  N N 174 
ILE HG13 H  N N 175 
ILE HG21 H  N N 176 
ILE HG22 H  N N 177 
ILE HG23 H  N N 178 
ILE HD11 H  N N 179 
ILE HD12 H  N N 180 
ILE HD13 H  N N 181 
ILE HXT  H  N N 182 
LEU N    N  N N 183 
LEU CA   C  N S 184 
LEU C    C  N N 185 
LEU O    O  N N 186 
LEU CB   C  N N 187 
LEU CG   C  N N 188 
LEU CD1  C  N N 189 
LEU CD2  C  N N 190 
LEU OXT  O  N N 191 
LEU H    H  N N 192 
LEU H2   H  N N 193 
LEU HA   H  N N 194 
LEU HB2  H  N N 195 
LEU HB3  H  N N 196 
LEU HG   H  N N 197 
LEU HD11 H  N N 198 
LEU HD12 H  N N 199 
LEU HD13 H  N N 200 
LEU HD21 H  N N 201 
LEU HD22 H  N N 202 
LEU HD23 H  N N 203 
LEU HXT  H  N N 204 
LYS N    N  N N 205 
LYS CA   C  N S 206 
LYS C    C  N N 207 
LYS O    O  N N 208 
LYS CB   C  N N 209 
LYS CG   C  N N 210 
LYS CD   C  N N 211 
LYS CE   C  N N 212 
LYS NZ   N  N N 213 
LYS OXT  O  N N 214 
LYS H    H  N N 215 
LYS H2   H  N N 216 
LYS HA   H  N N 217 
LYS HB2  H  N N 218 
LYS HB3  H  N N 219 
LYS HG2  H  N N 220 
LYS HG3  H  N N 221 
LYS HD2  H  N N 222 
LYS HD3  H  N N 223 
LYS HE2  H  N N 224 
LYS HE3  H  N N 225 
LYS HZ1  H  N N 226 
LYS HZ2  H  N N 227 
LYS HZ3  H  N N 228 
LYS HXT  H  N N 229 
MSE N    N  N N 230 
MSE CA   C  N S 231 
MSE C    C  N N 232 
MSE O    O  N N 233 
MSE OXT  O  N N 234 
MSE CB   C  N N 235 
MSE CG   C  N N 236 
MSE SE   SE N N 237 
MSE CE   C  N N 238 
MSE H    H  N N 239 
MSE H2   H  N N 240 
MSE HA   H  N N 241 
MSE HXT  H  N N 242 
MSE HB2  H  N N 243 
MSE HB3  H  N N 244 
MSE HG2  H  N N 245 
MSE HG3  H  N N 246 
MSE HE1  H  N N 247 
MSE HE2  H  N N 248 
MSE HE3  H  N N 249 
PHE N    N  N N 250 
PHE CA   C  N S 251 
PHE C    C  N N 252 
PHE O    O  N N 253 
PHE CB   C  N N 254 
PHE CG   C  Y N 255 
PHE CD1  C  Y N 256 
PHE CD2  C  Y N 257 
PHE CE1  C  Y N 258 
PHE CE2  C  Y N 259 
PHE CZ   C  Y N 260 
PHE OXT  O  N N 261 
PHE H    H  N N 262 
PHE H2   H  N N 263 
PHE HA   H  N N 264 
PHE HB2  H  N N 265 
PHE HB3  H  N N 266 
PHE HD1  H  N N 267 
PHE HD2  H  N N 268 
PHE HE1  H  N N 269 
PHE HE2  H  N N 270 
PHE HZ   H  N N 271 
PHE HXT  H  N N 272 
PRO N    N  N N 273 
PRO CA   C  N S 274 
PRO C    C  N N 275 
PRO O    O  N N 276 
PRO CB   C  N N 277 
PRO CG   C  N N 278 
PRO CD   C  N N 279 
PRO OXT  O  N N 280 
PRO H    H  N N 281 
PRO HA   H  N N 282 
PRO HB2  H  N N 283 
PRO HB3  H  N N 284 
PRO HG2  H  N N 285 
PRO HG3  H  N N 286 
PRO HD2  H  N N 287 
PRO HD3  H  N N 288 
PRO HXT  H  N N 289 
SER N    N  N N 290 
SER CA   C  N S 291 
SER C    C  N N 292 
SER O    O  N N 293 
SER CB   C  N N 294 
SER OG   O  N N 295 
SER OXT  O  N N 296 
SER H    H  N N 297 
SER H2   H  N N 298 
SER HA   H  N N 299 
SER HB2  H  N N 300 
SER HB3  H  N N 301 
SER HG   H  N N 302 
SER HXT  H  N N 303 
THR N    N  N N 304 
THR CA   C  N S 305 
THR C    C  N N 306 
THR O    O  N N 307 
THR CB   C  N R 308 
THR OG1  O  N N 309 
THR CG2  C  N N 310 
THR OXT  O  N N 311 
THR H    H  N N 312 
THR H2   H  N N 313 
THR HA   H  N N 314 
THR HB   H  N N 315 
THR HG1  H  N N 316 
THR HG21 H  N N 317 
THR HG22 H  N N 318 
THR HG23 H  N N 319 
THR HXT  H  N N 320 
TRP N    N  N N 321 
TRP CA   C  N S 322 
TRP C    C  N N 323 
TRP O    O  N N 324 
TRP CB   C  N N 325 
TRP CG   C  Y N 326 
TRP CD1  C  Y N 327 
TRP CD2  C  Y N 328 
TRP NE1  N  Y N 329 
TRP CE2  C  Y N 330 
TRP CE3  C  Y N 331 
TRP CZ2  C  Y N 332 
TRP CZ3  C  Y N 333 
TRP CH2  C  Y N 334 
TRP OXT  O  N N 335 
TRP H    H  N N 336 
TRP H2   H  N N 337 
TRP HA   H  N N 338 
TRP HB2  H  N N 339 
TRP HB3  H  N N 340 
TRP HD1  H  N N 341 
TRP HE1  H  N N 342 
TRP HE3  H  N N 343 
TRP HZ2  H  N N 344 
TRP HZ3  H  N N 345 
TRP HH2  H  N N 346 
TRP HXT  H  N N 347 
TYR N    N  N N 348 
TYR CA   C  N S 349 
TYR C    C  N N 350 
TYR O    O  N N 351 
TYR CB   C  N N 352 
TYR CG   C  Y N 353 
TYR CD1  C  Y N 354 
TYR CD2  C  Y N 355 
TYR CE1  C  Y N 356 
TYR CE2  C  Y N 357 
TYR CZ   C  Y N 358 
TYR OH   O  N N 359 
TYR OXT  O  N N 360 
TYR H    H  N N 361 
TYR H2   H  N N 362 
TYR HA   H  N N 363 
TYR HB2  H  N N 364 
TYR HB3  H  N N 365 
TYR HD1  H  N N 366 
TYR HD2  H  N N 367 
TYR HE1  H  N N 368 
TYR HE2  H  N N 369 
TYR HH   H  N N 370 
TYR HXT  H  N N 371 
VAL N    N  N N 372 
VAL CA   C  N S 373 
VAL C    C  N N 374 
VAL O    O  N N 375 
VAL CB   C  N N 376 
VAL CG1  C  N N 377 
VAL CG2  C  N N 378 
VAL OXT  O  N N 379 
VAL H    H  N N 380 
VAL H2   H  N N 381 
VAL HA   H  N N 382 
VAL HB   H  N N 383 
VAL HG11 H  N N 384 
VAL HG12 H  N N 385 
VAL HG13 H  N N 386 
VAL HG21 H  N N 387 
VAL HG22 H  N N 388 
VAL HG23 H  N N 389 
VAL HXT  H  N N 390 
# 
loop_
_chem_comp_bond.comp_id 
_chem_comp_bond.atom_id_1 
_chem_comp_bond.atom_id_2 
_chem_comp_bond.value_order 
_chem_comp_bond.pdbx_aromatic_flag 
_chem_comp_bond.pdbx_stereo_config 
_chem_comp_bond.pdbx_ordinal 
ALA N   CA   sing N N 1   
ALA N   H    sing N N 2   
ALA N   H2   sing N N 3   
ALA CA  C    sing N N 4   
ALA CA  CB   sing N N 5   
ALA CA  HA   sing N N 6   
ALA C   O    doub N N 7   
ALA C   OXT  sing N N 8   
ALA CB  HB1  sing N N 9   
ALA CB  HB2  sing N N 10  
ALA CB  HB3  sing N N 11  
ALA OXT HXT  sing N N 12  
ARG N   CA   sing N N 13  
ARG N   H    sing N N 14  
ARG N   H2   sing N N 15  
ARG CA  C    sing N N 16  
ARG CA  CB   sing N N 17  
ARG CA  HA   sing N N 18  
ARG C   O    doub N N 19  
ARG C   OXT  sing N N 20  
ARG CB  CG   sing N N 21  
ARG CB  HB2  sing N N 22  
ARG CB  HB3  sing N N 23  
ARG CG  CD   sing N N 24  
ARG CG  HG2  sing N N 25  
ARG CG  HG3  sing N N 26  
ARG CD  NE   sing N N 27  
ARG CD  HD2  sing N N 28  
ARG CD  HD3  sing N N 29  
ARG NE  CZ   sing N N 30  
ARG NE  HE   sing N N 31  
ARG CZ  NH1  sing N N 32  
ARG CZ  NH2  doub N N 33  
ARG NH1 HH11 sing N N 34  
ARG NH1 HH12 sing N N 35  
ARG NH2 HH21 sing N N 36  
ARG NH2 HH22 sing N N 37  
ARG OXT HXT  sing N N 38  
ASN N   CA   sing N N 39  
ASN N   H    sing N N 40  
ASN N   H2   sing N N 41  
ASN CA  C    sing N N 42  
ASN CA  CB   sing N N 43  
ASN CA  HA   sing N N 44  
ASN C   O    doub N N 45  
ASN C   OXT  sing N N 46  
ASN CB  CG   sing N N 47  
ASN CB  HB2  sing N N 48  
ASN CB  HB3  sing N N 49  
ASN CG  OD1  doub N N 50  
ASN CG  ND2  sing N N 51  
ASN ND2 HD21 sing N N 52  
ASN ND2 HD22 sing N N 53  
ASN OXT HXT  sing N N 54  
ASP N   CA   sing N N 55  
ASP N   H    sing N N 56  
ASP N   H2   sing N N 57  
ASP CA  C    sing N N 58  
ASP CA  CB   sing N N 59  
ASP CA  HA   sing N N 60  
ASP C   O    doub N N 61  
ASP C   OXT  sing N N 62  
ASP CB  CG   sing N N 63  
ASP CB  HB2  sing N N 64  
ASP CB  HB3  sing N N 65  
ASP CG  OD1  doub N N 66  
ASP CG  OD2  sing N N 67  
ASP OD2 HD2  sing N N 68  
ASP OXT HXT  sing N N 69  
CYS N   CA   sing N N 70  
CYS N   H    sing N N 71  
CYS N   H2   sing N N 72  
CYS CA  C    sing N N 73  
CYS CA  CB   sing N N 74  
CYS CA  HA   sing N N 75  
CYS C   O    doub N N 76  
CYS C   OXT  sing N N 77  
CYS CB  SG   sing N N 78  
CYS CB  HB2  sing N N 79  
CYS CB  HB3  sing N N 80  
CYS SG  HG   sing N N 81  
CYS OXT HXT  sing N N 82  
GLN N   CA   sing N N 83  
GLN N   H    sing N N 84  
GLN N   H2   sing N N 85  
GLN CA  C    sing N N 86  
GLN CA  CB   sing N N 87  
GLN CA  HA   sing N N 88  
GLN C   O    doub N N 89  
GLN C   OXT  sing N N 90  
GLN CB  CG   sing N N 91  
GLN CB  HB2  sing N N 92  
GLN CB  HB3  sing N N 93  
GLN CG  CD   sing N N 94  
GLN CG  HG2  sing N N 95  
GLN CG  HG3  sing N N 96  
GLN CD  OE1  doub N N 97  
GLN CD  NE2  sing N N 98  
GLN NE2 HE21 sing N N 99  
GLN NE2 HE22 sing N N 100 
GLN OXT HXT  sing N N 101 
GLU N   CA   sing N N 102 
GLU N   H    sing N N 103 
GLU N   H2   sing N N 104 
GLU CA  C    sing N N 105 
GLU CA  CB   sing N N 106 
GLU CA  HA   sing N N 107 
GLU C   O    doub N N 108 
GLU C   OXT  sing N N 109 
GLU CB  CG   sing N N 110 
GLU CB  HB2  sing N N 111 
GLU CB  HB3  sing N N 112 
GLU CG  CD   sing N N 113 
GLU CG  HG2  sing N N 114 
GLU CG  HG3  sing N N 115 
GLU CD  OE1  doub N N 116 
GLU CD  OE2  sing N N 117 
GLU OE2 HE2  sing N N 118 
GLU OXT HXT  sing N N 119 
GLY N   CA   sing N N 120 
GLY N   H    sing N N 121 
GLY N   H2   sing N N 122 
GLY CA  C    sing N N 123 
GLY CA  HA2  sing N N 124 
GLY CA  HA3  sing N N 125 
GLY C   O    doub N N 126 
GLY C   OXT  sing N N 127 
GLY OXT HXT  sing N N 128 
HIS N   CA   sing N N 129 
HIS N   H    sing N N 130 
HIS N   H2   sing N N 131 
HIS CA  C    sing N N 132 
HIS CA  CB   sing N N 133 
HIS CA  HA   sing N N 134 
HIS C   O    doub N N 135 
HIS C   OXT  sing N N 136 
HIS CB  CG   sing N N 137 
HIS CB  HB2  sing N N 138 
HIS CB  HB3  sing N N 139 
HIS CG  ND1  sing Y N 140 
HIS CG  CD2  doub Y N 141 
HIS ND1 CE1  doub Y N 142 
HIS ND1 HD1  sing N N 143 
HIS CD2 NE2  sing Y N 144 
HIS CD2 HD2  sing N N 145 
HIS CE1 NE2  sing Y N 146 
HIS CE1 HE1  sing N N 147 
HIS NE2 HE2  sing N N 148 
HIS OXT HXT  sing N N 149 
HOH O   H1   sing N N 150 
HOH O   H2   sing N N 151 
ILE N   CA   sing N N 152 
ILE N   H    sing N N 153 
ILE N   H2   sing N N 154 
ILE CA  C    sing N N 155 
ILE CA  CB   sing N N 156 
ILE CA  HA   sing N N 157 
ILE C   O    doub N N 158 
ILE C   OXT  sing N N 159 
ILE CB  CG1  sing N N 160 
ILE CB  CG2  sing N N 161 
ILE CB  HB   sing N N 162 
ILE CG1 CD1  sing N N 163 
ILE CG1 HG12 sing N N 164 
ILE CG1 HG13 sing N N 165 
ILE CG2 HG21 sing N N 166 
ILE CG2 HG22 sing N N 167 
ILE CG2 HG23 sing N N 168 
ILE CD1 HD11 sing N N 169 
ILE CD1 HD12 sing N N 170 
ILE CD1 HD13 sing N N 171 
ILE OXT HXT  sing N N 172 
LEU N   CA   sing N N 173 
LEU N   H    sing N N 174 
LEU N   H2   sing N N 175 
LEU CA  C    sing N N 176 
LEU CA  CB   sing N N 177 
LEU CA  HA   sing N N 178 
LEU C   O    doub N N 179 
LEU C   OXT  sing N N 180 
LEU CB  CG   sing N N 181 
LEU CB  HB2  sing N N 182 
LEU CB  HB3  sing N N 183 
LEU CG  CD1  sing N N 184 
LEU CG  CD2  sing N N 185 
LEU CG  HG   sing N N 186 
LEU CD1 HD11 sing N N 187 
LEU CD1 HD12 sing N N 188 
LEU CD1 HD13 sing N N 189 
LEU CD2 HD21 sing N N 190 
LEU CD2 HD22 sing N N 191 
LEU CD2 HD23 sing N N 192 
LEU OXT HXT  sing N N 193 
LYS N   CA   sing N N 194 
LYS N   H    sing N N 195 
LYS N   H2   sing N N 196 
LYS CA  C    sing N N 197 
LYS CA  CB   sing N N 198 
LYS CA  HA   sing N N 199 
LYS C   O    doub N N 200 
LYS C   OXT  sing N N 201 
LYS CB  CG   sing N N 202 
LYS CB  HB2  sing N N 203 
LYS CB  HB3  sing N N 204 
LYS CG  CD   sing N N 205 
LYS CG  HG2  sing N N 206 
LYS CG  HG3  sing N N 207 
LYS CD  CE   sing N N 208 
LYS CD  HD2  sing N N 209 
LYS CD  HD3  sing N N 210 
LYS CE  NZ   sing N N 211 
LYS CE  HE2  sing N N 212 
LYS CE  HE3  sing N N 213 
LYS NZ  HZ1  sing N N 214 
LYS NZ  HZ2  sing N N 215 
LYS NZ  HZ3  sing N N 216 
LYS OXT HXT  sing N N 217 
MSE N   CA   sing N N 218 
MSE N   H    sing N N 219 
MSE N   H2   sing N N 220 
MSE CA  C    sing N N 221 
MSE CA  CB   sing N N 222 
MSE CA  HA   sing N N 223 
MSE C   O    doub N N 224 
MSE C   OXT  sing N N 225 
MSE OXT HXT  sing N N 226 
MSE CB  CG   sing N N 227 
MSE CB  HB2  sing N N 228 
MSE CB  HB3  sing N N 229 
MSE CG  SE   sing N N 230 
MSE CG  HG2  sing N N 231 
MSE CG  HG3  sing N N 232 
MSE SE  CE   sing N N 233 
MSE CE  HE1  sing N N 234 
MSE CE  HE2  sing N N 235 
MSE CE  HE3  sing N N 236 
PHE N   CA   sing N N 237 
PHE N   H    sing N N 238 
PHE N   H2   sing N N 239 
PHE CA  C    sing N N 240 
PHE CA  CB   sing N N 241 
PHE CA  HA   sing N N 242 
PHE C   O    doub N N 243 
PHE C   OXT  sing N N 244 
PHE CB  CG   sing N N 245 
PHE CB  HB2  sing N N 246 
PHE CB  HB3  sing N N 247 
PHE CG  CD1  doub Y N 248 
PHE CG  CD2  sing Y N 249 
PHE CD1 CE1  sing Y N 250 
PHE CD1 HD1  sing N N 251 
PHE CD2 CE2  doub Y N 252 
PHE CD2 HD2  sing N N 253 
PHE CE1 CZ   doub Y N 254 
PHE CE1 HE1  sing N N 255 
PHE CE2 CZ   sing Y N 256 
PHE CE2 HE2  sing N N 257 
PHE CZ  HZ   sing N N 258 
PHE OXT HXT  sing N N 259 
PRO N   CA   sing N N 260 
PRO N   CD   sing N N 261 
PRO N   H    sing N N 262 
PRO CA  C    sing N N 263 
PRO CA  CB   sing N N 264 
PRO CA  HA   sing N N 265 
PRO C   O    doub N N 266 
PRO C   OXT  sing N N 267 
PRO CB  CG   sing N N 268 
PRO CB  HB2  sing N N 269 
PRO CB  HB3  sing N N 270 
PRO CG  CD   sing N N 271 
PRO CG  HG2  sing N N 272 
PRO CG  HG3  sing N N 273 
PRO CD  HD2  sing N N 274 
PRO CD  HD3  sing N N 275 
PRO OXT HXT  sing N N 276 
SER N   CA   sing N N 277 
SER N   H    sing N N 278 
SER N   H2   sing N N 279 
SER CA  C    sing N N 280 
SER CA  CB   sing N N 281 
SER CA  HA   sing N N 282 
SER C   O    doub N N 283 
SER C   OXT  sing N N 284 
SER CB  OG   sing N N 285 
SER CB  HB2  sing N N 286 
SER CB  HB3  sing N N 287 
SER OG  HG   sing N N 288 
SER OXT HXT  sing N N 289 
THR N   CA   sing N N 290 
THR N   H    sing N N 291 
THR N   H2   sing N N 292 
THR CA  C    sing N N 293 
THR CA  CB   sing N N 294 
THR CA  HA   sing N N 295 
THR C   O    doub N N 296 
THR C   OXT  sing N N 297 
THR CB  OG1  sing N N 298 
THR CB  CG2  sing N N 299 
THR CB  HB   sing N N 300 
THR OG1 HG1  sing N N 301 
THR CG2 HG21 sing N N 302 
THR CG2 HG22 sing N N 303 
THR CG2 HG23 sing N N 304 
THR OXT HXT  sing N N 305 
TRP N   CA   sing N N 306 
TRP N   H    sing N N 307 
TRP N   H2   sing N N 308 
TRP CA  C    sing N N 309 
TRP CA  CB   sing N N 310 
TRP CA  HA   sing N N 311 
TRP C   O    doub N N 312 
TRP C   OXT  sing N N 313 
TRP CB  CG   sing N N 314 
TRP CB  HB2  sing N N 315 
TRP CB  HB3  sing N N 316 
TRP CG  CD1  doub Y N 317 
TRP CG  CD2  sing Y N 318 
TRP CD1 NE1  sing Y N 319 
TRP CD1 HD1  sing N N 320 
TRP CD2 CE2  doub Y N 321 
TRP CD2 CE3  sing Y N 322 
TRP NE1 CE2  sing Y N 323 
TRP NE1 HE1  sing N N 324 
TRP CE2 CZ2  sing Y N 325 
TRP CE3 CZ3  doub Y N 326 
TRP CE3 HE3  sing N N 327 
TRP CZ2 CH2  doub Y N 328 
TRP CZ2 HZ2  sing N N 329 
TRP CZ3 CH2  sing Y N 330 
TRP CZ3 HZ3  sing N N 331 
TRP CH2 HH2  sing N N 332 
TRP OXT HXT  sing N N 333 
TYR N   CA   sing N N 334 
TYR N   H    sing N N 335 
TYR N   H2   sing N N 336 
TYR CA  C    sing N N 337 
TYR CA  CB   sing N N 338 
TYR CA  HA   sing N N 339 
TYR C   O    doub N N 340 
TYR C   OXT  sing N N 341 
TYR CB  CG   sing N N 342 
TYR CB  HB2  sing N N 343 
TYR CB  HB3  sing N N 344 
TYR CG  CD1  doub Y N 345 
TYR CG  CD2  sing Y N 346 
TYR CD1 CE1  sing Y N 347 
TYR CD1 HD1  sing N N 348 
TYR CD2 CE2  doub Y N 349 
TYR CD2 HD2  sing N N 350 
TYR CE1 CZ   doub Y N 351 
TYR CE1 HE1  sing N N 352 
TYR CE2 CZ   sing Y N 353 
TYR CE2 HE2  sing N N 354 
TYR CZ  OH   sing N N 355 
TYR OH  HH   sing N N 356 
TYR OXT HXT  sing N N 357 
VAL N   CA   sing N N 358 
VAL N   H    sing N N 359 
VAL N   H2   sing N N 360 
VAL CA  C    sing N N 361 
VAL CA  CB   sing N N 362 
VAL CA  HA   sing N N 363 
VAL C   O    doub N N 364 
VAL C   OXT  sing N N 365 
VAL CB  CG1  sing N N 366 
VAL CB  CG2  sing N N 367 
VAL CB  HB   sing N N 368 
VAL CG1 HG11 sing N N 369 
VAL CG1 HG12 sing N N 370 
VAL CG1 HG13 sing N N 371 
VAL CG2 HG21 sing N N 372 
VAL CG2 HG22 sing N N 373 
VAL CG2 HG23 sing N N 374 
VAL OXT HXT  sing N N 375 
# 
_atom_sites.entry_id                    2QNI 
_atom_sites.fract_transf_matrix[1][1]   -0.00268883 
_atom_sites.fract_transf_matrix[1][2]   0.00793807 
_atom_sites.fract_transf_matrix[1][3]   -0.00610736 
_atom_sites.fract_transf_matrix[2][1]   0.00651610 
_atom_sites.fract_transf_matrix[2][2]   0.00332621 
_atom_sites.fract_transf_matrix[2][3]   -0.00734939 
_atom_sites.fract_transf_matrix[3][1]   -0.00300178 
_atom_sites.fract_transf_matrix[3][2]   -0.00470152 
_atom_sites.fract_transf_matrix[3][3]   -0.00478926 
_atom_sites.fract_transf_vector[1]      0.050171 
_atom_sites.fract_transf_vector[2]      0.198433 
_atom_sites.fract_transf_vector[3]      0.122021 
# 
loop_
_atom_type.symbol 
C  
N  
O  
S  
SE 
# 
loop_
_atom_site.group_PDB 
_atom_site.id 
_atom_site.type_symbol 
_atom_site.label_atom_id 
_atom_site.label_alt_id 
_atom_site.label_comp_id 
_atom_site.label_asym_id 
_atom_site.label_entity_id 
_atom_site.label_seq_id 
_atom_site.pdbx_PDB_ins_code 
_atom_site.Cartn_x 
_atom_site.Cartn_y 
_atom_site.Cartn_z 
_atom_site.occupancy 
_atom_site.B_iso_or_equiv 
_atom_site.pdbx_formal_charge 
_atom_site.auth_seq_id 
_atom_site.auth_comp_id 
_atom_site.auth_asym_id 
_atom_site.auth_atom_id 
_atom_site.pdbx_PDB_model_num 
ATOM   1    N  N   . GLY A 1 21  ? -11.881 16.098  3.054   1.00 38.54 ? 21  GLY A N   1 
ATOM   2    C  CA  . GLY A 1 21  ? -11.289 14.733  2.931   1.00 38.75 ? 21  GLY A CA  1 
ATOM   3    C  C   . GLY A 1 21  ? -12.173 13.668  2.298   1.00 38.90 ? 21  GLY A C   1 
ATOM   4    O  O   . GLY A 1 21  ? -12.398 12.605  2.910   1.00 38.68 ? 21  GLY A O   1 
HETATM 5    N  N   . MSE A 1 22  ? -12.656 13.948  1.077   1.00 38.44 ? 22  MSE A N   1 
HETATM 6    C  CA  . MSE A 1 22  ? -13.448 12.993  0.279   1.00 38.49 ? 22  MSE A CA  1 
HETATM 7    C  C   . MSE A 1 22  ? -12.693 12.281  -0.866  1.00 36.39 ? 22  MSE A C   1 
HETATM 8    O  O   . MSE A 1 22  ? -13.281 11.500  -1.612  1.00 35.72 ? 22  MSE A O   1 
HETATM 9    C  CB  . MSE A 1 22  ? -14.742 13.636  -0.236  1.00 40.18 ? 22  MSE A CB  1 
HETATM 10   C  CG  . MSE A 1 22  ? -15.846 13.744  0.828   1.00 45.71 ? 22  MSE A CG  1 
HETATM 11   SE SE  . MSE A 1 22  ? -16.327 12.020  1.652   1.00 62.25 ? 22  MSE A SE  1 
HETATM 12   C  CE  . MSE A 1 22  ? -17.446 11.306  0.213   1.00 56.63 ? 22  MSE A CE  1 
ATOM   13   N  N   . HIS A 1 23  ? -11.401 12.572  -1.007  1.00 33.91 ? 23  HIS A N   1 
ATOM   14   C  CA  . HIS A 1 23  ? -10.500 11.716  -1.783  1.00 31.31 ? 23  HIS A CA  1 
ATOM   15   C  C   . HIS A 1 23  ? -9.477  11.131  -0.819  1.00 29.02 ? 23  HIS A C   1 
ATOM   16   O  O   . HIS A 1 23  ? -9.091  11.795  0.132   1.00 28.85 ? 23  HIS A O   1 
ATOM   17   C  CB  . HIS A 1 23  ? -9.784  12.497  -2.877  1.00 32.41 ? 23  HIS A CB  1 
ATOM   18   C  CG  . HIS A 1 23  ? -10.637 12.784  -4.074  1.00 34.64 ? 23  HIS A CG  1 
ATOM   19   N  ND1 . HIS A 1 23  ? -10.491 12.112  -5.269  1.00 37.57 ? 23  HIS A ND1 1 
ATOM   20   C  CD2 . HIS A 1 23  ? -11.651 13.663  -4.254  1.00 35.99 ? 23  HIS A CD2 1 
ATOM   21   C  CE1 . HIS A 1 23  ? -11.375 12.574  -6.139  1.00 37.95 ? 23  HIS A CE1 1 
ATOM   22   N  NE2 . HIS A 1 23  ? -12.091 13.512  -5.545  1.00 38.47 ? 23  HIS A NE2 1 
ATOM   23   N  N   . ALA A 1 24  ? -9.026  9.904   -1.075  1.00 25.40 ? 24  ALA A N   1 
ATOM   24   C  CA  . ALA A 1 24  ? -8.040  9.264   -0.207  1.00 22.96 ? 24  ALA A CA  1 
ATOM   25   C  C   . ALA A 1 24  ? -6.815  8.915   -1.039  1.00 21.69 ? 24  ALA A C   1 
ATOM   26   O  O   . ALA A 1 24  ? -6.904  8.799   -2.258  1.00 21.28 ? 24  ALA A O   1 
ATOM   27   C  CB  . ALA A 1 24  ? -8.623  8.008   0.424   1.00 23.00 ? 24  ALA A CB  1 
ATOM   28   N  N   . LEU A 1 25  ? -5.673  8.787   -0.373  1.00 20.63 ? 25  LEU A N   1 
ATOM   29   C  CA  . LEU A 1 25  ? -4.462  8.311   -1.022  1.00 19.52 ? 25  LEU A CA  1 
ATOM   30   C  C   . LEU A 1 25  ? -4.125  6.906   -0.568  1.00 18.75 ? 25  LEU A C   1 
ATOM   31   O  O   . LEU A 1 25  ? -4.378  6.530   0.577   1.00 18.84 ? 25  LEU A O   1 
ATOM   32   C  CB  . LEU A 1 25  ? -3.286  9.206   -0.672  1.00 20.12 ? 25  LEU A CB  1 
ATOM   33   C  CG  . LEU A 1 25  ? -3.502  10.702  -0.903  1.00 20.41 ? 25  LEU A CG  1 
ATOM   34   C  CD1 . LEU A 1 25  ? -2.338  11.470  -0.331  1.00 20.97 ? 25  LEU A CD1 1 
ATOM   35   C  CD2 . LEU A 1 25  ? -3.674  10.969  -2.380  1.00 22.73 ? 25  LEU A CD2 1 
ATOM   36   N  N   . TYR A 1 26  ? -3.532  6.142   -1.477  1.00 17.96 ? 26  TYR A N   1 
ATOM   37   C  CA  . TYR A 1 26  ? -2.929  4.869   -1.134  1.00 17.70 ? 26  TYR A CA  1 
ATOM   38   C  C   . TYR A 1 26  ? -1.463  4.975   -1.515  1.00 17.65 ? 26  TYR A C   1 
ATOM   39   O  O   . TYR A 1 26  ? -1.147  5.289   -2.665  1.00 17.94 ? 26  TYR A O   1 
ATOM   40   C  CB  . TYR A 1 26  ? -3.587  3.714   -1.893  1.00 18.45 ? 26  TYR A CB  1 
ATOM   41   C  CG  . TYR A 1 26  ? -3.093  2.370   -1.425  1.00 19.00 ? 26  TYR A CG  1 
ATOM   42   C  CD1 . TYR A 1 26  ? -3.817  1.630   -0.487  1.00 18.48 ? 26  TYR A CD1 1 
ATOM   43   C  CD2 . TYR A 1 26  ? -1.891  1.844   -1.892  1.00 18.73 ? 26  TYR A CD2 1 
ATOM   44   C  CE1 . TYR A 1 26  ? -3.353  0.389   -0.030  1.00 19.57 ? 26  TYR A CE1 1 
ATOM   45   C  CE2 . TYR A 1 26  ? -1.419  0.610   -1.452  1.00 19.62 ? 26  TYR A CE2 1 
ATOM   46   C  CZ  . TYR A 1 26  ? -2.160  -0.110  -0.517  1.00 19.68 ? 26  TYR A CZ  1 
ATOM   47   O  OH  . TYR A 1 26  ? -1.697  -1.329  -0.080  1.00 20.11 ? 26  TYR A OH  1 
ATOM   48   N  N   . ILE A 1 27  ? -0.595  4.730   -0.541  1.00 17.13 ? 27  ILE A N   1 
ATOM   49   C  CA  . ILE A 1 27  ? 0.841   4.971   -0.673  1.00 18.02 ? 27  ILE A CA  1 
ATOM   50   C  C   . ILE A 1 27  ? 1.619   3.704   -0.328  1.00 17.88 ? 27  ILE A C   1 
ATOM   51   O  O   . ILE A 1 27  ? 1.399   3.115   0.731   1.00 18.38 ? 27  ILE A O   1 
ATOM   52   C  CB  . ILE A 1 27  ? 1.300   6.091   0.299   1.00 18.14 ? 27  ILE A CB  1 
ATOM   53   C  CG1 . ILE A 1 27  ? 0.450   7.355   0.093   1.00 18.12 ? 27  ILE A CG1 1 
ATOM   54   C  CG2 . ILE A 1 27  ? 2.799   6.389   0.122   1.00 17.87 ? 27  ILE A CG2 1 
ATOM   55   C  CD1 . ILE A 1 27  ? 0.631   8.408   1.178   1.00 19.03 ? 27  ILE A CD1 1 
ATOM   56   N  N   . THR A 1 28  ? 2.534   3.278   -1.205  1.00 17.86 ? 28  THR A N   1 
ATOM   57   C  CA  . THR A 1 28  ? 3.376   2.121   -0.876  1.00 18.33 ? 28  THR A CA  1 
ATOM   58   C  C   . THR A 1 28  ? 4.647   2.517   -0.126  1.00 18.24 ? 28  THR A C   1 
ATOM   59   O  O   . THR A 1 28  ? 5.205   3.598   -0.336  1.00 17.37 ? 28  THR A O   1 
ATOM   60   C  CB  . THR A 1 28  ? 3.776   1.317   -2.135  1.00 18.22 ? 28  THR A CB  1 
ATOM   61   O  OG1 . THR A 1 28  ? 4.626   2.121   -2.969  1.00 19.65 ? 28  THR A OG1 1 
ATOM   62   C  CG2 . THR A 1 28  ? 2.549   0.908   -2.925  1.00 19.10 ? 28  THR A CG2 1 
ATOM   63   N  N   . HIS A 1 29  ? 5.109   1.639   0.754   1.00 18.45 ? 29  HIS A N   1 
ATOM   64   C  CA  . HIS A 1 29  ? 6.364   1.871   1.448   1.00 18.01 ? 29  HIS A CA  1 
ATOM   65   C  C   . HIS A 1 29  ? 7.517   1.994   0.415   1.00 18.22 ? 29  HIS A C   1 
ATOM   66   O  O   . HIS A 1 29  ? 7.484   1.355   -0.651  1.00 17.72 ? 29  HIS A O   1 
ATOM   67   C  CB  . HIS A 1 29  ? 6.656   0.762   2.469   1.00 18.95 ? 29  HIS A CB  1 
ATOM   68   C  CG  . HIS A 1 29  ? 7.003   -0.560  1.848   1.00 18.62 ? 29  HIS A CG  1 
ATOM   69   N  ND1 . HIS A 1 29  ? 8.265   -0.844  1.363   1.00 19.57 ? 29  HIS A ND1 1 
ATOM   70   C  CD2 . HIS A 1 29  ? 6.262   -1.677  1.648   1.00 21.03 ? 29  HIS A CD2 1 
ATOM   71   C  CE1 . HIS A 1 29  ? 8.273   -2.067  0.856   1.00 19.81 ? 29  HIS A CE1 1 
ATOM   72   N  NE2 . HIS A 1 29  ? 7.074   -2.597  1.028   1.00 19.41 ? 29  HIS A NE2 1 
ATOM   73   N  N   . PRO A 1 30  ? 8.491   2.858   0.707   1.00 18.17 ? 30  PRO A N   1 
ATOM   74   C  CA  . PRO A 1 30  ? 9.656   2.956   -0.163  1.00 18.36 ? 30  PRO A CA  1 
ATOM   75   C  C   . PRO A 1 30  ? 10.725  1.918   0.213   1.00 18.34 ? 30  PRO A C   1 
ATOM   76   O  O   . PRO A 1 30  ? 10.420  0.900   0.845   1.00 17.73 ? 30  PRO A O   1 
ATOM   77   C  CB  . PRO A 1 30  ? 10.155  4.377   0.099   1.00 18.22 ? 30  PRO A CB  1 
ATOM   78   C  CG  . PRO A 1 30  ? 9.823   4.608   1.563   1.00 18.62 ? 30  PRO A CG  1 
ATOM   79   C  CD  . PRO A 1 30  ? 8.538   3.846   1.810   1.00 18.24 ? 30  PRO A CD  1 
ATOM   80   N  N   . GLN A 1 31  ? 11.974  2.182   -0.174  1.00 19.11 ? 31  GLN A N   1 
ATOM   81   C  CA  . GLN A 1 31  ? 13.031  1.169   -0.050  1.00 19.84 ? 31  GLN A CA  1 
ATOM   82   C  C   . GLN A 1 31  ? 13.318  0.698   1.385   1.00 20.33 ? 31  GLN A C   1 
ATOM   83   O  O   . GLN A 1 31  ? 13.279  1.480   2.335   1.00 19.96 ? 31  GLN A O   1 
ATOM   84   C  CB  . GLN A 1 31  ? 14.312  1.635   -0.752  1.00 20.29 ? 31  GLN A CB  1 
ATOM   85   C  CG  . GLN A 1 31  ? 14.107  1.860   -2.251  1.00 20.84 ? 31  GLN A CG  1 
ATOM   86   C  CD  . GLN A 1 31  ? 13.813  3.307   -2.609  1.00 23.73 ? 31  GLN A CD  1 
ATOM   87   O  OE1 . GLN A 1 31  ? 13.199  4.050   -1.837  1.00 21.20 ? 31  GLN A OE1 1 
ATOM   88   N  NE2 . GLN A 1 31  ? 14.279  3.726   -3.788  1.00 22.49 ? 31  GLN A NE2 1 
ATOM   89   N  N   . VAL A 1 32  ? 13.639  -0.588  1.502   1.00 21.01 ? 32  VAL A N   1 
ATOM   90   C  CA  . VAL A 1 32  ? 13.743  -1.292  2.788   1.00 21.69 ? 32  VAL A CA  1 
ATOM   91   C  C   . VAL A 1 32  ? 15.206  -1.567  3.144   1.00 22.46 ? 32  VAL A C   1 
ATOM   92   O  O   . VAL A 1 32  ? 16.021  -1.852  2.257   1.00 22.03 ? 32  VAL A O   1 
ATOM   93   C  CB  . VAL A 1 32  ? 12.918  -2.622  2.733   1.00 22.23 ? 32  VAL A CB  1 
ATOM   94   C  CG1 . VAL A 1 32  ? 13.130  -3.505  3.978   1.00 21.92 ? 32  VAL A CG1 1 
ATOM   95   C  CG2 . VAL A 1 32  ? 11.438  -2.317  2.560   1.00 22.80 ? 32  VAL A CG2 1 
ATOM   96   N  N   . LYS A 1 33  ? 15.524  -1.466  4.437   1.00 22.49 ? 33  LYS A N   1 
ATOM   97   C  CA  . LYS A 1 33  ? 16.865  -1.687  4.954   1.00 23.91 ? 33  LYS A CA  1 
ATOM   98   C  C   . LYS A 1 33  ? 17.015  -3.154  5.346   1.00 23.84 ? 33  LYS A C   1 
ATOM   99   O  O   . LYS A 1 33  ? 16.351  -3.628  6.266   1.00 23.43 ? 33  LYS A O   1 
ATOM   100  C  CB  . LYS A 1 33  ? 17.104  -0.786  6.180   1.00 23.75 ? 33  LYS A CB  1 
ATOM   101  C  CG  . LYS A 1 33  ? 18.483  -0.917  6.834   1.00 25.16 ? 33  LYS A CG  1 
ATOM   102  C  CD  . LYS A 1 33  ? 18.549  -0.102  8.134   1.00 26.27 ? 33  LYS A CD  1 
ATOM   103  C  CE  . LYS A 1 33  ? 19.870  -0.289  8.878   1.00 31.77 ? 33  LYS A CE  1 
ATOM   104  N  NZ  . LYS A 1 33  ? 20.963  0.626   8.422   1.00 35.89 ? 33  LYS A NZ  1 
ATOM   105  N  N   . ILE A 1 34  ? 17.887  -3.884  4.660   1.00 23.96 ? 34  ILE A N   1 
ATOM   106  C  CA  . ILE A 1 34  ? 18.116  -5.263  5.054   1.00 24.58 ? 34  ILE A CA  1 
ATOM   107  C  C   . ILE A 1 34  ? 18.999  -5.319  6.308   1.00 24.54 ? 34  ILE A C   1 
ATOM   108  O  O   . ILE A 1 34  ? 19.678  -4.348  6.646   1.00 24.22 ? 34  ILE A O   1 
ATOM   109  C  CB  . ILE A 1 34  ? 18.744  -6.101  3.897   1.00 24.54 ? 34  ILE A CB  1 
ATOM   110  C  CG1 . ILE A 1 34  ? 20.137  -5.557  3.566   1.00 25.78 ? 34  ILE A CG1 1 
ATOM   111  C  CG2 . ILE A 1 34  ? 17.804  -6.109  2.674   1.00 24.56 ? 34  ILE A CG2 1 
ATOM   112  C  CD1 . ILE A 1 34  ? 21.057  -6.566  2.881   1.00 26.84 ? 34  ILE A CD1 1 
ATOM   113  N  N   . ASP A 1 35  ? 18.999  -6.467  6.981   1.00 24.91 ? 35  ASP A N   1 
ATOM   114  C  CA  . ASP A 1 35  ? 19.880  -6.705  8.124   1.00 25.83 ? 35  ASP A CA  1 
ATOM   115  C  C   . ASP A 1 35  ? 20.166  -8.205  8.225   1.00 25.78 ? 35  ASP A C   1 
ATOM   116  O  O   . ASP A 1 35  ? 19.262  -9.012  8.005   1.00 25.59 ? 35  ASP A O   1 
ATOM   117  C  CB  . ASP A 1 35  ? 19.237  -6.203  9.426   1.00 26.03 ? 35  ASP A CB  1 
ATOM   118  C  CG  . ASP A 1 35  ? 20.206  -6.214  10.595  1.00 27.22 ? 35  ASP A CG  1 
ATOM   119  O  OD1 . ASP A 1 35  ? 20.841  -5.165  10.850  1.00 29.99 ? 35  ASP A OD1 1 
ATOM   120  O  OD2 . ASP A 1 35  ? 20.372  -7.272  11.241  1.00 27.19 ? 35  ASP A OD2 1 
ATOM   121  N  N   . PRO A 1 36  ? 21.421  -8.588  8.536   1.00 26.62 ? 36  PRO A N   1 
ATOM   122  C  CA  . PRO A 1 36  ? 21.749  -10.030 8.649   1.00 26.76 ? 36  PRO A CA  1 
ATOM   123  C  C   . PRO A 1 36  ? 21.157  -10.753 9.868   1.00 27.70 ? 36  PRO A C   1 
ATOM   124  O  O   . PRO A 1 36  ? 21.108  -11.990 9.886   1.00 27.62 ? 36  PRO A O   1 
ATOM   125  C  CB  . PRO A 1 36  ? 23.282  -10.026 8.724   1.00 27.03 ? 36  PRO A CB  1 
ATOM   126  C  CG  . PRO A 1 36  ? 23.604  -8.715  9.379   1.00 27.13 ? 36  PRO A CG  1 
ATOM   127  C  CD  . PRO A 1 36  ? 22.616  -7.749  8.744   1.00 26.28 ? 36  PRO A CD  1 
ATOM   128  N  N   . ALA A 1 37  ? 20.692  -10.003 10.870  1.00 27.73 ? 37  ALA A N   1 
ATOM   129  C  CA  . ALA A 1 37  ? 20.235  -10.606 12.131  1.00 28.44 ? 37  ALA A CA  1 
ATOM   130  C  C   . ALA A 1 37  ? 18.796  -10.260 12.535  1.00 28.90 ? 37  ALA A C   1 
ATOM   131  O  O   . ALA A 1 37  ? 18.068  -11.118 13.037  1.00 28.87 ? 37  ALA A O   1 
ATOM   132  C  CB  . ALA A 1 37  ? 21.210  -10.270 13.258  1.00 28.69 ? 37  ALA A CB  1 
ATOM   133  N  N   . VAL A 1 38  ? 18.379  -9.012  12.316  1.00 29.22 ? 38  VAL A N   1 
ATOM   134  C  CA  . VAL A 1 38  ? 17.006  -8.605  12.645  1.00 29.32 ? 38  VAL A CA  1 
ATOM   135  C  C   . VAL A 1 38  ? 16.003  -9.412  11.825  1.00 29.45 ? 38  VAL A C   1 
ATOM   136  O  O   . VAL A 1 38  ? 16.156  -9.508  10.595  1.00 28.77 ? 38  VAL A O   1 
ATOM   137  C  CB  . VAL A 1 38  ? 16.781  -7.086  12.391  1.00 29.52 ? 38  VAL A CB  1 
ATOM   138  C  CG1 . VAL A 1 38  ? 15.326  -6.694  12.673  1.00 29.87 ? 38  VAL A CG1 1 
ATOM   139  C  CG2 . VAL A 1 38  ? 17.754  -6.260  13.225  1.00 29.71 ? 38  VAL A CG2 1 
ATOM   140  N  N   . PRO A 1 39  ? 14.984  -10.008 12.490  1.00 29.33 ? 39  PRO A N   1 
ATOM   141  C  CA  . PRO A 1 39  ? 13.949  -10.720 11.756  1.00 29.46 ? 39  PRO A CA  1 
ATOM   142  C  C   . PRO A 1 39  ? 13.428  -9.925  10.558  1.00 29.78 ? 39  PRO A C   1 
ATOM   143  O  O   . PRO A 1 39  ? 13.229  -8.705  10.644  1.00 29.20 ? 39  PRO A O   1 
ATOM   144  C  CB  . PRO A 1 39  ? 12.852  -10.921 12.806  1.00 29.84 ? 39  PRO A CB  1 
ATOM   145  C  CG  . PRO A 1 39  ? 13.585  -11.024 14.079  1.00 29.93 ? 39  PRO A CG  1 
ATOM   146  C  CD  . PRO A 1 39  ? 14.756  -10.078 13.951  1.00 29.63 ? 39  PRO A CD  1 
ATOM   147  N  N   . VAL A 1 40  ? 13.246  -10.628 9.448   1.00 29.66 ? 40  VAL A N   1 
ATOM   148  C  CA  . VAL A 1 40  ? 12.862  -10.029 8.171   1.00 30.15 ? 40  VAL A CA  1 
ATOM   149  C  C   . VAL A 1 40  ? 11.584  -9.170  8.247   1.00 30.18 ? 40  VAL A C   1 
ATOM   150  O  O   . VAL A 1 40  ? 11.558  -8.063  7.692   1.00 29.68 ? 40  VAL A O   1 
ATOM   151  C  CB  . VAL A 1 40  ? 12.774  -11.107 7.057   1.00 30.43 ? 40  VAL A CB  1 
ATOM   152  C  CG1 . VAL A 1 40  ? 12.278  -10.512 5.738   1.00 31.78 ? 40  VAL A CG1 1 
ATOM   153  C  CG2 . VAL A 1 40  ? 14.136  -11.776 6.871   1.00 30.23 ? 40  VAL A CG2 1 
ATOM   154  N  N   . PRO A 1 41  ? 10.525  -9.663  8.936   1.00 29.86 ? 41  PRO A N   1 
ATOM   155  C  CA  . PRO A 1 41  ? 9.308   -8.846  9.023   1.00 29.75 ? 41  PRO A CA  1 
ATOM   156  C  C   . PRO A 1 41  ? 9.508   -7.518  9.758   1.00 29.21 ? 41  PRO A C   1 
ATOM   157  O  O   . PRO A 1 41  ? 8.695   -6.599  9.609   1.00 29.97 ? 41  PRO A O   1 
ATOM   158  C  CB  . PRO A 1 41  ? 8.337   -9.750  9.802   1.00 29.65 ? 41  PRO A CB  1 
ATOM   159  C  CG  . PRO A 1 41  ? 8.846   -11.131 9.580   1.00 29.93 ? 41  PRO A CG  1 
ATOM   160  C  CD  . PRO A 1 41  ? 10.336  -10.955 9.627   1.00 30.21 ? 41  PRO A CD  1 
ATOM   161  N  N   . GLU A 1 42  ? 10.579  -7.428  10.538  1.00 28.49 ? 42  GLU A N   1 
ATOM   162  C  CA  . GLU A 1 42  ? 10.861  -6.251  11.350  1.00 27.96 ? 42  GLU A CA  1 
ATOM   163  C  C   . GLU A 1 42  ? 11.743  -5.210  10.665  1.00 26.85 ? 42  GLU A C   1 
ATOM   164  O  O   . GLU A 1 42  ? 12.072  -4.196  11.264  1.00 26.39 ? 42  GLU A O   1 
ATOM   165  C  CB  . GLU A 1 42  ? 11.496  -6.671  12.674  1.00 28.25 ? 42  GLU A CB  1 
ATOM   166  C  CG  . GLU A 1 42  ? 10.525  -7.441  13.559  1.00 30.60 ? 42  GLU A CG  1 
ATOM   167  C  CD  . GLU A 1 42  ? 11.138  -7.939  14.848  1.00 33.02 ? 42  GLU A CD  1 
ATOM   168  O  OE1 . GLU A 1 42  ? 12.179  -7.409  15.298  1.00 32.09 ? 42  GLU A OE1 1 
ATOM   169  O  OE2 . GLU A 1 42  ? 10.550  -8.875  15.423  1.00 36.96 ? 42  GLU A OE2 1 
ATOM   170  N  N   . TRP A 1 43  ? 12.144  -5.463  9.423   1.00 25.46 ? 43  TRP A N   1 
ATOM   171  C  CA  . TRP A 1 43  ? 13.038  -4.529  8.755   1.00 23.97 ? 43  TRP A CA  1 
ATOM   172  C  C   . TRP A 1 43  ? 12.342  -3.196  8.527   1.00 23.18 ? 43  TRP A C   1 
ATOM   173  O  O   . TRP A 1 43  ? 11.164  -3.169  8.171   1.00 23.39 ? 43  TRP A O   1 
ATOM   174  C  CB  . TRP A 1 43  ? 13.509  -5.094  7.420   1.00 24.51 ? 43  TRP A CB  1 
ATOM   175  C  CG  . TRP A 1 43  ? 14.472  -6.244  7.544   1.00 24.51 ? 43  TRP A CG  1 
ATOM   176  C  CD1 . TRP A 1 43  ? 15.090  -6.693  8.677   1.00 24.55 ? 43  TRP A CD1 1 
ATOM   177  C  CD2 . TRP A 1 43  ? 14.948  -7.064  6.470   1.00 25.02 ? 43  TRP A CD2 1 
ATOM   178  N  NE1 . TRP A 1 43  ? 15.916  -7.761  8.372   1.00 25.60 ? 43  TRP A NE1 1 
ATOM   179  C  CE2 . TRP A 1 43  ? 15.839  -8.007  7.024   1.00 26.43 ? 43  TRP A CE2 1 
ATOM   180  C  CE3 . TRP A 1 43  ? 14.689  -7.101  5.091   1.00 26.65 ? 43  TRP A CE3 1 
ATOM   181  C  CZ2 . TRP A 1 43  ? 16.485  -8.985  6.241   1.00 25.93 ? 43  TRP A CZ2 1 
ATOM   182  C  CZ3 . TRP A 1 43  ? 15.334  -8.073  4.311   1.00 26.09 ? 43  TRP A CZ3 1 
ATOM   183  C  CH2 . TRP A 1 43  ? 16.222  -8.990  4.891   1.00 25.13 ? 43  TRP A CH2 1 
ATOM   184  N  N   . GLY A 1 44  ? 13.084  -2.109  8.718   1.00 22.43 ? 44  GLY A N   1 
ATOM   185  C  CA  . GLY A 1 44  ? 12.573  -0.757  8.473   1.00 22.02 ? 44  GLY A CA  1 
ATOM   186  C  C   . GLY A 1 44  ? 12.997  -0.210  7.119   1.00 21.86 ? 44  GLY A C   1 
ATOM   187  O  O   . GLY A 1 44  ? 13.408  -0.962  6.225   1.00 21.36 ? 44  GLY A O   1 
ATOM   188  N  N   . LEU A 1 45  ? 12.907  1.108   6.970   1.00 20.38 ? 45  LEU A N   1 
ATOM   189  C  CA  . LEU A 1 45  ? 13.232  1.757   5.706   1.00 19.96 ? 45  LEU A CA  1 
ATOM   190  C  C   . LEU A 1 45  ? 14.731  1.996   5.603   1.00 20.08 ? 45  LEU A C   1 
ATOM   191  O  O   . LEU A 1 45  ? 15.404  2.200   6.611   1.00 19.92 ? 45  LEU A O   1 
ATOM   192  C  CB  . LEU A 1 45  ? 12.490  3.085   5.590   1.00 19.87 ? 45  LEU A CB  1 
ATOM   193  C  CG  . LEU A 1 45  ? 10.956  2.988   5.601   1.00 18.41 ? 45  LEU A CG  1 
ATOM   194  C  CD1 . LEU A 1 45  ? 10.351  4.374   5.438   1.00 20.07 ? 45  LEU A CD1 1 
ATOM   195  C  CD2 . LEU A 1 45  ? 10.454  2.072   4.497   1.00 20.51 ? 45  LEU A CD2 1 
ATOM   196  N  N   . SER A 1 46  ? 15.241  1.986   4.378   1.00 20.34 ? 46  SER A N   1 
ATOM   197  C  CA  . SER A 1 46  ? 16.643  2.313   4.155   1.00 21.09 ? 46  SER A CA  1 
ATOM   198  C  C   . SER A 1 46  ? 16.856  3.812   4.334   1.00 22.37 ? 46  SER A C   1 
ATOM   199  O  O   . SER A 1 46  ? 15.896  4.577   4.447   1.00 21.73 ? 46  SER A O   1 
ATOM   200  C  CB  . SER A 1 46  ? 17.081  1.868   2.762   1.00 20.61 ? 46  SER A CB  1 
ATOM   201  O  OG  . SER A 1 46  ? 16.387  2.568   1.757   1.00 19.37 ? 46  SER A OG  1 
ATOM   202  N  N   . GLU A 1 47  ? 18.117  4.228   4.338   1.00 23.76 ? 47  GLU A N   1 
ATOM   203  C  CA  . GLU A 1 47  ? 18.446  5.641   4.374   1.00 25.73 ? 47  GLU A CA  1 
ATOM   204  C  C   . GLU A 1 47  ? 17.674  6.375   3.267   1.00 24.82 ? 47  GLU A C   1 
ATOM   205  O  O   . GLU A 1 47  ? 17.039  7.399   3.524   1.00 24.96 ? 47  GLU A O   1 
ATOM   206  C  CB  . GLU A 1 47  ? 19.956  5.830   4.197   1.00 25.93 ? 47  GLU A CB  1 
ATOM   207  C  CG  . GLU A 1 47  ? 20.407  7.263   4.428   1.00 28.79 ? 47  GLU A CG  1 
ATOM   208  C  CD  . GLU A 1 47  ? 21.887  7.508   4.116   1.00 30.23 ? 47  GLU A CD  1 
ATOM   209  O  OE1 . GLU A 1 47  ? 22.620  6.562   3.744   1.00 35.68 ? 47  GLU A OE1 1 
ATOM   210  O  OE2 . GLU A 1 47  ? 22.308  8.677   4.250   1.00 35.43 ? 47  GLU A OE2 1 
ATOM   211  N  N   . ARG A 1 48  ? 17.716  5.823   2.054   1.00 24.55 ? 48  ARG A N   1 
ATOM   212  C  CA  . ARG A 1 48  ? 17.046  6.395   0.891   1.00 24.05 ? 48  ARG A CA  1 
ATOM   213  C  C   . ARG A 1 48  ? 15.520  6.379   1.039   1.00 23.04 ? 48  ARG A C   1 
ATOM   214  O  O   . ARG A 1 48  ? 14.866  7.377   0.755   1.00 22.53 ? 48  ARG A O   1 
ATOM   215  C  CB  . ARG A 1 48  ? 17.469  5.644   -0.373  1.00 24.59 ? 48  ARG A CB  1 
ATOM   216  C  CG  . ARG A 1 48  ? 16.811  6.081   -1.690  1.00 27.85 ? 48  ARG A CG  1 
ATOM   217  C  CD  . ARG A 1 48  ? 16.983  7.569   -1.983  1.00 33.09 ? 48  ARG A CD  1 
ATOM   218  N  NE  . ARG A 1 48  ? 16.253  7.952   -3.196  1.00 36.31 ? 48  ARG A NE  1 
ATOM   219  C  CZ  . ARG A 1 48  ? 15.834  9.183   -3.484  1.00 36.85 ? 48  ARG A CZ  1 
ATOM   220  N  NH1 . ARG A 1 48  ? 16.052  10.192  -2.650  1.00 38.14 ? 48  ARG A NH1 1 
ATOM   221  N  NH2 . ARG A 1 48  ? 15.173  9.398   -4.613  1.00 39.38 ? 48  ARG A NH2 1 
ATOM   222  N  N   . GLY A 1 49  ? 14.966  5.236   1.442   1.00 22.23 ? 49  GLY A N   1 
ATOM   223  C  CA  . GLY A 1 49  ? 13.520  5.122   1.645   1.00 21.53 ? 49  GLY A CA  1 
ATOM   224  C  C   . GLY A 1 49  ? 13.032  6.151   2.663   1.00 20.86 ? 49  GLY A C   1 
ATOM   225  O  O   . GLY A 1 49  ? 12.065  6.874   2.404   1.00 20.51 ? 49  GLY A O   1 
ATOM   226  N  N   . ALA A 1 50  ? 13.712  6.216   3.807   1.00 21.69 ? 50  ALA A N   1 
ATOM   227  C  CA  . ALA A 1 50  ? 13.368  7.159   4.883   1.00 23.06 ? 50  ALA A CA  1 
ATOM   228  C  C   . ALA A 1 50  ? 13.439  8.611   4.394   1.00 24.19 ? 50  ALA A C   1 
ATOM   229  O  O   . ALA A 1 50  ? 12.539  9.405   4.683   1.00 24.55 ? 50  ALA A O   1 
ATOM   230  C  CB  . ALA A 1 50  ? 14.274  6.945   6.103   1.00 23.23 ? 50  ALA A CB  1 
ATOM   231  N  N   . GLU A 1 51  ? 14.507  8.934   3.661   1.00 24.82 ? 51  GLU A N   1 
ATOM   232  C  CA  . GLU A 1 51  ? 14.697  10.246  3.005   1.00 26.63 ? 51  GLU A CA  1 
ATOM   233  C  C   . GLU A 1 51  ? 13.476  10.630  2.157   1.00 25.33 ? 51  GLU A C   1 
ATOM   234  O  O   . GLU A 1 51  ? 12.953  11.744  2.269   1.00 25.12 ? 51  GLU A O   1 
ATOM   235  C  CB  . GLU A 1 51  ? 15.993  10.232  2.153   1.00 26.67 ? 51  GLU A CB  1 
ATOM   236  C  CG  . GLU A 1 51  ? 16.106  11.353  1.076   1.00 30.75 ? 51  GLU A CG  1 
ATOM   237  C  CD  . GLU A 1 51  ? 17.417  11.334  0.261   1.00 31.21 ? 51  GLU A CD  1 
ATOM   238  O  OE1 . GLU A 1 51  ? 17.672  10.366  -0.495  1.00 37.14 ? 51  GLU A OE1 1 
ATOM   239  O  OE2 . GLU A 1 51  ? 18.180  12.322  0.346   1.00 38.09 ? 51  GLU A OE2 1 
ATOM   240  N  N   . ARG A 1 52  ? 13.005  9.687   1.342   1.00 23.63 ? 52  ARG A N   1 
ATOM   241  C  CA  . ARG A 1 52  ? 11.911  9.941   0.414   1.00 23.40 ? 52  ARG A CA  1 
ATOM   242  C  C   . ARG A 1 52  ? 10.604  10.201  1.169   1.00 23.09 ? 52  ARG A C   1 
ATOM   243  O  O   . ARG A 1 52  ? 9.826   11.083  0.791   1.00 23.18 ? 52  ARG A O   1 
ATOM   244  C  CB  . ARG A 1 52  ? 11.761  8.771   -0.562  1.00 22.80 ? 52  ARG A CB  1 
ATOM   245  C  CG  . ARG A 1 52  ? 12.950  8.618   -1.528  1.00 22.98 ? 52  ARG A CG  1 
ATOM   246  C  CD  . ARG A 1 52  ? 12.771  7.449   -2.477  1.00 23.26 ? 52  ARG A CD  1 
ATOM   247  N  NE  . ARG A 1 52  ? 11.552  7.623   -3.261  1.00 21.91 ? 52  ARG A NE  1 
ATOM   248  C  CZ  . ARG A 1 52  ? 10.715  6.643   -3.581  1.00 21.73 ? 52  ARG A CZ  1 
ATOM   249  N  NH1 . ARG A 1 52  ? 10.974  5.390   -3.209  1.00 19.96 ? 52  ARG A NH1 1 
ATOM   250  N  NH2 . ARG A 1 52  ? 9.620   6.922   -4.283  1.00 20.96 ? 52  ARG A NH2 1 
ATOM   251  N  N   . ALA A 1 53  ? 10.384  9.432   2.234   1.00 23.20 ? 53  ALA A N   1 
ATOM   252  C  CA  . ALA A 1 53  ? 9.200   9.587   3.072   1.00 23.27 ? 53  ALA A CA  1 
ATOM   253  C  C   . ALA A 1 53  ? 9.227   10.949  3.753   1.00 23.66 ? 53  ALA A C   1 
ATOM   254  O  O   . ALA A 1 53  ? 8.224   11.648  3.748   1.00 22.75 ? 53  ALA A O   1 
ATOM   255  C  CB  . ALA A 1 53  ? 9.119   8.480   4.092   1.00 23.03 ? 53  ALA A CB  1 
ATOM   256  N  N   . ARG A 1 54  ? 10.382  11.318  4.314   1.00 24.14 ? 54  ARG A N   1 
ATOM   257  C  CA  . ARG A 1 54  ? 10.558  12.640  4.929   1.00 25.37 ? 54  ARG A CA  1 
ATOM   258  C  C   . ARG A 1 54  ? 10.323  13.767  3.922   1.00 25.33 ? 54  ARG A C   1 
ATOM   259  O  O   . ARG A 1 54  ? 9.648   14.750  4.237   1.00 25.82 ? 54  ARG A O   1 
ATOM   260  C  CB  . ARG A 1 54  ? 11.937  12.768  5.584   1.00 25.59 ? 54  ARG A CB  1 
ATOM   261  C  CG  . ARG A 1 54  ? 12.107  11.958  6.881   1.00 27.12 ? 54  ARG A CG  1 
ATOM   262  C  CD  . ARG A 1 54  ? 13.267  12.515  7.700   1.00 29.74 ? 54  ARG A CD  1 
ATOM   263  N  NE  . ARG A 1 54  ? 13.826  11.559  8.658   1.00 32.07 ? 54  ARG A NE  1 
ATOM   264  C  CZ  . ARG A 1 54  ? 14.786  10.678  8.384   1.00 33.38 ? 54  ARG A CZ  1 
ATOM   265  N  NH1 . ARG A 1 54  ? 15.313  10.606  7.158   1.00 33.07 ? 54  ARG A NH1 1 
ATOM   266  N  NH2 . ARG A 1 54  ? 15.223  9.859   9.338   1.00 34.37 ? 54  ARG A NH2 1 
ATOM   267  N  N   . GLU A 1 55  ? 10.854  13.619  2.709   1.00 25.56 ? 55  GLU A N   1 
ATOM   268  C  CA  . GLU A 1 55  ? 10.611  14.589  1.626   1.00 26.47 ? 55  GLU A CA  1 
ATOM   269  C  C   . GLU A 1 55  ? 9.130   14.758  1.331   1.00 25.80 ? 55  GLU A C   1 
ATOM   270  O  O   . GLU A 1 55  ? 8.628   15.878  1.221   1.00 25.38 ? 55  GLU A O   1 
ATOM   271  C  CB  . GLU A 1 55  ? 11.348  14.176  0.349   1.00 26.51 ? 55  GLU A CB  1 
ATOM   272  C  CG  . GLU A 1 55  ? 12.838  14.411  0.411   1.00 28.45 ? 55  GLU A CG  1 
ATOM   273  C  CD  . GLU A 1 55  ? 13.591  13.824  -0.774  1.00 29.57 ? 55  GLU A CD  1 
ATOM   274  O  OE1 . GLU A 1 55  ? 12.947  13.362  -1.740  1.00 32.87 ? 55  GLU A OE1 1 
ATOM   275  O  OE2 . GLU A 1 55  ? 14.842  13.838  -0.737  1.00 34.80 ? 55  GLU A OE2 1 
ATOM   276  N  N   . ALA A 1 56  ? 8.424   13.633  1.209   1.00 24.30 ? 56  ALA A N   1 
ATOM   277  C  CA  . ALA A 1 56  ? 6.992   13.663  0.988   1.00 24.13 ? 56  ALA A CA  1 
ATOM   278  C  C   . ALA A 1 56  ? 6.263   14.357  2.137   1.00 23.63 ? 56  ALA A C   1 
ATOM   279  O  O   . ALA A 1 56  ? 5.302   15.079  1.898   1.00 23.87 ? 56  ALA A O   1 
ATOM   280  C  CB  . ALA A 1 56  ? 6.461   12.252  0.794   1.00 23.30 ? 56  ALA A CB  1 
ATOM   281  N  N   . SER A 1 57  ? 6.731   14.141  3.366   1.00 24.05 ? 57  SER A N   1 
ATOM   282  C  CA  . SER A 1 57  ? 6.050   14.640  4.565   1.00 25.04 ? 57  SER A CA  1 
ATOM   283  C  C   . SER A 1 57  ? 5.961   16.161  4.595   1.00 25.97 ? 57  SER A C   1 
ATOM   284  O  O   . SER A 1 57  ? 5.095   16.728  5.255   1.00 25.70 ? 57  SER A O   1 
ATOM   285  C  CB  . SER A 1 57  ? 6.738   14.142  5.838   1.00 24.71 ? 57  SER A CB  1 
ATOM   286  O  OG  . SER A 1 57  ? 7.925   14.881  6.127   1.00 24.39 ? 57  SER A OG  1 
ATOM   287  N  N   . ARG A 1 58  ? 6.873   16.808  3.872   1.00 27.02 ? 58  ARG A N   1 
ATOM   288  C  CA  . ARG A 1 58  ? 6.967   18.257  3.885   1.00 28.83 ? 58  ARG A CA  1 
ATOM   289  C  C   . ARG A 1 58  ? 6.142   18.886  2.762   1.00 29.10 ? 58  ARG A C   1 
ATOM   290  O  O   . ARG A 1 58  ? 6.040   20.116  2.665   1.00 29.64 ? 58  ARG A O   1 
ATOM   291  C  CB  . ARG A 1 58  ? 8.449   18.678  3.884   1.00 28.61 ? 58  ARG A CB  1 
ATOM   292  C  CG  . ARG A 1 58  ? 9.198   18.047  5.058   1.00 29.49 ? 58  ARG A CG  1 
ATOM   293  C  CD  . ARG A 1 58  ? 10.660  18.460  5.162   1.00 30.80 ? 58  ARG A CD  1 
ATOM   294  N  NE  . ARG A 1 58  ? 11.528  17.671  4.294   1.00 33.40 ? 58  ARG A NE  1 
ATOM   295  C  CZ  . ARG A 1 58  ? 12.416  16.766  4.702   1.00 32.22 ? 58  ARG A CZ  1 
ATOM   296  N  NH1 . ARG A 1 58  ? 12.584  16.493  5.991   1.00 31.62 ? 58  ARG A NH1 1 
ATOM   297  N  NH2 . ARG A 1 58  ? 13.153  16.135  3.799   1.00 32.79 ? 58  ARG A NH2 1 
ATOM   298  N  N   . LEU A 1 59  ? 5.516   18.042  1.938   1.00 28.83 ? 59  LEU A N   1 
ATOM   299  C  CA  . LEU A 1 59  ? 4.665   18.512  0.839   1.00 29.10 ? 59  LEU A CA  1 
ATOM   300  C  C   . LEU A 1 59  ? 3.254   18.893  1.324   1.00 29.25 ? 59  LEU A C   1 
ATOM   301  O  O   . LEU A 1 59  ? 2.760   18.313  2.287   1.00 28.75 ? 59  LEU A O   1 
ATOM   302  C  CB  . LEU A 1 59  ? 4.608   17.475  -0.294  1.00 29.05 ? 59  LEU A CB  1 
ATOM   303  C  CG  . LEU A 1 59  ? 5.932   17.068  -0.951  1.00 29.68 ? 59  LEU A CG  1 
ATOM   304  C  CD1 . LEU A 1 59  ? 5.714   15.970  -1.989  1.00 30.12 ? 59  LEU A CD1 1 
ATOM   305  C  CD2 . LEU A 1 59  ? 6.636   18.268  -1.592  1.00 31.49 ? 59  LEU A CD2 1 
ATOM   306  N  N   . PRO A 1 60  ? 2.614   19.890  0.672   1.00 29.69 ? 60  PRO A N   1 
ATOM   307  C  CA  . PRO A 1 60  ? 1.292   20.355  1.117   1.00 29.40 ? 60  PRO A CA  1 
ATOM   308  C  C   . PRO A 1 60  ? 0.258   19.240  1.329   1.00 29.00 ? 60  PRO A C   1 
ATOM   309  O  O   . PRO A 1 60  ? -0.419  19.241  2.351   1.00 28.57 ? 60  PRO A O   1 
ATOM   310  C  CB  . PRO A 1 60  ? 0.857   21.308  -0.005  1.00 29.83 ? 60  PRO A CB  1 
ATOM   311  C  CG  . PRO A 1 60  ? 2.148   21.841  -0.534  1.00 30.49 ? 60  PRO A CG  1 
ATOM   312  C  CD  . PRO A 1 60  ? 3.088   20.659  -0.496  1.00 30.08 ? 60  PRO A CD  1 
ATOM   313  N  N   . TRP A 1 61  ? 0.145   18.304  0.387   1.00 28.97 ? 61  TRP A N   1 
ATOM   314  C  CA  . TRP A 1 61  ? -0.797  17.190  0.538   1.00 28.69 ? 61  TRP A CA  1 
ATOM   315  C  C   . TRP A 1 61  ? -0.544  16.359  1.802   1.00 28.18 ? 61  TRP A C   1 
ATOM   316  O  O   . TRP A 1 61  ? -1.492  15.916  2.466   1.00 28.29 ? 61  TRP A O   1 
ATOM   317  C  CB  . TRP A 1 61  ? -0.825  16.301  -0.712  1.00 28.94 ? 61  TRP A CB  1 
ATOM   318  C  CG  . TRP A 1 61  ? 0.459   15.566  -1.026  1.00 28.71 ? 61  TRP A CG  1 
ATOM   319  C  CD1 . TRP A 1 61  ? 1.400   15.931  -1.946  1.00 28.61 ? 61  TRP A CD1 1 
ATOM   320  C  CD2 . TRP A 1 61  ? 0.919   14.331  -0.451  1.00 28.53 ? 61  TRP A CD2 1 
ATOM   321  N  NE1 . TRP A 1 61  ? 2.421   15.010  -1.973  1.00 28.42 ? 61  TRP A NE1 1 
ATOM   322  C  CE2 . TRP A 1 61  ? 2.156   14.021  -1.063  1.00 28.40 ? 61  TRP A CE2 1 
ATOM   323  C  CE3 . TRP A 1 61  ? 0.412   13.461  0.531   1.00 26.70 ? 61  TRP A CE3 1 
ATOM   324  C  CZ2 . TRP A 1 61  ? 2.895   12.876  -0.730  1.00 28.79 ? 61  TRP A CZ2 1 
ATOM   325  C  CZ3 . TRP A 1 61  ? 1.148   12.321  0.863   1.00 28.15 ? 61  TRP A CZ3 1 
ATOM   326  C  CH2 . TRP A 1 61  ? 2.378   12.041  0.232   1.00 27.96 ? 61  TRP A CH2 1 
ATOM   327  N  N   . ALA A 1 62  ? 0.725   16.163  2.141   1.00 27.34 ? 62  ALA A N   1 
ATOM   328  C  CA  . ALA A 1 62  ? 1.086   15.396  3.326   1.00 27.04 ? 62  ALA A CA  1 
ATOM   329  C  C   . ALA A 1 62  ? 0.841   16.206  4.592   1.00 27.04 ? 62  ALA A C   1 
ATOM   330  O  O   . ALA A 1 62  ? 0.372   15.680  5.590   1.00 26.22 ? 62  ALA A O   1 
ATOM   331  C  CB  . ALA A 1 62  ? 2.530   14.924  3.248   1.00 27.11 ? 62  ALA A CB  1 
ATOM   332  N  N   . LYS A 1 63  ? 1.139   17.501  4.543   1.00 27.03 ? 63  LYS A N   1 
ATOM   333  C  CA  . LYS A 1 63  ? 0.882   18.366  5.694   1.00 27.44 ? 63  LYS A CA  1 
ATOM   334  C  C   . LYS A 1 63  ? -0.610  18.433  6.062   1.00 26.65 ? 63  LYS A C   1 
ATOM   335  O  O   . LYS A 1 63  ? -0.958  18.633  7.227   1.00 27.27 ? 63  LYS A O   1 
ATOM   336  C  CB  . LYS A 1 63  ? 1.460   19.767  5.453   1.00 27.21 ? 63  LYS A CB  1 
ATOM   337  C  CG  . LYS A 1 63  ? 3.006   19.784  5.391   1.00 29.03 ? 63  LYS A CG  1 
ATOM   338  C  CD  . LYS A 1 63  ? 3.582   21.217  5.357   1.00 29.52 ? 63  LYS A CD  1 
ATOM   339  C  CE  . LYS A 1 63  ? 3.478   21.836  3.973   1.00 33.28 ? 63  LYS A CE  1 
ATOM   340  N  NZ  . LYS A 1 63  ? 3.934   23.269  3.966   1.00 35.68 ? 63  LYS A NZ  1 
ATOM   341  N  N   . ALA A 1 64  ? -1.464  18.238  5.062   1.00 25.89 ? 64  ALA A N   1 
ATOM   342  C  CA  . ALA A 1 64  ? -2.922  18.318  5.212   1.00 24.75 ? 64  ALA A CA  1 
ATOM   343  C  C   . ALA A 1 64  ? -3.548  17.037  5.770   1.00 23.81 ? 64  ALA A C   1 
ATOM   344  O  O   . ALA A 1 64  ? -4.694  17.044  6.232   1.00 23.27 ? 64  ALA A O   1 
ATOM   345  C  CB  . ALA A 1 64  ? -3.548  18.676  3.891   1.00 25.28 ? 64  ALA A CB  1 
ATOM   346  N  N   . LEU A 1 65  ? -2.801  15.934  5.744   1.00 23.01 ? 65  LEU A N   1 
ATOM   347  C  CA  . LEU A 1 65  ? -3.340  14.661  6.258   1.00 21.94 ? 65  LEU A CA  1 
ATOM   348  C  C   . LEU A 1 65  ? -3.670  14.714  7.737   1.00 21.93 ? 65  LEU A C   1 
ATOM   349  O  O   . LEU A 1 65  ? -2.929  15.285  8.539   1.00 22.47 ? 65  LEU A O   1 
ATOM   350  C  CB  . LEU A 1 65  ? -2.377  13.492  5.987   1.00 21.78 ? 65  LEU A CB  1 
ATOM   351  C  CG  . LEU A 1 65  ? -2.101  13.171  4.530   1.00 21.49 ? 65  LEU A CG  1 
ATOM   352  C  CD1 . LEU A 1 65  ? -1.062  12.037  4.426   1.00 20.87 ? 65  LEU A CD1 1 
ATOM   353  C  CD2 . LEU A 1 65  ? -3.393  12.800  3.799   1.00 21.13 ? 65  LEU A CD2 1 
ATOM   354  N  N   . ARG A 1 66  ? -4.799  14.109  8.101   1.00 21.57 ? 66  ARG A N   1 
ATOM   355  C  CA  . ARG A 1 66  ? -5.217  14.047  9.498   1.00 21.54 ? 66  ARG A CA  1 
ATOM   356  C  C   . ARG A 1 66  ? -5.283  12.623  10.037  1.00 21.16 ? 66  ARG A C   1 
ATOM   357  O  O   . ARG A 1 66  ? -5.197  12.400  11.243  1.00 21.23 ? 66  ARG A O   1 
ATOM   358  C  CB  . ARG A 1 66  ? -6.521  14.835  9.699   1.00 22.42 ? 66  ARG A CB  1 
ATOM   359  C  CG  . ARG A 1 66  ? -6.256  16.342  9.727   1.00 24.02 ? 66  ARG A CG  1 
ATOM   360  C  CD  . ARG A 1 66  ? -7.504  17.193  9.613   1.00 29.07 ? 66  ARG A CD  1 
ATOM   361  N  NE  . ARG A 1 66  ? -7.202  18.629  9.477   1.00 31.25 ? 66  ARG A NE  1 
ATOM   362  C  CZ  . ARG A 1 66  ? -7.533  19.566  10.373  1.00 32.62 ? 66  ARG A CZ  1 
ATOM   363  N  NH1 . ARG A 1 66  ? -8.170  19.239  11.496  1.00 34.59 ? 66  ARG A NH1 1 
ATOM   364  N  NH2 . ARG A 1 66  ? -7.212  20.833  10.155  1.00 31.63 ? 66  ARG A NH2 1 
ATOM   365  N  N   . ARG A 1 67  ? -5.393  11.645  9.140   1.00 20.69 ? 67  ARG A N   1 
ATOM   366  C  CA  . ARG A 1 67  ? -5.304  10.249  9.548   1.00 20.43 ? 67  ARG A CA  1 
ATOM   367  C  C   . ARG A 1 67  ? -4.517  9.462   8.524   1.00 18.92 ? 67  ARG A C   1 
ATOM   368  O  O   . ARG A 1 67  ? -4.737  9.594   7.332   1.00 18.48 ? 67  ARG A O   1 
ATOM   369  C  CB  . ARG A 1 67  ? -6.668  9.599   9.699   1.00 21.74 ? 67  ARG A CB  1 
ATOM   370  C  CG  . ARG A 1 67  ? -6.576  8.166   10.285  1.00 24.96 ? 67  ARG A CG  1 
ATOM   371  C  CD  . ARG A 1 67  ? -7.929  7.665   10.779  1.00 30.43 ? 67  ARG A CD  1 
ATOM   372  N  NE  . ARG A 1 67  ? -8.366  8.419   11.957  1.00 33.31 ? 67  ARG A NE  1 
ATOM   373  C  CZ  . ARG A 1 67  ? -8.170  8.038   13.218  1.00 35.53 ? 67  ARG A CZ  1 
ATOM   374  N  NH1 . ARG A 1 67  ? -7.552  6.898   13.493  1.00 35.79 ? 67  ARG A NH1 1 
ATOM   375  N  NH2 . ARG A 1 67  ? -8.597  8.804   14.216  1.00 35.65 ? 67  ARG A NH2 1 
ATOM   376  N  N   . ILE A 1 68  ? -3.613  8.649   9.027   1.00 18.82 ? 68  ILE A N   1 
ATOM   377  C  CA  . ILE A 1 68  ? -2.859  7.735   8.183   1.00 18.76 ? 68  ILE A CA  1 
ATOM   378  C  C   . ILE A 1 68  ? -3.121  6.325   8.675   1.00 18.79 ? 68  ILE A C   1 
ATOM   379  O  O   . ILE A 1 68  ? -2.919  6.018   9.855   1.00 19.94 ? 68  ILE A O   1 
ATOM   380  C  CB  . ILE A 1 68  ? -1.343  8.042   8.211   1.00 18.52 ? 68  ILE A CB  1 
ATOM   381  C  CG1 . ILE A 1 68  ? -1.073  9.451   7.667   1.00 18.41 ? 68  ILE A CG1 1 
ATOM   382  C  CG2 . ILE A 1 68  ? -0.575  6.990   7.418   1.00 18.53 ? 68  ILE A CG2 1 
ATOM   383  C  CD1 . ILE A 1 68  ? 0.360   9.930   7.864   1.00 19.59 ? 68  ILE A CD1 1 
ATOM   384  N  N   . VAL A 1 69  ? -3.521  5.453   7.753   1.00 18.51 ? 69  VAL A N   1 
ATOM   385  C  CA  . VAL A 1 69  ? -3.925  4.102   8.113   1.00 18.85 ? 69  VAL A CA  1 
ATOM   386  C  C   . VAL A 1 69  ? -2.894  3.165   7.498   1.00 19.09 ? 69  VAL A C   1 
ATOM   387  O  O   . VAL A 1 69  ? -2.772  3.103   6.287   1.00 19.57 ? 69  VAL A O   1 
ATOM   388  C  CB  . VAL A 1 69  ? -5.318  3.798   7.566   1.00 18.84 ? 69  VAL A CB  1 
ATOM   389  C  CG1 . VAL A 1 69  ? -5.799  2.450   8.064   1.00 20.70 ? 69  VAL A CG1 1 
ATOM   390  C  CG2 . VAL A 1 69  ? -6.296  4.913   7.993   1.00 18.84 ? 69  VAL A CG2 1 
ATOM   391  N  N   . SER A 1 70  ? -2.169  2.464   8.354   1.00 18.83 ? 70  SER A N   1 
ATOM   392  C  CA  . SER A 1 70  ? -1.028  1.641   7.962   1.00 19.70 ? 70  SER A CA  1 
ATOM   393  C  C   . SER A 1 70  ? -1.270  0.162   8.221   1.00 20.17 ? 70  SER A C   1 
ATOM   394  O  O   . SER A 1 70  ? -1.955  -0.219  9.174   1.00 19.61 ? 70  SER A O   1 
ATOM   395  C  CB  . SER A 1 70  ? 0.215   2.108   8.741   1.00 20.06 ? 70  SER A CB  1 
ATOM   396  O  OG  . SER A 1 70  ? 1.352   1.326   8.440   1.00 20.00 ? 70  SER A OG  1 
ATOM   397  N  N   . SER A 1 71  ? -0.691  -0.694  7.378   1.00 20.74 ? 71  SER A N   1 
ATOM   398  C  CA  . SER A 1 71  ? -0.600  -2.102  7.731   1.00 22.15 ? 71  SER A CA  1 
ATOM   399  C  C   . SER A 1 71  ? 0.305   -2.251  8.960   1.00 22.23 ? 71  SER A C   1 
ATOM   400  O  O   . SER A 1 71  ? 1.017   -1.319  9.355   1.00 22.56 ? 71  SER A O   1 
ATOM   401  C  CB  . SER A 1 71  ? -0.057  -2.943  6.557   1.00 22.34 ? 71  SER A CB  1 
ATOM   402  O  OG  . SER A 1 71  ? 1.357   -2.831  6.510   1.00 26.07 ? 71  SER A OG  1 
ATOM   403  N  N   . ALA A 1 72  ? 0.301   -3.430  9.560   1.00 23.18 ? 72  ALA A N   1 
ATOM   404  C  CA  . ALA A 1 72  ? 1.042   -3.636  10.797  1.00 23.86 ? 72  ALA A CA  1 
ATOM   405  C  C   . ALA A 1 72  ? 2.538   -3.958  10.617  1.00 24.85 ? 72  ALA A C   1 
ATOM   406  O  O   . ALA A 1 72  ? 3.254   -4.157  11.595  1.00 25.82 ? 72  ALA A O   1 
ATOM   407  C  CB  . ALA A 1 72  ? 0.342   -4.704  11.643  1.00 24.20 ? 72  ALA A CB  1 
ATOM   408  N  N   . GLU A 1 73  ? 3.011   -4.013  9.373   1.00 25.13 ? 73  GLU A N   1 
ATOM   409  C  CA  . GLU A 1 73  ? 4.406   -4.384  9.092   1.00 25.89 ? 73  GLU A CA  1 
ATOM   410  C  C   . GLU A 1 73  ? 5.320   -3.181  9.409   1.00 25.01 ? 73  GLU A C   1 
ATOM   411  O  O   . GLU A 1 73  ? 4.958   -2.041  9.108   1.00 24.12 ? 73  GLU A O   1 
ATOM   412  C  CB  . GLU A 1 73  ? 4.552   -4.856  7.629   1.00 26.02 ? 73  GLU A CB  1 
ATOM   413  C  CG  . GLU A 1 73  ? 3.491   -5.933  7.184   1.00 29.07 ? 73  GLU A CG  1 
ATOM   414  C  CD  . GLU A 1 73  ? 3.729   -6.556  5.786   1.00 29.63 ? 73  GLU A CD  1 
ATOM   415  O  OE1 . GLU A 1 73  ? 4.883   -6.484  5.291   1.00 34.78 ? 73  GLU A OE1 1 
ATOM   416  O  OE2 . GLU A 1 73  ? 2.763   -7.137  5.181   1.00 29.42 ? 73  GLU A OE2 1 
ATOM   417  N  N   . THR A 1 74  ? 6.480   -3.443  10.014  1.00 24.08 ? 74  THR A N   1 
ATOM   418  C  CA  . THR A 1 74  ? 7.408   -2.389  10.461  1.00 24.07 ? 74  THR A CA  1 
ATOM   419  C  C   . THR A 1 74  ? 7.714   -1.372  9.366   1.00 23.11 ? 74  THR A C   1 
ATOM   420  O  O   . THR A 1 74  ? 7.703   -0.172  9.610   1.00 22.53 ? 74  THR A O   1 
ATOM   421  C  CB  . THR A 1 74  ? 8.723   -2.981  11.017  1.00 24.13 ? 74  THR A CB  1 
ATOM   422  O  OG1 . THR A 1 74  ? 8.406   -3.934  12.036  1.00 26.61 ? 74  THR A OG1 1 
ATOM   423  C  CG2 . THR A 1 74  ? 9.612   -1.906  11.618  1.00 24.79 ? 74  THR A CG2 1 
ATOM   424  N  N   . LYS A 1 75  ? 7.991   -1.854  8.156   1.00 22.13 ? 75  LYS A N   1 
ATOM   425  C  CA  . LYS A 1 75  ? 8.278   -0.945  7.044   1.00 21.83 ? 75  LYS A CA  1 
ATOM   426  C  C   . LYS A 1 75  ? 7.111   -0.006  6.723   1.00 20.76 ? 75  LYS A C   1 
ATOM   427  O  O   . LYS A 1 75  ? 7.319   1.137   6.317   1.00 20.77 ? 75  LYS A O   1 
ATOM   428  C  CB  . LYS A 1 75  ? 8.727   -1.715  5.795   1.00 21.59 ? 75  LYS A CB  1 
ATOM   429  C  CG  . LYS A 1 75  ? 7.749   -2.763  5.285   1.00 22.46 ? 75  LYS A CG  1 
ATOM   430  C  CD  . LYS A 1 75  ? 8.368   -3.513  4.102   1.00 23.39 ? 75  LYS A CD  1 
ATOM   431  C  CE  . LYS A 1 75  ? 8.033   -5.004  4.103   1.00 31.36 ? 75  LYS A CE  1 
ATOM   432  N  NZ  . LYS A 1 75  ? 8.791   -5.742  5.186   1.00 32.56 ? 75  LYS A NZ  1 
ATOM   433  N  N   . ALA A 1 76  ? 5.886   -0.483  6.917   1.00 19.92 ? 76  ALA A N   1 
ATOM   434  C  CA  . ALA A 1 76  ? 4.714   0.349   6.652   1.00 19.19 ? 76  ALA A CA  1 
ATOM   435  C  C   . ALA A 1 76  ? 4.550   1.365   7.775   1.00 19.31 ? 76  ALA A C   1 
ATOM   436  O  O   . ALA A 1 76  ? 4.318   2.540   7.514   1.00 19.15 ? 76  ALA A O   1 
ATOM   437  C  CB  . ALA A 1 76  ? 3.453   -0.506  6.515   1.00 19.16 ? 76  ALA A CB  1 
ATOM   438  N  N   . ILE A 1 77  ? 4.704   0.910   9.013   1.00 19.74 ? 77  ILE A N   1 
ATOM   439  C  CA  . ILE A 1 77  ? 4.547   1.798   10.166  1.00 20.69 ? 77  ILE A CA  1 
ATOM   440  C  C   . ILE A 1 77  ? 5.606   2.908   10.123  1.00 20.34 ? 77  ILE A C   1 
ATOM   441  O  O   . ILE A 1 77  ? 5.292   4.069   10.384  1.00 19.42 ? 77  ILE A O   1 
ATOM   442  C  CB  . ILE A 1 77  ? 4.573   1.022   11.502  1.00 21.05 ? 77  ILE A CB  1 
ATOM   443  C  CG1 . ILE A 1 77  ? 3.392   0.030   11.550  1.00 22.41 ? 77  ILE A CG1 1 
ATOM   444  C  CG2 . ILE A 1 77  ? 4.508   1.998   12.693  1.00 23.30 ? 77  ILE A CG2 1 
ATOM   445  C  CD1 . ILE A 1 77  ? 3.461   -0.977  12.723  1.00 22.31 ? 77  ILE A CD1 1 
ATOM   446  N  N   . GLU A 1 78  ? 6.840   2.549   9.765   1.00 20.22 ? 78  GLU A N   1 
ATOM   447  C  CA  . GLU A 1 78  ? 7.904   3.557   9.638   1.00 20.79 ? 78  GLU A CA  1 
ATOM   448  C  C   . GLU A 1 78  ? 7.565   4.586   8.580   1.00 19.90 ? 78  GLU A C   1 
ATOM   449  O  O   . GLU A 1 78  ? 7.804   5.782   8.767   1.00 20.00 ? 78  GLU A O   1 
ATOM   450  C  CB  . GLU A 1 78  ? 9.258   2.917   9.311   1.00 21.71 ? 78  GLU A CB  1 
ATOM   451  C  CG  . GLU A 1 78  ? 9.923   2.264   10.469  1.00 25.04 ? 78  GLU A CG  1 
ATOM   452  C  CD  . GLU A 1 78  ? 11.447  2.146   10.314  1.00 26.38 ? 78  GLU A CD  1 
ATOM   453  O  OE1 . GLU A 1 78  ? 12.081  1.613   11.250  1.00 30.35 ? 78  GLU A OE1 1 
ATOM   454  O  OE2 . GLU A 1 78  ? 12.011  2.595   9.293   1.00 24.97 ? 78  GLU A OE2 1 
ATOM   455  N  N   . THR A 1 79  ? 7.006   4.131   7.463   1.00 18.96 ? 79  THR A N   1 
ATOM   456  C  CA  . THR A 1 79  ? 6.592   5.037   6.402   1.00 18.23 ? 79  THR A CA  1 
ATOM   457  C  C   . THR A 1 79  ? 5.520   6.013   6.922   1.00 18.03 ? 79  THR A C   1 
ATOM   458  O  O   . THR A 1 79  ? 5.610   7.224   6.709   1.00 17.99 ? 79  THR A O   1 
ATOM   459  C  CB  . THR A 1 79  ? 6.063   4.284   5.172   1.00 17.87 ? 79  THR A CB  1 
ATOM   460  O  OG1 . THR A 1 79  ? 7.047   3.344   4.715   1.00 18.40 ? 79  THR A OG1 1 
ATOM   461  C  CG2 . THR A 1 79  ? 5.738   5.266   4.033   1.00 17.82 ? 79  THR A CG2 1 
ATOM   462  N  N   . ALA A 1 80  ? 4.509   5.469   7.591   1.00 18.06 ? 80  ALA A N   1 
ATOM   463  C  CA  . ALA A 1 80  ? 3.444   6.277   8.194   1.00 18.31 ? 80  ALA A CA  1 
ATOM   464  C  C   . ALA A 1 80  ? 3.985   7.335   9.171   1.00 18.93 ? 80  ALA A C   1 
ATOM   465  O  O   . ALA A 1 80  ? 3.612   8.514   9.085   1.00 18.69 ? 80  ALA A O   1 
ATOM   466  C  CB  . ALA A 1 80  ? 2.444   5.357   8.901   1.00 18.29 ? 80  ALA A CB  1 
ATOM   467  N  N   . HIS A 1 81  ? 4.850   6.911   10.086  1.00 19.97 ? 81  HIS A N   1 
ATOM   468  C  CA  . HIS A 1 81  ? 5.472   7.849   11.033  1.00 22.45 ? 81  HIS A CA  1 
ATOM   469  C  C   . HIS A 1 81  ? 6.267   8.943   10.331  1.00 22.76 ? 81  HIS A C   1 
ATOM   470  O  O   . HIS A 1 81  ? 6.155   10.122  10.696  1.00 22.99 ? 81  HIS A O   1 
ATOM   471  C  CB  . HIS A 1 81  ? 6.390   7.130   12.016  1.00 23.18 ? 81  HIS A CB  1 
ATOM   472  C  CG  . HIS A 1 81  ? 5.670   6.346   13.061  1.00 27.22 ? 81  HIS A CG  1 
ATOM   473  N  ND1 . HIS A 1 81  ? 6.159   5.157   13.555  1.00 31.18 ? 81  HIS A ND1 1 
ATOM   474  C  CD2 . HIS A 1 81  ? 4.514   6.583   13.722  1.00 31.37 ? 81  HIS A CD2 1 
ATOM   475  C  CE1 . HIS A 1 81  ? 5.323   4.686   14.462  1.00 32.31 ? 81  HIS A CE1 1 
ATOM   476  N  NE2 . HIS A 1 81  ? 4.317   5.533   14.585  1.00 32.15 ? 81  HIS A NE2 1 
HETATM 477  N  N   . MSE A 1 82  ? 7.078   8.562   9.344   1.00 23.28 ? 82  MSE A N   1 
HETATM 478  C  CA  . MSE A 1 82  ? 7.854   9.553   8.579   1.00 24.88 ? 82  MSE A CA  1 
HETATM 479  C  C   . MSE A 1 82  ? 6.939   10.532  7.850   1.00 23.80 ? 82  MSE A C   1 
HETATM 480  O  O   . MSE A 1 82  ? 7.164   11.739  7.869   1.00 23.90 ? 82  MSE A O   1 
HETATM 481  C  CB  . MSE A 1 82  ? 8.783   8.887   7.557   1.00 26.64 ? 82  MSE A CB  1 
HETATM 482  C  CG  . MSE A 1 82  ? 9.816   7.978   8.131   1.00 33.26 ? 82  MSE A CG  1 
HETATM 483  SE SE  . MSE A 1 82  ? 11.239  8.926   9.048   1.00 52.17 ? 82  MSE A SE  1 
HETATM 484  C  CE  . MSE A 1 82  ? 12.393  7.362   9.347   1.00 38.47 ? 82  MSE A CE  1 
ATOM   485  N  N   . LEU A 1 83  ? 5.890   10.014  7.220   1.00 22.91 ? 83  LEU A N   1 
ATOM   486  C  CA  . LEU A 1 83  ? 4.950   10.871  6.515   1.00 23.03 ? 83  LEU A CA  1 
ATOM   487  C  C   . LEU A 1 83  ? 4.212   11.852  7.439   1.00 23.14 ? 83  LEU A C   1 
ATOM   488  O  O   . LEU A 1 83  ? 3.745   12.908  6.976   1.00 23.15 ? 83  LEU A O   1 
ATOM   489  C  CB  . LEU A 1 83  ? 3.948   10.030  5.717   1.00 22.78 ? 83  LEU A CB  1 
ATOM   490  C  CG  . LEU A 1 83  ? 4.520   9.441   4.423   1.00 24.47 ? 83  LEU A CG  1 
ATOM   491  C  CD1 . LEU A 1 83  ? 3.611   8.360   3.871   1.00 25.00 ? 83  LEU A CD1 1 
ATOM   492  C  CD2 . LEU A 1 83  ? 4.692   10.541  3.390   1.00 24.60 ? 83  LEU A CD2 1 
ATOM   493  N  N   . ALA A 1 84  ? 4.108   11.493  8.715   1.00 23.40 ? 84  ALA A N   1 
ATOM   494  C  CA  . ALA A 1 84  ? 3.362   12.287  9.702   1.00 24.76 ? 84  ALA A CA  1 
ATOM   495  C  C   . ALA A 1 84  ? 4.255   13.264  10.469  1.00 25.49 ? 84  ALA A C   1 
ATOM   496  O  O   . ALA A 1 84  ? 3.786   13.946  11.388  1.00 24.69 ? 84  ALA A O   1 
ATOM   497  C  CB  . ALA A 1 84  ? 2.644   11.366  10.674  1.00 24.80 ? 84  ALA A CB  1 
ATOM   498  N  N   . GLU A 1 85  ? 5.532   13.351  10.091  1.00 26.79 ? 85  GLU A N   1 
ATOM   499  C  CA  . GLU A 1 85  ? 6.486   14.175  10.875  1.00 28.93 ? 85  GLU A CA  1 
ATOM   500  C  C   . GLU A 1 85  ? 6.138   15.651  10.996  1.00 29.34 ? 85  GLU A C   1 
ATOM   501  O  O   . GLU A 1 85  ? 6.428   16.261  12.024  1.00 30.18 ? 85  GLU A O   1 
ATOM   502  C  CB  . GLU A 1 85  ? 7.915   14.022  10.359  1.00 29.09 ? 85  GLU A CB  1 
ATOM   503  C  CG  . GLU A 1 85  ? 8.462   12.688  10.666  1.00 31.45 ? 85  GLU A CG  1 
ATOM   504  C  CD  . GLU A 1 85  ? 9.967   12.677  10.755  1.00 31.74 ? 85  GLU A CD  1 
ATOM   505  O  OE1 . GLU A 1 85  ? 10.643  13.459  10.056  1.00 34.46 ? 85  GLU A OE1 1 
ATOM   506  O  OE2 . GLU A 1 85  ? 10.448  11.864  11.541  1.00 35.24 ? 85  GLU A OE2 1 
ATOM   507  N  N   . THR A 1 86  ? 5.573   16.232  9.941   1.00 29.91 ? 86  THR A N   1 
ATOM   508  C  CA  . THR A 1 86  ? 5.120   17.619  9.973   1.00 30.77 ? 86  THR A CA  1 
ATOM   509  C  C   . THR A 1 86  ? 3.663   17.724  10.402  1.00 30.21 ? 86  THR A C   1 
ATOM   510  O  O   . THR A 1 86  ? 3.326   18.532  11.269  1.00 30.30 ? 86  THR A O   1 
ATOM   511  C  CB  . THR A 1 86  ? 5.313   18.322  8.611   1.00 31.54 ? 86  THR A CB  1 
ATOM   512  O  OG1 . THR A 1 86  ? 6.713   18.480  8.361   1.00 34.36 ? 86  THR A OG1 1 
ATOM   513  C  CG2 . THR A 1 86  ? 4.640   19.714  8.584   1.00 32.49 ? 86  THR A CG2 1 
ATOM   514  N  N   . SER A 1 87  ? 2.800   16.927  9.771   1.00 28.46 ? 87  SER A N   1 
ATOM   515  C  CA  . SER A 1 87  ? 1.361   16.971  10.034  1.00 27.24 ? 87  SER A CA  1 
ATOM   516  C  C   . SER A 1 87  ? 0.976   16.581  11.467  1.00 26.27 ? 87  SER A C   1 
ATOM   517  O  O   . SER A 1 87  ? 0.053   17.158  12.050  1.00 26.99 ? 87  SER A O   1 
ATOM   518  C  CB  . SER A 1 87  ? 0.639   16.059  9.049   1.00 27.07 ? 87  SER A CB  1 
ATOM   519  O  OG  . SER A 1 87  ? 0.912   14.704  9.383   1.00 24.17 ? 87  SER A OG  1 
ATOM   520  N  N   . GLY A 1 88  ? 1.676   15.607  12.043  1.00 25.54 ? 88  GLY A N   1 
ATOM   521  C  CA  . GLY A 1 88  ? 1.228   14.978  13.287  1.00 24.01 ? 88  GLY A CA  1 
ATOM   522  C  C   . GLY A 1 88  ? -0.093  14.213  13.129  1.00 23.40 ? 88  GLY A C   1 
ATOM   523  O  O   . GLY A 1 88  ? -0.817  14.014  14.109  1.00 23.38 ? 88  GLY A O   1 
ATOM   524  N  N   . ALA A 1 89  ? -0.409  13.804  11.897  1.00 22.64 ? 89  ALA A N   1 
ATOM   525  C  CA  . ALA A 1 89  ? -1.619  13.003  11.607  1.00 22.11 ? 89  ALA A CA  1 
ATOM   526  C  C   . ALA A 1 89  ? -1.711  11.795  12.534  1.00 21.72 ? 89  ALA A C   1 
ATOM   527  O  O   . ALA A 1 89  ? -0.682  11.230  12.915  1.00 22.54 ? 89  ALA A O   1 
ATOM   528  C  CB  . ALA A 1 89  ? -1.617  12.554  10.152  1.00 22.02 ? 89  ALA A CB  1 
ATOM   529  N  N   . ALA A 1 90  ? -2.933  11.398  12.899  1.00 21.38 ? 90  ALA A N   1 
ATOM   530  C  CA  . ALA A 1 90  ? -3.155  10.224  13.746  1.00 20.64 ? 90  ALA A CA  1 
ATOM   531  C  C   . ALA A 1 90  ? -2.835  8.986   12.927  1.00 20.49 ? 90  ALA A C   1 
ATOM   532  O  O   . ALA A 1 90  ? -3.200  8.918   11.765  1.00 21.22 ? 90  ALA A O   1 
ATOM   533  C  CB  . ALA A 1 90  ? -4.610  10.152  14.197  1.00 21.39 ? 90  ALA A CB  1 
ATOM   534  N  N   . ILE A 1 91  ? -2.192  8.009   13.538  1.00 20.09 ? 91  ILE A N   1 
ATOM   535  C  CA  . ILE A 1 91  ? -1.874  6.773   12.812  1.00 20.34 ? 91  ILE A CA  1 
ATOM   536  C  C   . ILE A 1 91  ? -2.690  5.622   13.383  1.00 20.36 ? 91  ILE A C   1 
ATOM   537  O  O   . ILE A 1 91  ? -2.693  5.398   14.593  1.00 20.61 ? 91  ILE A O   1 
ATOM   538  C  CB  . ILE A 1 91  ? -0.371  6.457   12.852  1.00 20.57 ? 91  ILE A CB  1 
ATOM   539  C  CG1 . ILE A 1 91  ? 0.402   7.518   12.046  1.00 22.39 ? 91  ILE A CG1 1 
ATOM   540  C  CG2 . ILE A 1 91  ? -0.067  5.056   12.264  1.00 20.42 ? 91  ILE A CG2 1 
ATOM   541  C  CD1 . ILE A 1 91  ? 1.838   7.664   12.493  1.00 26.22 ? 91  ILE A CD1 1 
ATOM   542  N  N   . GLU A 1 92  ? -3.361  4.894   12.497  1.00 19.89 ? 92  GLU A N   1 
ATOM   543  C  CA  . GLU A 1 92  ? -4.159  3.732   12.875  1.00 20.07 ? 92  GLU A CA  1 
ATOM   544  C  C   . GLU A 1 92  ? -3.536  2.538   12.171  1.00 20.20 ? 92  GLU A C   1 
ATOM   545  O  O   . GLU A 1 92  ? -3.205  2.629   10.981  1.00 20.38 ? 92  GLU A O   1 
ATOM   546  C  CB  . GLU A 1 92  ? -5.600  3.913   12.409  1.00 20.69 ? 92  GLU A CB  1 
ATOM   547  C  CG  . GLU A 1 92  ? -6.542  2.786   12.820  1.00 21.04 ? 92  GLU A CG  1 
ATOM   548  C  CD  . GLU A 1 92  ? -8.011  3.056   12.483  1.00 22.08 ? 92  GLU A CD  1 
ATOM   549  O  OE1 . GLU A 1 92  ? -8.337  4.111   11.884  1.00 26.15 ? 92  GLU A OE1 1 
ATOM   550  O  OE2 . GLU A 1 92  ? -8.848  2.199   12.841  1.00 24.30 ? 92  GLU A OE2 1 
ATOM   551  N  N   . ILE A 1 93  ? -3.352  1.450   12.908  1.00 18.74 ? 93  ILE A N   1 
ATOM   552  C  CA  . ILE A 1 93  ? -2.731  0.241   12.370  1.00 18.57 ? 93  ILE A CA  1 
ATOM   553  C  C   . ILE A 1 93  ? -3.845  -0.783  12.122  1.00 18.79 ? 93  ILE A C   1 
ATOM   554  O  O   . ILE A 1 93  ? -4.660  -1.039  13.016  1.00 18.25 ? 93  ILE A O   1 
ATOM   555  C  CB  . ILE A 1 93  ? -1.709  -0.330  13.381  1.00 19.01 ? 93  ILE A CB  1 
ATOM   556  C  CG1 . ILE A 1 93  ? -0.620  0.703   13.751  1.00 20.51 ? 93  ILE A CG1 1 
ATOM   557  C  CG2 . ILE A 1 93  ? -1.123  -1.643  12.892  1.00 18.80 ? 93  ILE A CG2 1 
ATOM   558  C  CD1 . ILE A 1 93  ? 0.102   1.303   12.584  1.00 23.70 ? 93  ILE A CD1 1 
ATOM   559  N  N   . ILE A 1 94  ? -3.874  -1.355  10.919  1.00 17.91 ? 94  ILE A N   1 
ATOM   560  C  CA  . ILE A 1 94  ? -4.911  -2.303  10.518  1.00 18.07 ? 94  ILE A CA  1 
ATOM   561  C  C   . ILE A 1 94  ? -4.191  -3.551  10.013  1.00 18.71 ? 94  ILE A C   1 
ATOM   562  O  O   . ILE A 1 94  ? -3.613  -3.522  8.925   1.00 18.44 ? 94  ILE A O   1 
ATOM   563  C  CB  . ILE A 1 94  ? -5.801  -1.719  9.387   1.00 18.20 ? 94  ILE A CB  1 
ATOM   564  C  CG1 . ILE A 1 94  ? -6.529  -0.433  9.841   1.00 18.41 ? 94  ILE A CG1 1 
ATOM   565  C  CG2 . ILE A 1 94  ? -6.795  -2.761  8.820   1.00 17.17 ? 94  ILE A CG2 1 
ATOM   566  C  CD1 . ILE A 1 94  ? -7.466  -0.615  11.009  1.00 21.06 ? 94  ILE A CD1 1 
ATOM   567  N  N   . GLU A 1 95  ? -4.204  -4.613  10.815  1.00 19.13 ? 95  GLU A N   1 
ATOM   568  C  CA  . GLU A 1 95  ? -3.587  -5.907  10.459  1.00 21.00 ? 95  GLU A CA  1 
ATOM   569  C  C   . GLU A 1 95  ? -4.028  -6.403  9.069   1.00 20.00 ? 95  GLU A C   1 
ATOM   570  O  O   . GLU A 1 95  ? -3.218  -6.958  8.309   1.00 19.91 ? 95  GLU A O   1 
ATOM   571  C  CB  . GLU A 1 95  ? -3.929  -6.957  11.547  1.00 22.04 ? 95  GLU A CB  1 
ATOM   572  C  CG  . GLU A 1 95  ? -3.524  -8.409  11.238  1.00 26.93 ? 95  GLU A CG  1 
ATOM   573  C  CD  . GLU A 1 95  ? -2.038  -8.591  10.944  1.00 34.56 ? 95  GLU A CD  1 
ATOM   574  O  OE1 . GLU A 1 95  ? -1.209  -7.827  11.490  1.00 37.85 ? 95  GLU A OE1 1 
ATOM   575  O  OE2 . GLU A 1 95  ? -1.690  -9.518  10.167  1.00 38.32 ? 95  GLU A OE2 1 
ATOM   576  N  N   . ALA A 1 96  ? -5.298  -6.183  8.735   1.00 19.14 ? 96  ALA A N   1 
ATOM   577  C  CA  . ALA A 1 96  ? -5.876  -6.692  7.477   1.00 19.58 ? 96  ALA A CA  1 
ATOM   578  C  C   . ALA A 1 96  ? -5.298  -6.060  6.212   1.00 19.88 ? 96  ALA A C   1 
ATOM   579  O  O   . ALA A 1 96  ? -5.615  -6.487  5.097   1.00 19.26 ? 96  ALA A O   1 
ATOM   580  C  CB  . ALA A 1 96  ? -7.390  -6.547  7.479   1.00 19.32 ? 96  ALA A CB  1 
HETATM 581  N  N   . MSE A 1 97  ? -4.465  -5.037  6.375   1.00 20.60 ? 97  MSE A N   1 
HETATM 582  C  CA  . MSE A 1 97  ? -3.860  -4.386  5.219   1.00 24.06 ? 97  MSE A CA  1 
HETATM 583  C  C   . MSE A 1 97  ? -2.537  -5.036  4.784   1.00 22.04 ? 97  MSE A C   1 
HETATM 584  O  O   . MSE A 1 97  ? -1.825  -4.496  3.930   1.00 21.36 ? 97  MSE A O   1 
HETATM 585  C  CB  . MSE A 1 97  ? -3.661  -2.896  5.503   1.00 22.96 ? 97  MSE A CB  1 
HETATM 586  C  CG  . MSE A 1 97  ? -4.932  -2.109  5.413   1.00 26.56 ? 97  MSE A CG  1 
HETATM 587  SE SE  . MSE A 1 97  ? -4.499  -0.257  5.808   1.00 36.81 ? 97  MSE A SE  1 
HETATM 588  C  CE  . MSE A 1 97  ? -3.251  0.114   4.322   1.00 28.67 ? 97  MSE A CE  1 
ATOM   589  N  N   . HIS A 1 98  ? -2.216  -6.191  5.360   1.00 20.48 ? 98  HIS A N   1 
ATOM   590  C  CA  . HIS A 1 98  ? -0.936  -6.858  5.078   1.00 20.63 ? 98  HIS A CA  1 
ATOM   591  C  C   . HIS A 1 98  ? -0.752  -7.207  3.597   1.00 20.12 ? 98  HIS A C   1 
ATOM   592  O  O   . HIS A 1 98  ? -1.718  -7.346  2.865   1.00 19.56 ? 98  HIS A O   1 
ATOM   593  C  CB  . HIS A 1 98  ? -0.736  -8.085  5.978   1.00 20.47 ? 98  HIS A CB  1 
ATOM   594  C  CG  . HIS A 1 98  ? -1.692  -9.212  5.723   1.00 21.54 ? 98  HIS A CG  1 
ATOM   595  N  ND1 . HIS A 1 98  ? -1.511  -10.141 4.713   1.00 22.97 ? 98  HIS A ND1 1 
ATOM   596  C  CD2 . HIS A 1 98  ? -2.812  -9.593  6.387   1.00 21.94 ? 98  HIS A CD2 1 
ATOM   597  C  CE1 . HIS A 1 98  ? -2.492  -11.024 4.751   1.00 23.29 ? 98  HIS A CE1 1 
ATOM   598  N  NE2 . HIS A 1 98  ? -3.297  -10.712 5.755   1.00 21.11 ? 98  HIS A NE2 1 
ATOM   599  N  N   . GLU A 1 99  ? 0.497   -7.347  3.158   1.00 21.15 ? 99  GLU A N   1 
ATOM   600  C  CA  . GLU A 1 99  ? 0.750   -7.717  1.765   1.00 22.27 ? 99  GLU A CA  1 
ATOM   601  C  C   . GLU A 1 99  ? 0.200   -9.115  1.466   1.00 23.23 ? 99  GLU A C   1 
ATOM   602  O  O   . GLU A 1 99  ? 0.038   -9.925  2.372   1.00 23.22 ? 99  GLU A O   1 
ATOM   603  C  CB  . GLU A 1 99  ? 2.253   -7.638  1.438   1.00 22.72 ? 99  GLU A CB  1 
ATOM   604  C  CG  . GLU A 1 99  ? 2.639   -8.004  -0.031  1.00 23.46 ? 99  GLU A CG  1 
ATOM   605  C  CD  . GLU A 1 99  ? 2.031   -7.082  -1.095  1.00 21.44 ? 99  GLU A CD  1 
ATOM   606  O  OE1 . GLU A 1 99  ? 0.801   -7.056  -1.230  1.00 20.51 ? 99  GLU A OE1 1 
ATOM   607  O  OE2 . GLU A 1 99  ? 2.795   -6.383  -1.809  1.00 22.85 ? 99  GLU A OE2 1 
ATOM   608  N  N   . ASN A 1 100 ? -0.125  -9.359  0.198   1.00 24.71 ? 100 ASN A N   1 
ATOM   609  C  CA  . ASN A 1 100 ? -0.432  -10.691 -0.320  1.00 26.51 ? 100 ASN A CA  1 
ATOM   610  C  C   . ASN A 1 100 ? 0.416   -11.720 0.405   1.00 26.76 ? 100 ASN A C   1 
ATOM   611  O  O   . ASN A 1 100 ? 1.637   -11.594 0.440   1.00 26.06 ? 100 ASN A O   1 
ATOM   612  C  CB  . ASN A 1 100 ? -0.124  -10.748 -1.819  1.00 27.49 ? 100 ASN A CB  1 
ATOM   613  C  CG  . ASN A 1 100 ? -0.886  -9.719  -2.611  1.00 29.57 ? 100 ASN A CG  1 
ATOM   614  O  OD1 . ASN A 1 100 ? -1.968  -9.286  -2.212  1.00 31.99 ? 100 ASN A OD1 1 
ATOM   615  N  ND2 . ASN A 1 100 ? -0.336  -9.326  -3.759  1.00 32.45 ? 100 ASN A ND2 1 
ATOM   616  N  N   . ASP A 1 101 ? -0.229  -12.709 1.016   1.00 27.81 ? 101 ASP A N   1 
ATOM   617  C  CA  . ASP A 1 101 ? 0.482   -13.698 1.811   1.00 29.97 ? 101 ASP A CA  1 
ATOM   618  C  C   . ASP A 1 101 ? 1.190   -14.691 0.884   1.00 30.99 ? 101 ASP A C   1 
ATOM   619  O  O   . ASP A 1 101 ? 0.563   -15.295 0.015   1.00 30.36 ? 101 ASP A O   1 
ATOM   620  C  CB  . ASP A 1 101 ? -0.480  -14.432 2.739   1.00 30.30 ? 101 ASP A CB  1 
ATOM   621  C  CG  . ASP A 1 101 ? 0.229   -15.412 3.651   1.00 33.69 ? 101 ASP A CG  1 
ATOM   622  O  OD1 . ASP A 1 101 ? 1.141   -14.992 4.393   1.00 37.81 ? 101 ASP A OD1 1 
ATOM   623  O  OD2 . ASP A 1 101 ? -0.131  -16.609 3.629   1.00 38.87 ? 101 ASP A OD2 1 
ATOM   624  N  N   . ARG A 1 102 ? 2.494   -14.838 1.066   1.00 33.09 ? 102 ARG A N   1 
ATOM   625  C  CA  . ARG A 1 102 ? 3.279   -15.709 0.185   1.00 36.02 ? 102 ARG A CA  1 
ATOM   626  C  C   . ARG A 1 102 ? 4.415   -16.401 0.923   1.00 37.83 ? 102 ARG A C   1 
ATOM   627  O  O   . ARG A 1 102 ? 5.490   -16.667 0.363   1.00 38.54 ? 102 ARG A O   1 
ATOM   628  C  CB  . ARG A 1 102 ? 3.726   -14.967 -1.088  1.00 36.21 ? 102 ARG A CB  1 
ATOM   629  C  CG  . ARG A 1 102 ? 4.704   -13.862 -0.940  1.00 37.80 ? 102 ARG A CG  1 
ATOM   630  C  CD  . ARG A 1 102 ? 4.447   -12.751 -1.952  1.00 39.90 ? 102 ARG A CD  1 
ATOM   631  N  NE  . ARG A 1 102 ? 5.010   -11.512 -1.423  1.00 41.83 ? 102 ARG A NE  1 
ATOM   632  C  CZ  . ARG A 1 102 ? 5.136   -10.361 -2.078  1.00 43.91 ? 102 ARG A CZ  1 
ATOM   633  N  NH1 . ARG A 1 102 ? 4.718   -10.227 -3.335  1.00 45.54 ? 102 ARG A NH1 1 
ATOM   634  N  NH2 . ARG A 1 102 ? 5.684   -9.326  -1.454  1.00 44.54 ? 102 ARG A NH2 1 
ATOM   635  N  N   . SER A 1 103 ? 4.129   -16.715 2.183   1.00 39.21 ? 103 SER A N   1 
ATOM   636  C  CA  . SER A 1 103 ? 5.078   -17.322 3.094   1.00 41.06 ? 103 SER A CA  1 
ATOM   637  C  C   . SER A 1 103 ? 5.234   -18.811 2.820   1.00 42.15 ? 103 SER A C   1 
ATOM   638  O  O   . SER A 1 103 ? 6.271   -19.401 3.137   1.00 42.78 ? 103 SER A O   1 
ATOM   639  C  CB  . SER A 1 103 ? 4.614   -17.115 4.538   1.00 40.98 ? 103 SER A CB  1 
ATOM   640  O  OG  . SER A 1 103 ? 3.279   -17.565 4.718   1.00 41.40 ? 103 SER A OG  1 
ATOM   641  N  N   . ALA A 1 104 ? 4.201   -19.407 2.227   1.00 43.28 ? 104 ALA A N   1 
ATOM   642  C  CA  . ALA A 1 104 ? 4.150   -20.853 2.009   1.00 44.04 ? 104 ALA A CA  1 
ATOM   643  C  C   . ALA A 1 104 ? 5.224   -21.351 1.048   1.00 44.56 ? 104 ALA A C   1 
ATOM   644  O  O   . ALA A 1 104 ? 5.600   -22.526 1.090   1.00 45.26 ? 104 ALA A O   1 
ATOM   645  C  CB  . ALA A 1 104 ? 2.768   -21.266 1.527   1.00 43.88 ? 104 ALA A CB  1 
ATOM   646  N  N   . THR A 1 105 ? 5.731   -20.460 0.199   1.00 45.01 ? 105 THR A N   1 
ATOM   647  C  CA  . THR A 1 105 ? 6.636   -20.860 -0.876  1.00 45.38 ? 105 THR A CA  1 
ATOM   648  C  C   . THR A 1 105 ? 8.079   -21.106 -0.419  1.00 45.32 ? 105 THR A C   1 
ATOM   649  O  O   . THR A 1 105 ? 8.830   -21.859 -1.070  1.00 45.78 ? 105 THR A O   1 
ATOM   650  C  CB  . THR A 1 105 ? 6.581   -19.873 -2.073  1.00 45.51 ? 105 THR A CB  1 
ATOM   651  O  OG1 . THR A 1 105 ? 7.312   -20.411 -3.178  1.00 47.13 ? 105 THR A OG1 1 
ATOM   652  C  CG2 . THR A 1 105 ? 7.141   -18.501 -1.710  1.00 45.40 ? 105 THR A CG2 1 
ATOM   653  N  N   . GLY A 1 106 ? 8.449   -20.499 0.708   1.00 44.65 ? 106 GLY A N   1 
ATOM   654  C  CA  . GLY A 1 106 ? 9.838   -20.448 1.141   1.00 43.93 ? 106 GLY A CA  1 
ATOM   655  C  C   . GLY A 1 106 ? 10.549  -19.457 0.241   1.00 43.58 ? 106 GLY A C   1 
ATOM   656  O  O   . GLY A 1 106 ? 9.904   -18.602 -0.374  1.00 43.70 ? 106 GLY A O   1 
ATOM   657  N  N   . PHE A 1 107 ? 11.868  -19.583 0.142   1.00 42.84 ? 107 PHE A N   1 
ATOM   658  C  CA  . PHE A 1 107 ? 12.661  -18.701 -0.719  1.00 42.26 ? 107 PHE A CA  1 
ATOM   659  C  C   . PHE A 1 107 ? 12.432  -18.954 -2.223  1.00 41.50 ? 107 PHE A C   1 
ATOM   660  O  O   . PHE A 1 107 ? 12.423  -20.101 -2.675  1.00 41.30 ? 107 PHE A O   1 
ATOM   661  C  CB  . PHE A 1 107 ? 14.149  -18.830 -0.378  1.00 42.44 ? 107 PHE A CB  1 
ATOM   662  C  CG  . PHE A 1 107 ? 15.047  -18.081 -1.319  1.00 43.19 ? 107 PHE A CG  1 
ATOM   663  C  CD1 . PHE A 1 107 ? 15.355  -16.746 -1.084  1.00 44.48 ? 107 PHE A CD1 1 
ATOM   664  C  CD2 . PHE A 1 107 ? 15.570  -18.707 -2.446  1.00 43.52 ? 107 PHE A CD2 1 
ATOM   665  C  CE1 . PHE A 1 107 ? 16.173  -16.047 -1.957  1.00 44.63 ? 107 PHE A CE1 1 
ATOM   666  C  CE2 . PHE A 1 107 ? 16.388  -18.023 -3.322  1.00 43.80 ? 107 PHE A CE2 1 
ATOM   667  C  CZ  . PHE A 1 107 ? 16.691  -16.688 -3.081  1.00 44.44 ? 107 PHE A CZ  1 
ATOM   668  N  N   . LEU A 1 108 ? 12.249  -17.868 -2.975  1.00 40.66 ? 108 LEU A N   1 
ATOM   669  C  CA  . LEU A 1 108 ? 12.191  -17.899 -4.442  1.00 39.59 ? 108 LEU A CA  1 
ATOM   670  C  C   . LEU A 1 108 ? 13.144  -16.864 -5.036  1.00 38.58 ? 108 LEU A C   1 
ATOM   671  O  O   . LEU A 1 108 ? 13.033  -15.673 -4.726  1.00 38.98 ? 108 LEU A O   1 
ATOM   672  C  CB  . LEU A 1 108 ? 10.779  -17.586 -4.943  1.00 39.78 ? 108 LEU A CB  1 
ATOM   673  C  CG  . LEU A 1 108 ? 9.637   -18.589 -4.841  1.00 40.05 ? 108 LEU A CG  1 
ATOM   674  C  CD1 . LEU A 1 108 ? 8.348   -17.879 -5.218  1.00 40.02 ? 108 LEU A CD1 1 
ATOM   675  C  CD2 . LEU A 1 108 ? 9.875   -19.788 -5.751  1.00 40.91 ? 108 LEU A CD2 1 
ATOM   676  N  N   . PRO A 1 109 ? 14.084  -17.301 -5.894  1.00 37.52 ? 109 PRO A N   1 
ATOM   677  C  CA  . PRO A 1 109 ? 14.950  -16.330 -6.568  1.00 36.35 ? 109 PRO A CA  1 
ATOM   678  C  C   . PRO A 1 109 ? 14.126  -15.416 -7.480  1.00 35.21 ? 109 PRO A C   1 
ATOM   679  O  O   . PRO A 1 109 ? 13.052  -15.822 -7.926  1.00 34.83 ? 109 PRO A O   1 
ATOM   680  C  CB  . PRO A 1 109 ? 15.914  -17.203 -7.385  1.00 36.56 ? 109 PRO A CB  1 
ATOM   681  C  CG  . PRO A 1 109 ? 15.315  -18.547 -7.423  1.00 36.87 ? 109 PRO A CG  1 
ATOM   682  C  CD  . PRO A 1 109 ? 14.388  -18.694 -6.269  1.00 37.25 ? 109 PRO A CD  1 
ATOM   683  N  N   . PRO A 1 110 ? 14.613  -14.182 -7.734  1.00 34.08 ? 110 PRO A N   1 
ATOM   684  C  CA  . PRO A 1 110 ? 13.853  -13.179 -8.488  1.00 33.39 ? 110 PRO A CA  1 
ATOM   685  C  C   . PRO A 1 110 ? 13.239  -13.627 -9.822  1.00 32.57 ? 110 PRO A C   1 
ATOM   686  O  O   . PRO A 1 110 ? 12.078  -13.288 -10.071 1.00 31.43 ? 110 PRO A O   1 
ATOM   687  C  CB  . PRO A 1 110 ? 14.867  -12.056 -8.716  1.00 33.72 ? 110 PRO A CB  1 
ATOM   688  C  CG  . PRO A 1 110 ? 15.791  -12.167 -7.581  1.00 34.00 ? 110 PRO A CG  1 
ATOM   689  C  CD  . PRO A 1 110 ? 15.915  -13.647 -7.297  1.00 34.47 ? 110 PRO A CD  1 
ATOM   690  N  N   . PRO A 1 111 ? 13.992  -14.373 -10.675 1.00 31.80 ? 111 PRO A N   1 
ATOM   691  C  CA  . PRO A 1 111 ? 13.369  -14.727 -11.962 1.00 31.17 ? 111 PRO A CA  1 
ATOM   692  C  C   . PRO A 1 111 ? 12.116  -15.568 -11.767 1.00 30.43 ? 111 PRO A C   1 
ATOM   693  O  O   . PRO A 1 111 ? 11.114  -15.351 -12.455 1.00 29.81 ? 111 PRO A O   1 
ATOM   694  C  CB  . PRO A 1 111 ? 14.455  -15.550 -12.681 1.00 31.24 ? 111 PRO A CB  1 
ATOM   695  C  CG  . PRO A 1 111 ? 15.736  -15.232 -11.976 1.00 31.58 ? 111 PRO A CG  1 
ATOM   696  C  CD  . PRO A 1 111 ? 15.356  -14.932 -10.557 1.00 32.10 ? 111 PRO A CD  1 
ATOM   697  N  N   . GLU A 1 112 ? 12.182  -16.512 -10.831 1.00 30.31 ? 112 GLU A N   1 
ATOM   698  C  CA  . GLU A 1 112 ? 11.040  -17.358 -10.515 1.00 30.79 ? 112 GLU A CA  1 
ATOM   699  C  C   . GLU A 1 112 ? 9.956   -16.568 -9.791  1.00 30.28 ? 112 GLU A C   1 
ATOM   700  O  O   . GLU A 1 112 ? 8.769   -16.752 -10.063 1.00 29.79 ? 112 GLU A O   1 
ATOM   701  C  CB  . GLU A 1 112 ? 11.453  -18.570 -9.688  1.00 31.44 ? 112 GLU A CB  1 
ATOM   702  C  CG  . GLU A 1 112 ? 12.164  -19.651 -10.500 1.00 34.64 ? 112 GLU A CG  1 
ATOM   703  C  CD  . GLU A 1 112 ? 13.670  -19.618 -10.347 1.00 39.59 ? 112 GLU A CD  1 
ATOM   704  O  OE1 . GLU A 1 112 ? 14.247  -20.651 -9.924  1.00 42.26 ? 112 GLU A OE1 1 
ATOM   705  O  OE2 . GLU A 1 112 ? 14.285  -18.567 -10.638 1.00 42.30 ? 112 GLU A OE2 1 
ATOM   706  N  N   . PHE A 1 113 ? 10.359  -15.687 -8.877  1.00 29.91 ? 113 PHE A N   1 
ATOM   707  C  CA  . PHE A 1 113 ? 9.374   -14.820 -8.232  1.00 29.81 ? 113 PHE A CA  1 
ATOM   708  C  C   . PHE A 1 113 ? 8.545   -14.015 -9.231  1.00 29.29 ? 113 PHE A C   1 
ATOM   709  O  O   . PHE A 1 113 ? 7.316   -13.945 -9.106  1.00 29.41 ? 113 PHE A O   1 
ATOM   710  C  CB  . PHE A 1 113 ? 9.999   -13.852 -7.222  1.00 30.48 ? 113 PHE A CB  1 
ATOM   711  C  CG  . PHE A 1 113 ? 9.005   -12.853 -6.701  1.00 32.04 ? 113 PHE A CG  1 
ATOM   712  C  CD1 . PHE A 1 113 ? 8.146   -13.189 -5.666  1.00 35.05 ? 113 PHE A CD1 1 
ATOM   713  C  CD2 . PHE A 1 113 ? 8.862   -11.608 -7.313  1.00 33.91 ? 113 PHE A CD2 1 
ATOM   714  C  CE1 . PHE A 1 113 ? 7.194   -12.271 -5.209  1.00 36.12 ? 113 PHE A CE1 1 
ATOM   715  C  CE2 . PHE A 1 113 ? 7.919   -10.692 -6.865  1.00 34.57 ? 113 PHE A CE2 1 
ATOM   716  C  CZ  . PHE A 1 113 ? 7.088   -11.023 -5.810  1.00 34.48 ? 113 PHE A CZ  1 
ATOM   717  N  N   . GLU A 1 114 ? 9.206   -13.379 -10.198 1.00 28.90 ? 114 GLU A N   1 
ATOM   718  C  CA  . GLU A 1 114 ? 8.506   -12.574 -11.196 1.00 28.61 ? 114 GLU A CA  1 
ATOM   719  C  C   . GLU A 1 114 ? 7.448   -13.369 -11.955 1.00 27.99 ? 114 GLU A C   1 
ATOM   720  O  O   . GLU A 1 114 ? 6.341   -12.886 -12.158 1.00 27.46 ? 114 GLU A O   1 
ATOM   721  C  CB  . GLU A 1 114 ? 9.481   -11.930 -12.188 1.00 29.49 ? 114 GLU A CB  1 
ATOM   722  C  CG  . GLU A 1 114 ? 10.440  -10.941 -11.575 1.00 31.48 ? 114 GLU A CG  1 
ATOM   723  C  CD  . GLU A 1 114 ? 9.739   -9.785  -10.893 1.00 35.44 ? 114 GLU A CD  1 
ATOM   724  O  OE1 . GLU A 1 114 ? 8.702   -9.317  -11.414 1.00 36.01 ? 114 GLU A OE1 1 
ATOM   725  O  OE2 . GLU A 1 114 ? 10.234  -9.350  -9.834  1.00 38.07 ? 114 GLU A OE2 1 
ATOM   726  N  N   . LYS A 1 115 ? 7.785   -14.589 -12.370 1.00 26.53 ? 115 LYS A N   1 
ATOM   727  C  CA  . LYS A 1 115 ? 6.810   -15.431 -13.052 1.00 26.00 ? 115 LYS A CA  1 
ATOM   728  C  C   . LYS A 1 115 ? 5.696   -15.877 -12.113 1.00 25.06 ? 115 LYS A C   1 
ATOM   729  O  O   . LYS A 1 115 ? 4.543   -15.956 -12.527 1.00 25.50 ? 115 LYS A O   1 
ATOM   730  C  CB  . LYS A 1 115 ? 7.484   -16.643 -13.704 1.00 26.06 ? 115 LYS A CB  1 
ATOM   731  C  CG  . LYS A 1 115 ? 8.484   -16.237 -14.773 1.00 27.41 ? 115 LYS A CG  1 
ATOM   732  C  CD  . LYS A 1 115 ? 9.540   -17.316 -14.992 1.00 32.22 ? 115 LYS A CD  1 
ATOM   733  C  CE  . LYS A 1 115 ? 9.291   -18.083 -16.267 1.00 34.14 ? 115 LYS A CE  1 
ATOM   734  N  NZ  . LYS A 1 115 ? 10.551  -18.760 -16.695 1.00 33.88 ? 115 LYS A NZ  1 
ATOM   735  N  N   . ALA A 1 116 ? 6.051   -16.184 -10.868 1.00 24.88 ? 116 ALA A N   1 
ATOM   736  C  CA  . ALA A 1 116 ? 5.077   -16.555 -9.840  1.00 24.70 ? 116 ALA A CA  1 
ATOM   737  C  C   . ALA A 1 116 ? 4.115   -15.383 -9.592  1.00 25.02 ? 116 ALA A C   1 
ATOM   738  O  O   . ALA A 1 116 ? 2.903   -15.581 -9.491  1.00 24.47 ? 116 ALA A O   1 
ATOM   739  C  CB  . ALA A 1 116 ? 5.782   -16.958 -8.563  1.00 24.77 ? 116 ALA A CB  1 
ATOM   740  N  N   . ALA A 1 117 ? 4.668   -14.168 -9.529  1.00 25.61 ? 117 ALA A N   1 
ATOM   741  C  CA  . ALA A 1 117 ? 3.847   -12.951 -9.378  1.00 26.06 ? 117 ALA A CA  1 
ATOM   742  C  C   . ALA A 1 117 ? 2.906   -12.795 -10.568 1.00 26.71 ? 117 ALA A C   1 
ATOM   743  O  O   . ALA A 1 117 ? 1.701   -12.588 -10.386 1.00 26.84 ? 117 ALA A O   1 
ATOM   744  C  CB  . ALA A 1 117 ? 4.726   -11.721 -9.209  1.00 26.50 ? 117 ALA A CB  1 
ATOM   745  N  N   . ASP A 1 118 ? 3.448   -12.926 -11.783 1.00 26.31 ? 118 ASP A N   1 
ATOM   746  C  CA  . ASP A 1 118 ? 2.625   -12.934 -12.996 1.00 26.80 ? 118 ASP A CA  1 
ATOM   747  C  C   . ASP A 1 118 ? 1.494   -13.946 -12.874 1.00 26.08 ? 118 ASP A C   1 
ATOM   748  O  O   . ASP A 1 118 ? 0.357   -13.630 -13.181 1.00 26.22 ? 118 ASP A O   1 
ATOM   749  C  CB  . ASP A 1 118 ? 3.454   -13.281 -14.250 1.00 27.26 ? 118 ASP A CB  1 
ATOM   750  C  CG  . ASP A 1 118 ? 4.349   -12.147 -14.720 1.00 29.37 ? 118 ASP A CG  1 
ATOM   751  O  OD1 . ASP A 1 118 ? 4.242   -11.005 -14.228 1.00 31.23 ? 118 ASP A OD1 1 
ATOM   752  O  OD2 . ASP A 1 118 ? 5.175   -12.410 -15.621 1.00 31.38 ? 118 ASP A OD2 1 
ATOM   753  N  N   . TRP A 1 119 ? 1.818   -15.161 -12.431 1.00 25.90 ? 119 TRP A N   1 
ATOM   754  C  CA  . TRP A 1 119 ? 0.846   -16.250 -12.299 1.00 25.68 ? 119 TRP A CA  1 
ATOM   755  C  C   . TRP A 1 119 ? -0.245  -15.876 -11.294 1.00 25.40 ? 119 TRP A C   1 
ATOM   756  O  O   . TRP A 1 119 ? -1.437  -16.078 -11.552 1.00 25.77 ? 119 TRP A O   1 
ATOM   757  C  CB  . TRP A 1 119 ? 1.547   -17.545 -11.852 1.00 26.30 ? 119 TRP A CB  1 
ATOM   758  C  CG  . TRP A 1 119 ? 0.749   -18.809 -12.095 1.00 27.22 ? 119 TRP A CG  1 
ATOM   759  C  CD1 . TRP A 1 119 ? 0.858   -19.659 -13.170 1.00 28.80 ? 119 TRP A CD1 1 
ATOM   760  C  CD2 . TRP A 1 119 ? -0.264  -19.366 -11.247 1.00 28.68 ? 119 TRP A CD2 1 
ATOM   761  N  NE1 . TRP A 1 119 ? -0.031  -20.702 -13.042 1.00 29.00 ? 119 TRP A NE1 1 
ATOM   762  C  CE2 . TRP A 1 119 ? -0.733  -20.549 -11.874 1.00 28.47 ? 119 TRP A CE2 1 
ATOM   763  C  CE3 . TRP A 1 119 ? -0.830  -18.979 -10.023 1.00 28.16 ? 119 TRP A CE3 1 
ATOM   764  C  CZ2 . TRP A 1 119 ? -1.740  -21.346 -11.316 1.00 28.74 ? 119 TRP A CZ2 1 
ATOM   765  C  CZ3 . TRP A 1 119 ? -1.839  -19.777 -9.470  1.00 28.49 ? 119 TRP A CZ3 1 
ATOM   766  C  CH2 . TRP A 1 119 ? -2.280  -20.946 -10.118 1.00 28.68 ? 119 TRP A CH2 1 
ATOM   767  N  N   . PHE A 1 120 ? 0.184   -15.334 -10.155 1.00 24.61 ? 120 PHE A N   1 
ATOM   768  C  CA  . PHE A 1 120 ? -0.717  -14.870 -9.091  1.00 23.85 ? 120 PHE A CA  1 
ATOM   769  C  C   . PHE A 1 120 ? -1.815  -13.960 -9.655  1.00 24.03 ? 120 PHE A C   1 
ATOM   770  O  O   . PHE A 1 120 ? -3.002  -14.161 -9.397  1.00 23.25 ? 120 PHE A O   1 
ATOM   771  C  CB  . PHE A 1 120 ? 0.121   -14.166 -8.022  1.00 23.43 ? 120 PHE A CB  1 
ATOM   772  C  CG  . PHE A 1 120 ? -0.678  -13.379 -7.008  1.00 22.93 ? 120 PHE A CG  1 
ATOM   773  C  CD1 . PHE A 1 120 ? -1.231  -14.004 -5.894  1.00 21.73 ? 120 PHE A CD1 1 
ATOM   774  C  CD2 . PHE A 1 120 ? -0.841  -12.000 -7.161  1.00 22.99 ? 120 PHE A CD2 1 
ATOM   775  C  CE1 . PHE A 1 120 ? -1.936  -13.266 -4.950  1.00 21.57 ? 120 PHE A CE1 1 
ATOM   776  C  CE2 . PHE A 1 120 ? -1.567  -11.255 -6.226  1.00 22.20 ? 120 PHE A CE2 1 
ATOM   777  C  CZ  . PHE A 1 120 ? -2.099  -11.882 -5.119  1.00 22.77 ? 120 PHE A CZ  1 
ATOM   778  N  N   . PHE A 1 121 ? -1.411  -12.969 -10.441 1.00 24.12 ? 121 PHE A N   1 
ATOM   779  C  CA  . PHE A 1 121 ? -2.365  -12.049 -11.044 1.00 25.30 ? 121 PHE A CA  1 
ATOM   780  C  C   . PHE A 1 121 ? -3.160  -12.682 -12.176 1.00 25.85 ? 121 PHE A C   1 
ATOM   781  O  O   . PHE A 1 121 ? -4.337  -12.373 -12.347 1.00 25.87 ? 121 PHE A O   1 
ATOM   782  C  CB  . PHE A 1 121 ? -1.665  -10.794 -11.549 1.00 25.28 ? 121 PHE A CB  1 
ATOM   783  C  CG  . PHE A 1 121 ? -1.227  -9.866  -10.463 1.00 25.94 ? 121 PHE A CG  1 
ATOM   784  C  CD1 . PHE A 1 121 ? -2.124  -8.953  -9.907  1.00 26.79 ? 121 PHE A CD1 1 
ATOM   785  C  CD2 . PHE A 1 121 ? 0.083   -9.873  -10.013 1.00 26.08 ? 121 PHE A CD2 1 
ATOM   786  C  CE1 . PHE A 1 121 ? -1.712  -8.071  -8.899  1.00 27.25 ? 121 PHE A CE1 1 
ATOM   787  C  CE2 . PHE A 1 121 ? 0.503   -9.001  -9.010  1.00 27.08 ? 121 PHE A CE2 1 
ATOM   788  C  CZ  . PHE A 1 121 ? -0.400  -8.097  -8.456  1.00 26.35 ? 121 PHE A CZ  1 
ATOM   789  N  N   . ALA A 1 122 ? -2.517  -13.562 -12.949 1.00 26.35 ? 122 ALA A N   1 
ATOM   790  C  CA  . ALA A 1 122 ? -3.159  -14.169 -14.117 1.00 26.70 ? 122 ALA A CA  1 
ATOM   791  C  C   . ALA A 1 122 ? -4.222  -15.191 -13.748 1.00 26.87 ? 122 ALA A C   1 
ATOM   792  O  O   . ALA A 1 122 ? -5.156  -15.425 -14.517 1.00 27.38 ? 122 ALA A O   1 
ATOM   793  C  CB  . ALA A 1 122 ? -2.110  -14.803 -15.048 1.00 26.79 ? 122 ALA A CB  1 
ATOM   794  N  N   . HIS A 1 123 ? -4.069  -15.810 -12.582 1.00 26.67 ? 123 HIS A N   1 
ATOM   795  C  CA  . HIS A 1 123 ? -4.984  -16.859 -12.121 1.00 27.33 ? 123 HIS A CA  1 
ATOM   796  C  C   . HIS A 1 123 ? -5.514  -16.510 -10.729 1.00 27.06 ? 123 HIS A C   1 
ATOM   797  O  O   . HIS A 1 123 ? -5.179  -17.178 -9.751  1.00 26.88 ? 123 HIS A O   1 
ATOM   798  C  CB  . HIS A 1 123 ? -4.271  -18.217 -12.087 1.00 27.75 ? 123 HIS A CB  1 
ATOM   799  C  CG  . HIS A 1 123 ? -3.608  -18.582 -13.379 1.00 30.04 ? 123 HIS A CG  1 
ATOM   800  N  ND1 . HIS A 1 123 ? -4.268  -19.247 -14.391 1.00 33.50 ? 123 HIS A ND1 1 
ATOM   801  C  CD2 . HIS A 1 123 ? -2.349  -18.365 -13.830 1.00 31.23 ? 123 HIS A CD2 1 
ATOM   802  C  CE1 . HIS A 1 123 ? -3.441  -19.427 -15.409 1.00 32.91 ? 123 HIS A CE1 1 
ATOM   803  N  NE2 . HIS A 1 123 ? -2.273  -18.902 -15.094 1.00 32.29 ? 123 HIS A NE2 1 
ATOM   804  N  N   . PRO A 1 124 ? -6.340  -15.450 -10.635 1.00 27.64 ? 124 PRO A N   1 
ATOM   805  C  CA  . PRO A 1 124 ? -6.761  -14.924 -9.330  1.00 27.57 ? 124 PRO A CA  1 
ATOM   806  C  C   . PRO A 1 124 ? -7.613  -15.870 -8.488  1.00 28.09 ? 124 PRO A C   1 
ATOM   807  O  O   . PRO A 1 124 ? -7.636  -15.738 -7.268  1.00 27.54 ? 124 PRO A O   1 
ATOM   808  C  CB  . PRO A 1 124 ? -7.546  -13.660 -9.688  1.00 27.84 ? 124 PRO A CB  1 
ATOM   809  C  CG  . PRO A 1 124 ? -7.974  -13.840 -11.087 1.00 28.24 ? 124 PRO A CG  1 
ATOM   810  C  CD  . PRO A 1 124 ? -6.907  -14.670 -11.749 1.00 27.18 ? 124 PRO A CD  1 
ATOM   811  N  N   . GLU A 1 125 ? -8.283  -16.834 -9.122  1.00 28.70 ? 125 GLU A N   1 
ATOM   812  C  CA  . GLU A 1 125 ? -9.141  -17.757 -8.383  1.00 29.80 ? 125 GLU A CA  1 
ATOM   813  C  C   . GLU A 1 125 ? -8.415  -19.021 -7.945  1.00 29.40 ? 125 GLU A C   1 
ATOM   814  O  O   . GLU A 1 125 ? -9.024  -19.940 -7.395  1.00 29.58 ? 125 GLU A O   1 
ATOM   815  C  CB  . GLU A 1 125 ? -10.407 -18.082 -9.188  1.00 30.54 ? 125 GLU A CB  1 
ATOM   816  C  CG  . GLU A 1 125 ? -11.493 -17.030 -9.028  1.00 34.56 ? 125 GLU A CG  1 
ATOM   817  C  CD  . GLU A 1 125 ? -12.517 -17.063 -10.144 1.00 40.42 ? 125 GLU A CD  1 
ATOM   818  O  OE1 . GLU A 1 125 ? -12.839 -15.981 -10.690 1.00 43.74 ? 125 GLU A OE1 1 
ATOM   819  O  OE2 . GLU A 1 125 ? -12.995 -18.168 -10.483 1.00 43.37 ? 125 GLU A OE2 1 
ATOM   820  N  N   . GLU A 1 126 ? -7.103  -19.049 -8.167  1.00 29.13 ? 126 GLU A N   1 
ATOM   821  C  CA  . GLU A 1 126 ? -6.277  -20.200 -7.824  1.00 29.43 ? 126 GLU A CA  1 
ATOM   822  C  C   . GLU A 1 126 ? -5.123  -19.785 -6.912  1.00 27.90 ? 126 GLU A C   1 
ATOM   823  O  O   . GLU A 1 126 ? -4.657  -18.651 -6.976  1.00 27.28 ? 126 GLU A O   1 
ATOM   824  C  CB  . GLU A 1 126 ? -5.731  -20.855 -9.099  1.00 29.15 ? 126 GLU A CB  1 
ATOM   825  C  CG  . GLU A 1 126 ? -6.815  -21.362 -10.056 1.00 31.66 ? 126 GLU A CG  1 
ATOM   826  C  CD  . GLU A 1 126 ? -6.275  -21.752 -11.423 1.00 33.10 ? 126 GLU A CD  1 
ATOM   827  O  OE1 . GLU A 1 126 ? -5.457  -22.699 -11.498 1.00 37.49 ? 126 GLU A OE1 1 
ATOM   828  O  OE2 . GLU A 1 126 ? -6.671  -21.109 -12.426 1.00 39.72 ? 126 GLU A OE2 1 
ATOM   829  N  N   . SER A 1 127 ? -4.668  -20.712 -6.079  1.00 26.93 ? 127 SER A N   1 
ATOM   830  C  CA  . SER A 1 127 ? -3.541  -20.468 -5.188  1.00 25.89 ? 127 SER A CA  1 
ATOM   831  C  C   . SER A 1 127 ? -2.212  -20.942 -5.768  1.00 25.75 ? 127 SER A C   1 
ATOM   832  O  O   . SER A 1 127 ? -2.042  -22.125 -6.106  1.00 25.21 ? 127 SER A O   1 
ATOM   833  C  CB  . SER A 1 127 ? -3.757  -21.142 -3.839  1.00 25.79 ? 127 SER A CB  1 
ATOM   834  O  OG  . SER A 1 127 ? -2.576  -21.075 -3.057  1.00 25.80 ? 127 SER A OG  1 
ATOM   835  N  N   . PHE A 1 128 ? -1.262  -20.020 -5.862  1.00 24.86 ? 128 PHE A N   1 
ATOM   836  C  CA  . PHE A 1 128 ? 0.083   -20.410 -6.215  1.00 24.74 ? 128 PHE A CA  1 
ATOM   837  C  C   . PHE A 1 128 ? 0.835   -20.935 -4.998  1.00 24.96 ? 128 PHE A C   1 
ATOM   838  O  O   . PHE A 1 128 ? 1.133   -20.175 -4.086  1.00 24.73 ? 128 PHE A O   1 
ATOM   839  C  CB  . PHE A 1 128 ? 0.862   -19.256 -6.854  1.00 24.75 ? 128 PHE A CB  1 
ATOM   840  C  CG  . PHE A 1 128 ? 2.198   -19.684 -7.393  1.00 24.13 ? 128 PHE A CG  1 
ATOM   841  C  CD1 . PHE A 1 128 ? 2.300   -20.265 -8.660  1.00 25.04 ? 128 PHE A CD1 1 
ATOM   842  C  CD2 . PHE A 1 128 ? 3.346   -19.547 -6.622  1.00 24.21 ? 128 PHE A CD2 1 
ATOM   843  C  CE1 . PHE A 1 128 ? 3.538   -20.687 -9.144  1.00 24.76 ? 128 PHE A CE1 1 
ATOM   844  C  CE2 . PHE A 1 128 ? 4.584   -19.955 -7.099  1.00 25.65 ? 128 PHE A CE2 1 
ATOM   845  C  CZ  . PHE A 1 128 ? 4.678   -20.530 -8.366  1.00 24.72 ? 128 PHE A CZ  1 
ATOM   846  N  N   . GLN A 1 129 ? 1.137   -22.239 -4.981  1.00 25.52 ? 129 GLN A N   1 
ATOM   847  C  CA  . GLN A 1 129 ? 2.005   -22.832 -3.948  1.00 25.90 ? 129 GLN A CA  1 
ATOM   848  C  C   . GLN A 1 129 ? 1.554   -22.551 -2.500  1.00 26.17 ? 129 GLN A C   1 
ATOM   849  O  O   . GLN A 1 129 ? 2.380   -22.451 -1.587  1.00 26.83 ? 129 GLN A O   1 
ATOM   850  C  CB  . GLN A 1 129 ? 3.446   -22.356 -4.141  1.00 26.09 ? 129 GLN A CB  1 
ATOM   851  C  CG  . GLN A 1 129 ? 4.119   -22.908 -5.401  1.00 26.11 ? 129 GLN A CG  1 
ATOM   852  C  CD  . GLN A 1 129 ? 4.589   -24.333 -5.227  1.00 28.37 ? 129 GLN A CD  1 
ATOM   853  O  OE1 . GLN A 1 129 ? 4.888   -24.769 -4.116  1.00 28.39 ? 129 GLN A OE1 1 
ATOM   854  N  NE2 . GLN A 1 129 ? 4.667   -25.070 -6.333  1.00 26.34 ? 129 GLN A NE2 1 
ATOM   855  N  N   . GLY A 1 130 ? 0.250   -22.432 -2.301  1.00 25.90 ? 130 GLY A N   1 
ATOM   856  C  CA  . GLY A 1 130 ? -0.280  -22.119 -0.978  1.00 25.36 ? 130 GLY A CA  1 
ATOM   857  C  C   . GLY A 1 130 ? -0.323  -20.632 -0.672  1.00 25.30 ? 130 GLY A C   1 
ATOM   858  O  O   . GLY A 1 130 ? -0.724  -20.240 0.435   1.00 25.23 ? 130 GLY A O   1 
ATOM   859  N  N   . TRP A 1 131 ? 0.093   -19.805 -1.632  1.00 24.29 ? 131 TRP A N   1 
ATOM   860  C  CA  . TRP A 1 131 ? -0.041  -18.341 -1.508  1.00 23.97 ? 131 TRP A CA  1 
ATOM   861  C  C   . TRP A 1 131 ? -1.499  -17.974 -1.376  1.00 22.98 ? 131 TRP A C   1 
ATOM   862  O  O   . TRP A 1 131 ? -2.379  -18.694 -1.839  1.00 22.89 ? 131 TRP A O   1 
ATOM   863  C  CB  . TRP A 1 131 ? 0.490   -17.623 -2.752  1.00 23.90 ? 131 TRP A CB  1 
ATOM   864  C  CG  . TRP A 1 131 ? 1.982   -17.543 -2.875  1.00 24.33 ? 131 TRP A CG  1 
ATOM   865  C  CD1 . TRP A 1 131 ? 2.904   -18.200 -2.120  1.00 25.41 ? 131 TRP A CD1 1 
ATOM   866  C  CD2 . TRP A 1 131 ? 2.711   -16.795 -3.847  1.00 24.05 ? 131 TRP A CD2 1 
ATOM   867  N  NE1 . TRP A 1 131 ? 4.165   -17.887 -2.544  1.00 26.38 ? 131 TRP A NE1 1 
ATOM   868  C  CE2 . TRP A 1 131 ? 4.081   -17.025 -3.604  1.00 25.73 ? 131 TRP A CE2 1 
ATOM   869  C  CE3 . TRP A 1 131 ? 2.338   -15.930 -4.887  1.00 24.36 ? 131 TRP A CE3 1 
ATOM   870  C  CZ2 . TRP A 1 131 ? 5.093   -16.433 -4.368  1.00 25.69 ? 131 TRP A CZ2 1 
ATOM   871  C  CZ3 . TRP A 1 131 ? 3.342   -15.333 -5.651  1.00 25.58 ? 131 TRP A CZ3 1 
ATOM   872  C  CH2 . TRP A 1 131 ? 4.707   -15.589 -5.383  1.00 25.50 ? 131 TRP A CH2 1 
ATOM   873  N  N   . GLU A 1 132 ? -1.763  -16.828 -0.757  1.00 22.04 ? 132 GLU A N   1 
ATOM   874  C  CA  . GLU A 1 132 ? -3.100  -16.271 -0.789  1.00 21.47 ? 132 GLU A CA  1 
ATOM   875  C  C   . GLU A 1 132 ? -3.534  -16.131 -2.254  1.00 21.41 ? 132 GLU A C   1 
ATOM   876  O  O   . GLU A 1 132 ? -2.745  -15.715 -3.093  1.00 21.21 ? 132 GLU A O   1 
ATOM   877  C  CB  . GLU A 1 132 ? -3.078  -14.899 -0.090  1.00 21.25 ? 132 GLU A CB  1 
ATOM   878  C  CG  . GLU A 1 132 ? -4.434  -14.294 0.157   1.00 20.95 ? 132 GLU A CG  1 
ATOM   879  C  CD  . GLU A 1 132 ? -4.352  -12.999 0.977   1.00 21.33 ? 132 GLU A CD  1 
ATOM   880  O  OE1 . GLU A 1 132 ? -3.238  -12.433 1.122   1.00 21.60 ? 132 GLU A OE1 1 
ATOM   881  O  OE2 . GLU A 1 132 ? -5.413  -12.562 1.473   1.00 21.97 ? 132 GLU A OE2 1 
ATOM   882  N  N   . ARG A 1 133 ? -4.778  -16.508 -2.571  1.00 21.42 ? 133 ARG A N   1 
ATOM   883  C  CA  . ARG A 1 133 ? -5.327  -16.272 -3.906  1.00 21.65 ? 133 ARG A CA  1 
ATOM   884  C  C   . ARG A 1 133 ? -5.451  -14.771 -4.141  1.00 21.48 ? 133 ARG A C   1 
ATOM   885  O  O   . ARG A 1 133 ? -5.822  -14.039 -3.219  1.00 21.58 ? 133 ARG A O   1 
ATOM   886  C  CB  . ARG A 1 133 ? -6.713  -16.910 -4.047  1.00 22.30 ? 133 ARG A CB  1 
ATOM   887  C  CG  . ARG A 1 133 ? -6.751  -18.431 -3.865  1.00 23.27 ? 133 ARG A CG  1 
ATOM   888  C  CD  . ARG A 1 133 ? -8.082  -18.988 -4.376  1.00 27.50 ? 133 ARG A CD  1 
ATOM   889  N  NE  . ARG A 1 133 ? -9.244  -18.370 -3.729  1.00 29.15 ? 133 ARG A NE  1 
ATOM   890  C  CZ  . ARG A 1 133 ? -10.503 -18.436 -4.168  1.00 30.21 ? 133 ARG A CZ  1 
ATOM   891  N  NH1 . ARG A 1 133 ? -10.817 -19.079 -5.294  1.00 30.02 ? 133 ARG A NH1 1 
ATOM   892  N  NH2 . ARG A 1 133 ? -11.463 -17.837 -3.476  1.00 29.95 ? 133 ARG A NH2 1 
ATOM   893  N  N   . ALA A 1 134 ? -5.153  -14.303 -5.351  1.00 21.70 ? 134 ALA A N   1 
ATOM   894  C  CA  . ALA A 1 134 ? -5.351  -12.871 -5.682  1.00 21.28 ? 134 ALA A CA  1 
ATOM   895  C  C   . ALA A 1 134 ? -6.789  -12.403 -5.455  1.00 21.41 ? 134 ALA A C   1 
ATOM   896  O  O   . ALA A 1 134 ? -7.014  -11.310 -4.935  1.00 20.43 ? 134 ALA A O   1 
ATOM   897  C  CB  . ALA A 1 134 ? -4.901  -12.552 -7.103  1.00 21.64 ? 134 ALA A CB  1 
ATOM   898  N  N   . ILE A 1 135 ? -7.765  -13.241 -5.802  1.00 21.67 ? 135 ILE A N   1 
ATOM   899  C  CA  . ILE A 1 135 ? -9.164  -12.879 -5.558  1.00 22.08 ? 135 ILE A CA  1 
ATOM   900  C  C   . ILE A 1 135 ? -9.453  -12.651 -4.064  1.00 21.60 ? 135 ILE A C   1 
ATOM   901  O  O   . ILE A 1 135 ? -10.213 -11.742 -3.706  1.00 22.46 ? 135 ILE A O   1 
ATOM   902  C  CB  . ILE A 1 135 ? -10.155 -13.906 -6.196  1.00 22.43 ? 135 ILE A CB  1 
ATOM   903  C  CG1 . ILE A 1 135 ? -11.533 -13.271 -6.378  1.00 23.63 ? 135 ILE A CG1 1 
ATOM   904  C  CG2 . ILE A 1 135 ? -10.206 -15.204 -5.407  1.00 22.29 ? 135 ILE A CG2 1 
ATOM   905  C  CD1 . ILE A 1 135 ? -11.572 -12.245 -7.482  1.00 26.18 ? 135 ILE A CD1 1 
ATOM   906  N  N   . ASP A 1 136 ? -8.835  -13.465 -3.216  1.00 21.20 ? 136 ASP A N   1 
ATOM   907  C  CA  . ASP A 1 136 ? -8.983  -13.382 -1.769  1.00 21.26 ? 136 ASP A CA  1 
ATOM   908  C  C   . ASP A 1 136 ? -8.233  -12.188 -1.186  1.00 21.05 ? 136 ASP A C   1 
ATOM   909  O  O   . ASP A 1 136 ? -8.764  -11.474 -0.330  1.00 21.01 ? 136 ASP A O   1 
ATOM   910  C  CB  . ASP A 1 136 ? -8.502  -14.670 -1.108  1.00 21.37 ? 136 ASP A CB  1 
ATOM   911  C  CG  . ASP A 1 136 ? -9.442  -15.854 -1.363  1.00 23.57 ? 136 ASP A CG  1 
ATOM   912  O  OD1 . ASP A 1 136 ? -10.626 -15.641 -1.715  1.00 25.67 ? 136 ASP A OD1 1 
ATOM   913  O  OD2 . ASP A 1 136 ? -8.988  -17.001 -1.192  1.00 24.62 ? 136 ASP A OD2 1 
ATOM   914  N  N   . ALA A 1 137 ? -6.999  -11.978 -1.633  1.00 19.54 ? 137 ALA A N   1 
ATOM   915  C  CA  . ALA A 1 137 ? -6.249  -10.776 -1.220  1.00 19.43 ? 137 ALA A CA  1 
ATOM   916  C  C   . ALA A 1 137 ? -6.979  -9.503  -1.646  1.00 18.80 ? 137 ALA A C   1 
ATOM   917  O  O   . ALA A 1 137 ? -7.033  -8.524  -0.892  1.00 18.50 ? 137 ALA A O   1 
ATOM   918  C  CB  . ALA A 1 137 ? -4.835  -10.807 -1.801  1.00 19.37 ? 137 ALA A CB  1 
ATOM   919  N  N   . GLN A 1 138 ? -7.566  -9.509  -2.843  1.00 18.05 ? 138 GLN A N   1 
ATOM   920  C  CA  . GLN A 1 138 ? -8.320  -8.331  -3.280  1.00 18.87 ? 138 GLN A CA  1 
ATOM   921  C  C   . GLN A 1 138 ? -9.527  -8.108  -2.369  1.00 18.61 ? 138 GLN A C   1 
ATOM   922  O  O   . GLN A 1 138 ? -9.771  -6.985  -1.918  1.00 18.99 ? 138 GLN A O   1 
ATOM   923  C  CB  . GLN A 1 138 ? -8.788  -8.466  -4.726  1.00 18.89 ? 138 GLN A CB  1 
ATOM   924  C  CG  . GLN A 1 138 ? -9.449  -7.199  -5.238  1.00 19.74 ? 138 GLN A CG  1 
ATOM   925  C  CD  . GLN A 1 138 ? -9.994  -7.349  -6.633  1.00 21.24 ? 138 GLN A CD  1 
ATOM   926  O  OE1 . GLN A 1 138 ? -10.772 -8.261  -6.907  1.00 21.69 ? 138 GLN A OE1 1 
ATOM   927  N  NE2 . GLN A 1 138 ? -9.596  -6.451  -7.526  1.00 23.28 ? 138 GLN A NE2 1 
ATOM   928  N  N   . ALA A 1 139 ? -10.280 -9.180  -2.105  1.00 18.77 ? 139 ALA A N   1 
ATOM   929  C  CA  . ALA A 1 139 ? -11.448 -9.093  -1.234  1.00 18.65 ? 139 ALA A CA  1 
ATOM   930  C  C   . ALA A 1 139 ? -11.045 -8.532  0.132   1.00 18.64 ? 139 ALA A C   1 
ATOM   931  O  O   . ALA A 1 139 ? -11.737 -7.662  0.683   1.00 18.26 ? 139 ALA A O   1 
ATOM   932  C  CB  . ALA A 1 139 ? -12.104 -10.472 -1.083  1.00 19.33 ? 139 ALA A CB  1 
ATOM   933  N  N   . ARG A 1 140 ? -9.920  -9.024  0.651   1.00 18.22 ? 140 ARG A N   1 
ATOM   934  C  CA  . ARG A 1 140 ? -9.405  -8.620  1.951   1.00 18.14 ? 140 ARG A CA  1 
ATOM   935  C  C   . ARG A 1 140 ? -9.061  -7.127  1.992   1.00 18.01 ? 140 ARG A C   1 
ATOM   936  O  O   . ARG A 1 140 ? -9.513  -6.391  2.890   1.00 17.49 ? 140 ARG A O   1 
ATOM   937  C  CB  . ARG A 1 140 ? -8.202  -9.487  2.332   1.00 18.04 ? 140 ARG A CB  1 
ATOM   938  C  CG  . ARG A 1 140 ? -7.486  -9.049  3.594   1.00 18.00 ? 140 ARG A CG  1 
ATOM   939  C  CD  . ARG A 1 140 ? -6.352  -10.004 3.982   1.00 19.03 ? 140 ARG A CD  1 
ATOM   940  N  NE  . ARG A 1 140 ? -5.313  -10.193 2.948   1.00 17.19 ? 140 ARG A NE  1 
ATOM   941  C  CZ  . ARG A 1 140 ? -4.338  -9.324  2.671   1.00 19.73 ? 140 ARG A CZ  1 
ATOM   942  N  NH1 . ARG A 1 140 ? -3.421  -9.629  1.751   1.00 19.43 ? 140 ARG A NH1 1 
ATOM   943  N  NH2 . ARG A 1 140 ? -4.276  -8.146  3.290   1.00 17.62 ? 140 ARG A NH2 1 
ATOM   944  N  N   . ILE A 1 141 ? -8.271  -6.664  1.022   1.00 17.44 ? 141 ILE A N   1 
ATOM   945  C  CA  . ILE A 1 141 ? -7.880  -5.253  1.026   1.00 17.59 ? 141 ILE A CA  1 
ATOM   946  C  C   . ILE A 1 141 ? -9.080  -4.323  0.790   1.00 18.04 ? 141 ILE A C   1 
ATOM   947  O  O   . ILE A 1 141 ? -9.182  -3.270  1.423   1.00 17.55 ? 141 ILE A O   1 
ATOM   948  C  CB  . ILE A 1 141 ? -6.699  -4.965  0.056   1.00 17.31 ? 141 ILE A CB  1 
ATOM   949  C  CG1 . ILE A 1 141 ? -6.089  -3.581  0.341   1.00 18.17 ? 141 ILE A CG1 1 
ATOM   950  C  CG2 . ILE A 1 141 ? -7.138  -5.087  -1.405  1.00 17.68 ? 141 ILE A CG2 1 
ATOM   951  C  CD1 . ILE A 1 141 ? -5.441  -3.445  1.762   1.00 19.68 ? 141 ILE A CD1 1 
ATOM   952  N  N   . VAL A 1 142 ? -9.995  -4.721  -0.095  1.00 18.21 ? 142 VAL A N   1 
ATOM   953  C  CA  . VAL A 1 142 ? -11.182 -3.918  -0.384  1.00 19.29 ? 142 VAL A CA  1 
ATOM   954  C  C   . VAL A 1 142 ? -12.039 -3.832  0.870   1.00 19.36 ? 142 VAL A C   1 
ATOM   955  O  O   . VAL A 1 142 ? -12.482 -2.737  1.250   1.00 19.42 ? 142 VAL A O   1 
ATOM   956  C  CB  . VAL A 1 142 ? -11.992 -4.506  -1.582  1.00 19.25 ? 142 VAL A CB  1 
ATOM   957  C  CG1 . VAL A 1 142 ? -13.406 -3.901  -1.662  1.00 19.50 ? 142 VAL A CG1 1 
ATOM   958  C  CG2 . VAL A 1 142 ? -11.227 -4.276  -2.874  1.00 19.07 ? 142 VAL A CG2 1 
ATOM   959  N  N   . GLU A 1 143 ? -12.250 -4.973  1.521   1.00 20.33 ? 143 GLU A N   1 
ATOM   960  C  CA  . GLU A 1 143 ? -13.025 -5.007  2.778   1.00 22.08 ? 143 GLU A CA  1 
ATOM   961  C  C   . GLU A 1 143 ? -12.390 -4.125  3.869   1.00 20.73 ? 143 GLU A C   1 
ATOM   962  O  O   . GLU A 1 143 ? -13.100 -3.408  4.585   1.00 19.90 ? 143 GLU A O   1 
ATOM   963  C  CB  . GLU A 1 143 ? -13.206 -6.459  3.239   1.00 22.33 ? 143 GLU A CB  1 
ATOM   964  C  CG  . GLU A 1 143 ? -13.803 -6.662  4.614   1.00 25.24 ? 143 GLU A CG  1 
ATOM   965  C  CD  . GLU A 1 143 ? -13.736 -8.119  5.045   1.00 27.14 ? 143 GLU A CD  1 
ATOM   966  O  OE1 . GLU A 1 143 ? -12.607 -8.670  5.173   1.00 31.46 ? 143 GLU A OE1 1 
ATOM   967  O  OE2 . GLU A 1 143 ? -14.825 -8.724  5.237   1.00 32.72 ? 143 GLU A OE2 1 
ATOM   968  N  N   . ALA A 1 144 ? -11.061 -4.148  3.960   1.00 19.87 ? 144 ALA A N   1 
ATOM   969  C  CA  . ALA A 1 144 ? -10.339 -3.393  4.987   1.00 19.21 ? 144 ALA A CA  1 
ATOM   970  C  C   . ALA A 1 144 ? -10.436 -1.897  4.729   1.00 18.69 ? 144 ALA A C   1 
ATOM   971  O  O   . ALA A 1 144 ? -10.691 -1.126  5.645   1.00 19.35 ? 144 ALA A O   1 
ATOM   972  C  CB  . ALA A 1 144 ? -8.863  -3.835  5.060   1.00 19.50 ? 144 ALA A CB  1 
ATOM   973  N  N   . VAL A 1 145 ? -10.239 -1.487  3.479   1.00 18.04 ? 145 VAL A N   1 
ATOM   974  C  CA  . VAL A 1 145 ? -10.378 -0.081  3.116   1.00 18.13 ? 145 VAL A CA  1 
ATOM   975  C  C   . VAL A 1 145 ? -11.835 0.370   3.294   1.00 18.45 ? 145 VAL A C   1 
ATOM   976  O  O   . VAL A 1 145 ? -12.087 1.467   3.813   1.00 18.24 ? 145 VAL A O   1 
ATOM   977  C  CB  . VAL A 1 145 ? -9.871  0.170   1.678   1.00 18.65 ? 145 VAL A CB  1 
ATOM   978  C  CG1 . VAL A 1 145 ? -10.230 1.584   1.213   1.00 18.29 ? 145 VAL A CG1 1 
ATOM   979  C  CG2 . VAL A 1 145 ? -8.353  -0.052  1.633   1.00 18.61 ? 145 VAL A CG2 1 
ATOM   980  N  N   . LYS A 1 146 ? -12.778 -0.476  2.876   1.00 18.20 ? 146 LYS A N   1 
ATOM   981  C  CA  . LYS A 1 146 ? -14.210 -0.164  3.042   1.00 19.02 ? 146 LYS A CA  1 
ATOM   982  C  C   . LYS A 1 146 ? -14.547 0.070   4.510   1.00 18.76 ? 146 LYS A C   1 
ATOM   983  O  O   . LYS A 1 146 ? -15.248 1.047   4.844   1.00 19.07 ? 146 LYS A O   1 
ATOM   984  C  CB  . LYS A 1 146 ? -15.097 -1.278  2.483   1.00 18.84 ? 146 LYS A CB  1 
ATOM   985  C  CG  . LYS A 1 146 ? -16.589 -1.002  2.656   1.00 21.14 ? 146 LYS A CG  1 
ATOM   986  C  CD  . LYS A 1 146 ? -17.447 -2.091  2.038   1.00 23.68 ? 146 LYS A CD  1 
ATOM   987  C  CE  . LYS A 1 146 ? -18.939 -1.736  2.186   1.00 26.31 ? 146 LYS A CE  1 
ATOM   988  N  NZ  . LYS A 1 146 ? -19.353 -1.657  3.594   1.00 28.08 ? 146 LYS A NZ  1 
ATOM   989  N  N   . ALA A 1 147 ? -14.076 -0.822  5.377   1.00 18.26 ? 147 ALA A N   1 
ATOM   990  C  CA  . ALA A 1 147 ? -14.399 -0.704  6.815   1.00 18.40 ? 147 ALA A CA  1 
ATOM   991  C  C   . ALA A 1 147 ? -13.912 0.630   7.357   1.00 18.46 ? 147 ALA A C   1 
ATOM   992  O  O   . ALA A 1 147 ? -14.645 1.342   8.055   1.00 18.13 ? 147 ALA A O   1 
ATOM   993  C  CB  . ALA A 1 147 ? -13.823 -1.860  7.607   1.00 18.94 ? 147 ALA A CB  1 
ATOM   994  N  N   . VAL A 1 148 ? -12.682 0.988   7.003   1.00 17.83 ? 148 VAL A N   1 
ATOM   995  C  CA  . VAL A 1 148 ? -12.099 2.255   7.440   1.00 18.05 ? 148 VAL A CA  1 
ATOM   996  C  C   . VAL A 1 148 ? -12.891 3.441   6.886   1.00 17.98 ? 148 VAL A C   1 
ATOM   997  O  O   . VAL A 1 148 ? -13.236 4.372   7.623   1.00 18.56 ? 148 VAL A O   1 
ATOM   998  C  CB  . VAL A 1 148 ? -10.614 2.347   7.058   1.00 18.11 ? 148 VAL A CB  1 
ATOM   999  C  CG1 . VAL A 1 148 ? -10.077 3.730   7.323   1.00 19.54 ? 148 VAL A CG1 1 
ATOM   1000 C  CG2 . VAL A 1 148 ? -9.781  1.274   7.824   1.00 17.69 ? 148 VAL A CG2 1 
ATOM   1001 N  N   . LEU A 1 149 ? -13.188 3.407   5.592   1.00 18.00 ? 149 LEU A N   1 
ATOM   1002 C  CA  . LEU A 1 149 ? -13.891 4.527   4.962   1.00 18.52 ? 149 LEU A CA  1 
ATOM   1003 C  C   . LEU A 1 149 ? -15.330 4.661   5.450   1.00 18.69 ? 149 LEU A C   1 
ATOM   1004 O  O   . LEU A 1 149 ? -15.845 5.781   5.581   1.00 17.92 ? 149 LEU A O   1 
ATOM   1005 C  CB  . LEU A 1 149 ? -13.838 4.419   3.436   1.00 18.68 ? 149 LEU A CB  1 
ATOM   1006 C  CG  . LEU A 1 149 ? -12.438 4.630   2.838   1.00 18.37 ? 149 LEU A CG  1 
ATOM   1007 C  CD1 . LEU A 1 149 ? -12.534 4.523   1.326   1.00 19.02 ? 149 LEU A CD1 1 
ATOM   1008 C  CD2 . LEU A 1 149 ? -11.818 5.980   3.221   1.00 20.47 ? 149 LEU A CD2 1 
ATOM   1009 N  N   . ASP A 1 150 ? -15.965 3.528   5.736   1.00 19.04 ? 150 ASP A N   1 
ATOM   1010 C  CA  . ASP A 1 150 ? -17.337 3.539   6.257   1.00 19.43 ? 150 ASP A CA  1 
ATOM   1011 C  C   . ASP A 1 150 ? -17.455 4.328   7.558   1.00 20.06 ? 150 ASP A C   1 
ATOM   1012 O  O   . ASP A 1 150 ? -18.451 5.041   7.769   1.00 19.51 ? 150 ASP A O   1 
ATOM   1013 C  CB  . ASP A 1 150 ? -17.868 2.124   6.459   1.00 19.57 ? 150 ASP A CB  1 
ATOM   1014 C  CG  . ASP A 1 150 ? -18.335 1.472   5.161   1.00 20.90 ? 150 ASP A CG  1 
ATOM   1015 O  OD1 . ASP A 1 150 ? -18.426 2.148   4.113   1.00 23.08 ? 150 ASP A OD1 1 
ATOM   1016 O  OD2 . ASP A 1 150 ? -18.621 0.264   5.205   1.00 23.55 ? 150 ASP A OD2 1 
ATOM   1017 N  N   . ARG A 1 151 ? -16.436 4.221   8.416   1.00 20.65 ? 151 ARG A N   1 
ATOM   1018 C  CA  . ARG A 1 151 ? -16.443 4.921   9.713   1.00 21.35 ? 151 ARG A CA  1 
ATOM   1019 C  C   . ARG A 1 151 ? -15.621 6.209   9.705   1.00 22.27 ? 151 ARG A C   1 
ATOM   1020 O  O   . ARG A 1 151 ? -15.336 6.786   10.757  1.00 23.38 ? 151 ARG A O   1 
ATOM   1021 C  CB  . ARG A 1 151 ? -15.975 3.982   10.835  1.00 21.17 ? 151 ARG A CB  1 
ATOM   1022 C  CG  . ARG A 1 151 ? -14.566 3.445   10.673  1.00 20.63 ? 151 ARG A CG  1 
ATOM   1023 C  CD  . ARG A 1 151 ? -14.160 2.624   11.907  1.00 22.94 ? 151 ARG A CD  1 
ATOM   1024 N  NE  . ARG A 1 151 ? -12.758 2.192   11.836  1.00 24.20 ? 151 ARG A NE  1 
ATOM   1025 C  CZ  . ARG A 1 151 ? -12.338 0.982   11.473  1.00 23.77 ? 151 ARG A CZ  1 
ATOM   1026 N  NH1 . ARG A 1 151 ? -13.200 0.023   11.122  1.00 26.56 ? 151 ARG A NH1 1 
ATOM   1027 N  NH2 . ARG A 1 151 ? -11.038 0.728   11.457  1.00 22.93 ? 151 ARG A NH2 1 
ATOM   1028 N  N   . HIS A 1 152 ? -15.272 6.665   8.512   1.00 23.10 ? 152 HIS A N   1 
ATOM   1029 C  CA  . HIS A 1 152 ? -14.403 7.815   8.320   1.00 23.82 ? 152 HIS A CA  1 
ATOM   1030 C  C   . HIS A 1 152 ? -15.187 9.103   8.476   1.00 23.88 ? 152 HIS A C   1 
ATOM   1031 O  O   . HIS A 1 152 ? -16.350 9.193   8.082   1.00 24.00 ? 152 HIS A O   1 
ATOM   1032 C  CB  . HIS A 1 152 ? -13.748 7.735   6.931   1.00 24.67 ? 152 HIS A CB  1 
ATOM   1033 C  CG  . HIS A 1 152 ? -12.928 8.934   6.556   1.00 25.82 ? 152 HIS A CG  1 
ATOM   1034 N  ND1 . HIS A 1 152 ? -11.803 9.312   7.254   1.00 25.96 ? 152 HIS A ND1 1 
ATOM   1035 C  CD2 . HIS A 1 152 ? -13.052 9.813   5.532   1.00 27.51 ? 152 HIS A CD2 1 
ATOM   1036 C  CE1 . HIS A 1 152 ? -11.276 10.382  6.688   1.00 25.91 ? 152 HIS A CE1 1 
ATOM   1037 N  NE2 . HIS A 1 152 ? -12.009 10.703  5.638   1.00 27.04 ? 152 HIS A NE2 1 
ATOM   1038 N  N   . ASP A 1 153 ? -14.553 10.077  9.114   1.00 24.28 ? 153 ASP A N   1 
ATOM   1039 C  CA  . ASP A 1 153 ? -15.045 11.450  9.167   1.00 24.32 ? 153 ASP A CA  1 
ATOM   1040 C  C   . ASP A 1 153 ? -14.587 12.142  7.899   1.00 25.04 ? 153 ASP A C   1 
ATOM   1041 O  O   . ASP A 1 153 ? -13.389 12.415  7.723   1.00 24.40 ? 153 ASP A O   1 
ATOM   1042 C  CB  . ASP A 1 153 ? -14.448 12.143  10.396  1.00 24.00 ? 153 ASP A CB  1 
ATOM   1043 C  CG  . ASP A 1 153 ? -14.911 13.590  10.568  1.00 23.78 ? 153 ASP A CG  1 
ATOM   1044 O  OD1 . ASP A 1 153 ? -15.425 14.214  9.617   1.00 23.11 ? 153 ASP A OD1 1 
ATOM   1045 O  OD2 . ASP A 1 153 ? -14.712 14.112  11.689  1.00 24.39 ? 153 ASP A OD2 1 
ATOM   1046 N  N   . ALA A 1 154 ? -15.551 12.455  7.031   1.00 25.54 ? 154 ALA A N   1 
ATOM   1047 C  CA  . ALA A 1 154 ? -15.277 13.004  5.698   1.00 26.77 ? 154 ALA A CA  1 
ATOM   1048 C  C   . ALA A 1 154 ? -14.466 14.293  5.700   1.00 27.08 ? 154 ALA A C   1 
ATOM   1049 O  O   . ALA A 1 154 ? -13.883 14.650  4.684   1.00 28.42 ? 154 ALA A O   1 
ATOM   1050 C  CB  . ALA A 1 154 ? -16.588 13.197  4.926   1.00 26.85 ? 154 ALA A CB  1 
ATOM   1051 N  N   . ARG A 1 155 ? -14.404 14.979  6.841   1.00 26.59 ? 155 ARG A N   1 
ATOM   1052 C  CA  . ARG A 1 155 ? -13.671 16.236  6.938   1.00 26.51 ? 155 ARG A CA  1 
ATOM   1053 C  C   . ARG A 1 155 ? -12.149 16.074  7.045   1.00 25.85 ? 155 ARG A C   1 
ATOM   1054 O  O   . ARG A 1 155 ? -11.405 17.032  6.818   1.00 26.40 ? 155 ARG A O   1 
ATOM   1055 C  CB  . ARG A 1 155 ? -14.201 17.058  8.113   1.00 26.19 ? 155 ARG A CB  1 
ATOM   1056 C  CG  . ARG A 1 155 ? -15.706 17.327  8.022   1.00 27.51 ? 155 ARG A CG  1 
ATOM   1057 C  CD  . ARG A 1 155 ? -16.231 17.919  9.305   1.00 26.56 ? 155 ARG A CD  1 
ATOM   1058 N  NE  . ARG A 1 155 ? -16.078 16.998  10.421  1.00 26.78 ? 155 ARG A NE  1 
ATOM   1059 C  CZ  . ARG A 1 155 ? -16.425 17.264  11.673  1.00 27.85 ? 155 ARG A CZ  1 
ATOM   1060 N  NH1 . ARG A 1 155 ? -16.965 18.438  11.980  1.00 28.40 ? 155 ARG A NH1 1 
ATOM   1061 N  NH2 . ARG A 1 155 ? -16.234 16.349  12.616  1.00 27.75 ? 155 ARG A NH2 1 
ATOM   1062 N  N   . GLN A 1 156 ? -11.692 14.866  7.367   1.00 24.70 ? 156 GLN A N   1 
ATOM   1063 C  CA  . GLN A 1 156 ? -10.287 14.629  7.718   1.00 24.12 ? 156 GLN A CA  1 
ATOM   1064 C  C   . GLN A 1 156 ? -9.570  13.938  6.568   1.00 22.59 ? 156 GLN A C   1 
ATOM   1065 O  O   . GLN A 1 156 ? -9.883  12.787  6.275   1.00 22.57 ? 156 GLN A O   1 
ATOM   1066 C  CB  . GLN A 1 156 ? -10.186 13.715  8.936   1.00 24.22 ? 156 GLN A CB  1 
ATOM   1067 C  CG  . GLN A 1 156 ? -11.261 13.914  9.989   1.00 28.71 ? 156 GLN A CG  1 
ATOM   1068 C  CD  . GLN A 1 156 ? -10.824 14.796  11.109  1.00 32.13 ? 156 GLN A CD  1 
ATOM   1069 O  OE1 . GLN A 1 156 ? -9.684  15.261  11.142  1.00 35.21 ? 156 GLN A OE1 1 
ATOM   1070 N  NE2 . GLN A 1 156 ? -11.726 15.029  12.062  1.00 34.91 ? 156 GLN A NE2 1 
ATOM   1071 N  N   . PRO A 1 157 ? -8.626  14.627  5.909   1.00 21.69 ? 157 PRO A N   1 
ATOM   1072 C  CA  . PRO A 1 157 ? -7.896  13.991  4.799   1.00 21.28 ? 157 PRO A CA  1 
ATOM   1073 C  C   . PRO A 1 157 ? -7.189  12.721  5.268   1.00 20.37 ? 157 PRO A C   1 
ATOM   1074 O  O   . PRO A 1 157 ? -6.599  12.700  6.350   1.00 20.63 ? 157 PRO A O   1 
ATOM   1075 C  CB  . PRO A 1 157 ? -6.875  15.059  4.395   1.00 21.31 ? 157 PRO A CB  1 
ATOM   1076 C  CG  . PRO A 1 157 ? -7.555  16.363  4.786   1.00 21.68 ? 157 PRO A CG  1 
ATOM   1077 C  CD  . PRO A 1 157 ? -8.181  16.020  6.117   1.00 22.03 ? 157 PRO A CD  1 
ATOM   1078 N  N   . ILE A 1 158 ? -7.251  11.676  4.450   1.00 20.52 ? 158 ILE A N   1 
ATOM   1079 C  CA  . ILE A 1 158 ? -6.816  10.345  4.880   1.00 19.80 ? 158 ILE A CA  1 
ATOM   1080 C  C   . ILE A 1 158 ? -5.891  9.720   3.843   1.00 19.08 ? 158 ILE A C   1 
ATOM   1081 O  O   . ILE A 1 158 ? -6.082  9.919   2.642   1.00 20.14 ? 158 ILE A O   1 
ATOM   1082 C  CB  . ILE A 1 158 ? -8.043  9.410   5.152   1.00 19.72 ? 158 ILE A CB  1 
ATOM   1083 C  CG1 . ILE A 1 158 ? -7.604  8.053   5.706   1.00 20.73 ? 158 ILE A CG1 1 
ATOM   1084 C  CG2 . ILE A 1 158 ? -8.932  9.262   3.894   1.00 19.76 ? 158 ILE A CG2 1 
ATOM   1085 C  CD1 . ILE A 1 158 ? -8.762  7.225   6.296   1.00 20.44 ? 158 ILE A CD1 1 
ATOM   1086 N  N   . ALA A 1 159 ? -4.898  8.982   4.324   1.00 18.68 ? 159 ALA A N   1 
ATOM   1087 C  CA  . ALA A 1 159 ? -4.030  8.185   3.457   1.00 18.42 ? 159 ALA A CA  1 
ATOM   1088 C  C   . ALA A 1 159 ? -3.883  6.788   4.024   1.00 18.38 ? 159 ALA A C   1 
ATOM   1089 O  O   . ALA A 1 159 ? -3.844  6.599   5.241   1.00 18.33 ? 159 ALA A O   1 
ATOM   1090 C  CB  . ALA A 1 159 ? -2.659  8.839   3.331   1.00 18.69 ? 159 ALA A CB  1 
ATOM   1091 N  N   . PHE A 1 160 ? -3.788  5.810   3.125   1.00 17.87 ? 160 PHE A N   1 
ATOM   1092 C  CA  . PHE A 1 160 ? -3.480  4.440   3.496   1.00 17.72 ? 160 PHE A CA  1 
ATOM   1093 C  C   . PHE A 1 160 ? -2.030  4.185   3.106   1.00 17.56 ? 160 PHE A C   1 
ATOM   1094 O  O   . PHE A 1 160 ? -1.600  4.594   2.038   1.00 17.85 ? 160 PHE A O   1 
ATOM   1095 C  CB  . PHE A 1 160 ? -4.390  3.480   2.723   1.00 17.96 ? 160 PHE A CB  1 
ATOM   1096 C  CG  . PHE A 1 160 ? -5.844  3.616   3.086   1.00 17.70 ? 160 PHE A CG  1 
ATOM   1097 C  CD1 . PHE A 1 160 ? -6.379  2.847   4.103   1.00 17.93 ? 160 PHE A CD1 1 
ATOM   1098 C  CD2 . PHE A 1 160 ? -6.670  4.530   2.423   1.00 19.66 ? 160 PHE A CD2 1 
ATOM   1099 C  CE1 . PHE A 1 160 ? -7.723  2.967   4.467   1.00 18.20 ? 160 PHE A CE1 1 
ATOM   1100 C  CE2 . PHE A 1 160 ? -8.012  4.673   2.786   1.00 19.57 ? 160 PHE A CE2 1 
ATOM   1101 C  CZ  . PHE A 1 160 ? -8.536  3.885   3.815   1.00 18.62 ? 160 PHE A CZ  1 
ATOM   1102 N  N   . VAL A 1 161 ? -1.293  3.525   3.976   1.00 17.06 ? 161 VAL A N   1 
ATOM   1103 C  CA  . VAL A 1 161 ? 0.115   3.241   3.733   1.00 18.55 ? 161 VAL A CA  1 
ATOM   1104 C  C   . VAL A 1 161 ? 0.318   1.739   3.803   1.00 19.16 ? 161 VAL A C   1 
ATOM   1105 O  O   . VAL A 1 161 ? -0.004  1.097   4.810   1.00 19.13 ? 161 VAL A O   1 
ATOM   1106 C  CB  . VAL A 1 161 ? 1.019   3.968   4.753   1.00 17.99 ? 161 VAL A CB  1 
ATOM   1107 C  CG1 . VAL A 1 161 ? 2.467   3.483   4.641   1.00 20.89 ? 161 VAL A CG1 1 
ATOM   1108 C  CG2 . VAL A 1 161 ? 0.930   5.501   4.561   1.00 18.00 ? 161 VAL A CG2 1 
ATOM   1109 N  N   . GLY A 1 162 ? 0.883   1.166   2.746   1.00 19.24 ? 162 GLY A N   1 
ATOM   1110 C  CA  . GLY A 1 162 ? 1.004   -0.265  2.715   1.00 20.28 ? 162 GLY A CA  1 
ATOM   1111 C  C   . GLY A 1 162 ? 1.871   -0.778  1.593   1.00 20.05 ? 162 GLY A C   1 
ATOM   1112 O  O   . GLY A 1 162 ? 3.025   -0.367  1.448   1.00 19.09 ? 162 GLY A O   1 
ATOM   1113 N  N   . HIS A 1 163 ? 1.293   -1.676  0.809   1.00 20.48 ? 163 HIS A N   1 
ATOM   1114 C  CA  . HIS A 1 163 ? 2.077   -2.555  -0.055  1.00 20.66 ? 163 HIS A CA  1 
ATOM   1115 C  C   . HIS A 1 163 ? 1.567   -2.530  -1.482  1.00 20.90 ? 163 HIS A C   1 
ATOM   1116 O  O   . HIS A 1 163 ? 0.374   -2.317  -1.716  1.00 21.14 ? 163 HIS A O   1 
ATOM   1117 C  CB  . HIS A 1 163 ? 2.013   -3.971  0.511   1.00 20.88 ? 163 HIS A CB  1 
ATOM   1118 C  CG  . HIS A 1 163 ? 2.356   -4.036  1.965   1.00 21.49 ? 163 HIS A CG  1 
ATOM   1119 N  ND1 . HIS A 1 163 ? 3.657   -4.075  2.415   1.00 20.25 ? 163 HIS A ND1 1 
ATOM   1120 C  CD2 . HIS A 1 163 ? 1.572   -4.007  3.069   1.00 21.37 ? 163 HIS A CD2 1 
ATOM   1121 C  CE1 . HIS A 1 163 ? 3.659   -4.091  3.737   1.00 23.14 ? 163 HIS A CE1 1 
ATOM   1122 N  NE2 . HIS A 1 163 ? 2.408   -4.055  4.158   1.00 22.63 ? 163 HIS A NE2 1 
ATOM   1123 N  N   . GLY A 1 164 ? 2.490   -2.755  -2.418  1.00 21.21 ? 164 GLY A N   1 
ATOM   1124 C  CA  . GLY A 1 164 ? 2.230   -2.702  -3.859  1.00 20.98 ? 164 GLY A CA  1 
ATOM   1125 C  C   . GLY A 1 164 ? 1.321   -3.782  -4.420  1.00 21.40 ? 164 GLY A C   1 
ATOM   1126 O  O   . GLY A 1 164 ? 0.564   -3.521  -5.352  1.00 21.41 ? 164 GLY A O   1 
ATOM   1127 N  N   . GLY A 1 165 ? 1.417   -4.990  -3.866  1.00 21.73 ? 165 GLY A N   1 
ATOM   1128 C  CA  . GLY A 1 165 ? 0.640   -6.131  -4.350  1.00 21.54 ? 165 GLY A CA  1 
ATOM   1129 C  C   . GLY A 1 165 ? -0.834  -5.923  -4.069  1.00 21.34 ? 165 GLY A C   1 
ATOM   1130 O  O   . GLY A 1 165 ? -1.652  -5.876  -4.997  1.00 20.44 ? 165 GLY A O   1 
ATOM   1131 N  N   . VAL A 1 166 ? -1.179  -5.789  -2.786  1.00 20.93 ? 166 VAL A N   1 
ATOM   1132 C  CA  . VAL A 1 166 ? -2.573  -5.522  -2.433  1.00 20.87 ? 166 VAL A CA  1 
ATOM   1133 C  C   . VAL A 1 166 ? -3.020  -4.156  -2.955  1.00 20.66 ? 166 VAL A C   1 
ATOM   1134 O  O   . VAL A 1 166 ? -4.187  -3.974  -3.298  1.00 20.01 ? 166 VAL A O   1 
ATOM   1135 C  CB  . VAL A 1 166 ? -2.872  -5.603  -0.908  1.00 21.28 ? 166 VAL A CB  1 
ATOM   1136 C  CG1 . VAL A 1 166 ? -3.111  -7.038  -0.487  1.00 22.22 ? 166 VAL A CG1 1 
ATOM   1137 C  CG2 . VAL A 1 166 ? -1.795  -4.902  -0.066  1.00 19.92 ? 166 VAL A CG2 1 
ATOM   1138 N  N   . GLY A 1 167 ? -2.086  -3.208  -3.030  1.00 20.13 ? 167 GLY A N   1 
ATOM   1139 C  CA  . GLY A 1 167 ? -2.386  -1.884  -3.576  1.00 19.73 ? 167 GLY A CA  1 
ATOM   1140 C  C   . GLY A 1 167 ? -2.857  -1.984  -5.015  1.00 20.11 ? 167 GLY A C   1 
ATOM   1141 O  O   . GLY A 1 167 ? -3.810  -1.317  -5.410  1.00 20.12 ? 167 GLY A O   1 
ATOM   1142 N  N   . THR A 1 168 ? -2.191  -2.829  -5.795  1.00 20.50 ? 168 THR A N   1 
ATOM   1143 C  CA  . THR A 1 168 ? -2.595  -3.074  -7.181  1.00 21.41 ? 168 THR A CA  1 
ATOM   1144 C  C   . THR A 1 168 ? -3.994  -3.678  -7.252  1.00 20.55 ? 168 THR A C   1 
ATOM   1145 O  O   . THR A 1 168 ? -4.821  -3.273  -8.074  1.00 20.53 ? 168 THR A O   1 
ATOM   1146 C  CB  . THR A 1 168 ? -1.582  -3.987  -7.896  1.00 21.89 ? 168 THR A CB  1 
ATOM   1147 O  OG1 . THR A 1 168 ? -0.345  -3.273  -8.035  1.00 24.94 ? 168 THR A OG1 1 
ATOM   1148 C  CG2 . THR A 1 168 ? -2.104  -4.422  -9.260  1.00 23.31 ? 168 THR A CG2 1 
ATOM   1149 N  N   . LEU A 1 169 ? -4.264  -4.629  -6.364  1.00 19.56 ? 169 LEU A N   1 
ATOM   1150 C  CA  . LEU A 1 169 ? -5.573  -5.293  -6.330  1.00 19.27 ? 169 LEU A CA  1 
ATOM   1151 C  C   . LEU A 1 169 ? -6.681  -4.294  -5.963  1.00 19.30 ? 169 LEU A C   1 
ATOM   1152 O  O   . LEU A 1 169 ? -7.765  -4.297  -6.545  1.00 18.80 ? 169 LEU A O   1 
ATOM   1153 C  CB  . LEU A 1 169 ? -5.546  -6.480  -5.359  1.00 19.74 ? 169 LEU A CB  1 
ATOM   1154 C  CG  . LEU A 1 169 ? -4.586  -7.615  -5.774  1.00 19.75 ? 169 LEU A CG  1 
ATOM   1155 C  CD1 . LEU A 1 169 ? -4.474  -8.648  -4.673  1.00 19.48 ? 169 LEU A CD1 1 
ATOM   1156 C  CD2 . LEU A 1 169 ? -5.026  -8.279  -7.086  1.00 19.60 ? 169 LEU A CD2 1 
ATOM   1157 N  N   . LEU A 1 170 ? -6.383  -3.430  -4.999  1.00 19.28 ? 170 LEU A N   1 
ATOM   1158 C  CA  . LEU A 1 170 ? -7.298  -2.343  -4.638  1.00 19.25 ? 170 LEU A CA  1 
ATOM   1159 C  C   . LEU A 1 170 ? -7.571  -1.436  -5.847  1.00 19.92 ? 170 LEU A C   1 
ATOM   1160 O  O   . LEU A 1 170 ? -8.727  -1.121  -6.157  1.00 19.82 ? 170 LEU A O   1 
ATOM   1161 C  CB  . LEU A 1 170 ? -6.695  -1.518  -3.489  1.00 18.97 ? 170 LEU A CB  1 
ATOM   1162 C  CG  . LEU A 1 170 ? -7.555  -0.346  -2.973  1.00 19.19 ? 170 LEU A CG  1 
ATOM   1163 C  CD1 . LEU A 1 170 ? -8.835  -0.886  -2.352  1.00 21.19 ? 170 LEU A CD1 1 
ATOM   1164 C  CD2 . LEU A 1 170 ? -6.778  0.489   -1.967  1.00 19.06 ? 170 LEU A CD2 1 
ATOM   1165 N  N   . LYS A 1 171 ? -6.497  -1.028  -6.521  1.00 21.13 ? 171 LYS A N   1 
ATOM   1166 C  CA  . LYS A 1 171 ? -6.572  -0.164  -7.701  1.00 22.66 ? 171 LYS A CA  1 
ATOM   1167 C  C   . LYS A 1 171 ? -7.454  -0.792  -8.792  1.00 23.32 ? 171 LYS A C   1 
ATOM   1168 O  O   . LYS A 1 171 ? -8.287  -0.106  -9.368  1.00 24.06 ? 171 LYS A O   1 
ATOM   1169 C  CB  . LYS A 1 171 ? -5.162  0.147   -8.221  1.00 22.29 ? 171 LYS A CB  1 
ATOM   1170 C  CG  . LYS A 1 171 ? -5.048  1.424   -9.047  1.00 25.09 ? 171 LYS A CG  1 
ATOM   1171 C  CD  . LYS A 1 171 ? -3.580  1.751   -9.298  1.00 26.96 ? 171 LYS A CD  1 
ATOM   1172 C  CE  . LYS A 1 171 ? -3.396  3.096   -9.975  1.00 28.62 ? 171 LYS A CE  1 
ATOM   1173 N  NZ  . LYS A 1 171 ? -3.996  3.133   -11.353 1.00 30.88 ? 171 LYS A NZ  1 
ATOM   1174 N  N   . CYS A 1 172 ? -7.285  -2.091  -9.055  1.00 24.51 ? 172 CYS A N   1 
ATOM   1175 C  CA  . CYS A 1 172 ? -8.143  -2.809  -10.010 1.00 25.20 ? 172 CYS A CA  1 
ATOM   1176 C  C   . CYS A 1 172 ? -9.628  -2.735  -9.634  1.00 25.62 ? 172 CYS A C   1 
ATOM   1177 O  O   . CYS A 1 172 ? -10.492 -2.452  -10.484 1.00 25.02 ? 172 CYS A O   1 
ATOM   1178 C  CB  . CYS A 1 172 ? -7.728  -4.273  -10.107 1.00 25.61 ? 172 CYS A CB  1 
ATOM   1179 S  SG  . CYS A 1 172 ? -6.171  -4.495  -10.933 1.00 28.29 ? 172 CYS A SG  1 
ATOM   1180 N  N   . HIS A 1 173 ? -9.914  -2.995  -8.360  1.00 25.30 ? 173 HIS A N   1 
ATOM   1181 C  CA  . HIS A 1 173 ? -11.286 -2.930  -7.852  1.00 26.05 ? 173 HIS A CA  1 
ATOM   1182 C  C   . HIS A 1 173 ? -11.889 -1.546  -8.089  1.00 26.19 ? 173 HIS A C   1 
ATOM   1183 O  O   . HIS A 1 173 ? -13.000 -1.429  -8.599  1.00 26.44 ? 173 HIS A O   1 
ATOM   1184 C  CB  . HIS A 1 173 ? -11.336 -3.242  -6.357  1.00 26.10 ? 173 HIS A CB  1 
ATOM   1185 C  CG  . HIS A 1 173 ? -12.647 -2.879  -5.721  1.00 27.36 ? 173 HIS A CG  1 
ATOM   1186 N  ND1 . HIS A 1 173 ? -13.747 -3.700  -5.779  1.00 28.89 ? 173 HIS A ND1 1 
ATOM   1187 C  CD2 . HIS A 1 173 ? -13.041 -1.765  -5.056  1.00 28.99 ? 173 HIS A CD2 1 
ATOM   1188 C  CE1 . HIS A 1 173 ? -14.760 -3.122  -5.155  1.00 29.52 ? 173 HIS A CE1 1 
ATOM   1189 N  NE2 . HIS A 1 173 ? -14.358 -1.946  -4.708  1.00 28.92 ? 173 HIS A NE2 1 
ATOM   1190 N  N   . ILE A 1 174 ? -11.140 -0.514  -7.709  1.00 26.35 ? 174 ILE A N   1 
ATOM   1191 C  CA  . ILE A 1 174 ? -11.591 0.875   -7.799  1.00 27.70 ? 174 ILE A CA  1 
ATOM   1192 C  C   . ILE A 1 174 ? -11.928 1.249   -9.242  1.00 29.23 ? 174 ILE A C   1 
ATOM   1193 O  O   . ILE A 1 174 ? -12.966 1.860   -9.508  1.00 29.72 ? 174 ILE A O   1 
ATOM   1194 C  CB  . ILE A 1 174 ? -10.524 1.842   -7.231  1.00 26.81 ? 174 ILE A CB  1 
ATOM   1195 C  CG1 . ILE A 1 174 ? -10.403 1.664   -5.710  1.00 26.73 ? 174 ILE A CG1 1 
ATOM   1196 C  CG2 . ILE A 1 174 ? -10.876 3.295   -7.547  1.00 28.50 ? 174 ILE A CG2 1 
ATOM   1197 C  CD1 . ILE A 1 174 ? -9.226  2.409   -5.097  1.00 26.51 ? 174 ILE A CD1 1 
ATOM   1198 N  N   . GLU A 1 175 ? -11.056 0.849   -10.160 1.00 30.80 ? 175 GLU A N   1 
ATOM   1199 C  CA  . GLU A 1 175 ? -11.203 1.179   -11.580 1.00 32.97 ? 175 GLU A CA  1 
ATOM   1200 C  C   . GLU A 1 175 ? -12.216 0.295   -12.324 1.00 33.88 ? 175 GLU A C   1 
ATOM   1201 O  O   . GLU A 1 175 ? -12.526 0.544   -13.496 1.00 34.32 ? 175 GLU A O   1 
ATOM   1202 C  CB  . GLU A 1 175 ? -9.831  1.158   -12.260 1.00 32.62 ? 175 GLU A CB  1 
ATOM   1203 C  CG  . GLU A 1 175 ? -8.918  2.275   -11.786 1.00 33.93 ? 175 GLU A CG  1 
ATOM   1204 C  CD  . GLU A 1 175 ? -7.490  2.171   -12.302 1.00 34.53 ? 175 GLU A CD  1 
ATOM   1205 O  OE1 . GLU A 1 175 ? -7.199  1.288   -13.138 1.00 38.12 ? 175 GLU A OE1 1 
ATOM   1206 O  OE2 . GLU A 1 175 ? -6.648  2.979   -11.863 1.00 37.28 ? 175 GLU A OE2 1 
ATOM   1207 N  N   . GLY A 1 176 ? -12.740 -0.723  -11.638 1.00 34.69 ? 176 GLY A N   1 
ATOM   1208 C  CA  . GLY A 1 176 ? -13.763 -1.611  -12.200 1.00 35.95 ? 176 GLY A CA  1 
ATOM   1209 C  C   . GLY A 1 176 ? -13.230 -2.504  -13.300 1.00 37.04 ? 176 GLY A C   1 
ATOM   1210 O  O   . GLY A 1 176 ? -13.974 -2.932  -14.196 1.00 37.31 ? 176 GLY A O   1 
ATOM   1211 N  N   . ARG A 1 177 ? -11.932 -2.778  -13.227 1.00 37.28 ? 177 ARG A N   1 
ATOM   1212 C  CA  . ARG A 1 177 ? -11.259 -3.619  -14.193 1.00 38.22 ? 177 ARG A CA  1 
ATOM   1213 C  C   . ARG A 1 177 ? -10.906 -4.947  -13.532 1.00 37.83 ? 177 ARG A C   1 
ATOM   1214 O  O   . ARG A 1 177 ? -10.857 -5.049  -12.299 1.00 37.77 ? 177 ARG A O   1 
ATOM   1215 C  CB  . ARG A 1 177 ? -10.020 -2.902  -14.764 1.00 38.38 ? 177 ARG A CB  1 
ATOM   1216 C  CG  . ARG A 1 177 ? -8.859  -2.689  -13.793 1.00 39.22 ? 177 ARG A CG  1 
ATOM   1217 C  CD  . ARG A 1 177 ? -7.797  -1.741  -14.378 1.00 40.06 ? 177 ARG A CD  1 
ATOM   1218 N  NE  . ARG A 1 177 ? -6.433  -2.242  -14.162 1.00 45.18 ? 177 ARG A NE  1 
ATOM   1219 C  CZ  . ARG A 1 177 ? -5.536  -1.719  -13.324 1.00 47.10 ? 177 ARG A CZ  1 
ATOM   1220 N  NH1 . ARG A 1 177 ? -5.827  -0.655  -12.588 1.00 47.87 ? 177 ARG A NH1 1 
ATOM   1221 N  NH2 . ARG A 1 177 ? -4.324  -2.266  -13.222 1.00 49.10 ? 177 ARG A NH2 1 
ATOM   1222 N  N   . GLY A 1 178 ? -10.680 -5.968  -14.351 1.00 37.39 ? 178 GLY A N   1 
ATOM   1223 C  CA  . GLY A 1 178 ? -10.268 -7.269  -13.850 1.00 36.66 ? 178 GLY A CA  1 
ATOM   1224 C  C   . GLY A 1 178 ? -8.892  -7.202  -13.217 1.00 36.19 ? 178 GLY A C   1 
ATOM   1225 O  O   . GLY A 1 178 ? -8.120  -6.274  -13.478 1.00 36.34 ? 178 GLY A O   1 
ATOM   1226 N  N   . ILE A 1 179 ? -8.592  -8.188  -12.382 1.00 35.82 ? 179 ILE A N   1 
ATOM   1227 C  CA  . ILE A 1 179 ? -7.281  -8.292  -11.750 1.00 35.53 ? 179 ILE A CA  1 
ATOM   1228 C  C   . ILE A 1 179 ? -6.195  -8.468  -12.814 1.00 36.27 ? 179 ILE A C   1 
ATOM   1229 O  O   . ILE A 1 179 ? -6.258  -9.401  -13.630 1.00 35.98 ? 179 ILE A O   1 
ATOM   1230 C  CB  . ILE A 1 179 ? -7.242  -9.451  -10.717 1.00 35.53 ? 179 ILE A CB  1 
ATOM   1231 C  CG1 . ILE A 1 179 ? -8.099  -9.093  -9.491  1.00 33.98 ? 179 ILE A CG1 1 
ATOM   1232 C  CG2 . ILE A 1 179 ? -5.796  -9.788  -10.326 1.00 34.68 ? 179 ILE A CG2 1 
ATOM   1233 C  CD1 . ILE A 1 179 ? -8.424  -10.256 -8.576  1.00 34.73 ? 179 ILE A CD1 1 
ATOM   1234 N  N   . SER A 1 180 ? -5.225  -7.557  -12.815 1.00 36.62 ? 180 SER A N   1 
ATOM   1235 C  CA  . SER A 1 180 ? -4.048  -7.685  -13.673 1.00 38.04 ? 180 SER A CA  1 
ATOM   1236 C  C   . SER A 1 180 ? -2.825  -7.017  -13.051 1.00 38.52 ? 180 SER A C   1 
ATOM   1237 O  O   . SER A 1 180 ? -2.946  -6.045  -12.291 1.00 38.33 ? 180 SER A O   1 
ATOM   1238 C  CB  . SER A 1 180 ? -4.315  -7.135  -15.083 1.00 38.13 ? 180 SER A CB  1 
ATOM   1239 O  OG  . SER A 1 180 ? -3.949  -5.776  -15.192 1.00 39.45 ? 180 SER A OG  1 
ATOM   1240 N  N   . ARG A 1 181 ? -1.651  -7.551  -13.374 1.00 38.98 ? 181 ARG A N   1 
ATOM   1241 C  CA  . ARG A 1 181 ? -0.401  -7.034  -12.843 1.00 40.12 ? 181 ARG A CA  1 
ATOM   1242 C  C   . ARG A 1 181 ? -0.011  -5.673  -13.415 1.00 40.99 ? 181 ARG A C   1 
ATOM   1243 O  O   . ARG A 1 181 ? -0.476  -5.279  -14.487 1.00 40.93 ? 181 ARG A O   1 
ATOM   1244 C  CB  . ARG A 1 181 ? 0.739   -8.039  -13.044 1.00 39.54 ? 181 ARG A CB  1 
ATOM   1245 C  CG  . ARG A 1 181 ? 1.942   -7.720  -12.179 1.00 40.26 ? 181 ARG A CG  1 
ATOM   1246 C  CD  . ARG A 1 181 ? 3.013   -8.778  -12.224 1.00 40.08 ? 181 ARG A CD  1 
ATOM   1247 N  NE  . ARG A 1 181 ? 4.059   -8.480  -11.250 1.00 41.13 ? 181 ARG A NE  1 
ATOM   1248 C  CZ  . ARG A 1 181 ? 5.306   -8.940  -11.315 1.00 41.57 ? 181 ARG A CZ  1 
ATOM   1249 N  NH1 . ARG A 1 181 ? 5.681   -9.730  -12.312 1.00 41.60 ? 181 ARG A NH1 1 
ATOM   1250 N  NH2 . ARG A 1 181 ? 6.181   -8.610  -10.376 1.00 41.58 ? 181 ARG A NH2 1 
ATOM   1251 N  N   . SER A 1 182 ? 0.865   -4.995  -12.671 1.00 42.38 ? 182 SER A N   1 
ATOM   1252 C  CA  . SER A 1 182 ? 1.442   -3.675  -12.971 1.00 43.69 ? 182 SER A CA  1 
ATOM   1253 C  C   . SER A 1 182 ? 0.517   -2.548  -12.520 1.00 43.80 ? 182 SER A C   1 
ATOM   1254 O  O   . SER A 1 182 ? 0.505   -2.186  -11.345 1.00 44.11 ? 182 SER A O   1 
ATOM   1255 C  CB  . SER A 1 182 ? 1.844   -3.519  -14.440 1.00 43.92 ? 182 SER A CB  1 
ATOM   1256 O  OG  . SER A 1 182 ? 2.769   -2.453  -14.595 1.00 45.87 ? 182 SER A OG  1 
ATOM   1257 N  N   . GLN A 1 185 ? 2.990   -0.881  -9.508  1.00 35.28 ? 185 GLN A N   1 
ATOM   1258 C  CA  . GLN A 1 185 ? 3.759   0.318   -9.192  1.00 34.22 ? 185 GLN A CA  1 
ATOM   1259 C  C   . GLN A 1 185 ? 5.173   0.281   -9.786  1.00 35.04 ? 185 GLN A C   1 
ATOM   1260 O  O   . GLN A 1 185 ? 5.720   -0.807  -9.997  1.00 35.26 ? 185 GLN A O   1 
ATOM   1261 C  CB  . GLN A 1 185 ? 3.826   0.522   -7.668  1.00 34.66 ? 185 GLN A CB  1 
ATOM   1262 C  CG  . GLN A 1 185 ? 4.510   -0.606  -6.882  1.00 33.39 ? 185 GLN A CG  1 
ATOM   1263 C  CD  . GLN A 1 185 ? 5.012   -0.151  -5.515  1.00 32.02 ? 185 GLN A CD  1 
ATOM   1264 O  OE1 . GLN A 1 185 ? 5.127   1.042   -5.257  1.00 25.70 ? 185 GLN A OE1 1 
ATOM   1265 N  NE2 . GLN A 1 185 ? 5.321   -1.105  -4.646  1.00 28.35 ? 185 GLN A NE2 1 
ATOM   1266 N  N   . PRO A 1 186 ? 5.772   1.466   -10.051 1.00 35.03 ? 186 PRO A N   1 
ATOM   1267 C  CA  . PRO A 1 186 ? 7.174   1.608   -10.474 1.00 34.85 ? 186 PRO A CA  1 
ATOM   1268 C  C   . PRO A 1 186 ? 8.195   1.180   -9.414  1.00 34.56 ? 186 PRO A C   1 
ATOM   1269 O  O   . PRO A 1 186 ? 7.894   1.187   -8.212  1.00 34.66 ? 186 PRO A O   1 
ATOM   1270 C  CB  . PRO A 1 186 ? 7.337   3.116   -10.686 1.00 34.98 ? 186 PRO A CB  1 
ATOM   1271 C  CG  . PRO A 1 186 ? 5.976   3.677   -10.731 1.00 34.97 ? 186 PRO A CG  1 
ATOM   1272 C  CD  . PRO A 1 186 ? 5.097   2.773   -9.954  1.00 35.34 ? 186 PRO A CD  1 
ATOM   1273 N  N   . ALA A 1 187 ? 9.410   0.848   -9.866  1.00 33.52 ? 187 ALA A N   1 
ATOM   1274 C  CA  . ALA A 1 187 ? 10.476  0.371   -8.982  1.00 31.87 ? 187 ALA A CA  1 
ATOM   1275 C  C   . ALA A 1 187 ? 10.898  1.344   -7.879  1.00 30.46 ? 187 ALA A C   1 
ATOM   1276 O  O   . ALA A 1 187 ? 11.037  2.556   -8.105  1.00 30.95 ? 187 ALA A O   1 
ATOM   1277 C  CB  . ALA A 1 187 ? 11.700  -0.058  -9.803  1.00 32.23 ? 187 ALA A CB  1 
ATOM   1278 N  N   . GLY A 1 188 ? 11.125  0.796   -6.688  1.00 28.52 ? 188 GLY A N   1 
ATOM   1279 C  CA  . GLY A 1 188 ? 11.619  1.582   -5.560  1.00 25.97 ? 188 GLY A CA  1 
ATOM   1280 C  C   . GLY A 1 188 ? 10.562  1.856   -4.505  1.00 24.61 ? 188 GLY A C   1 
ATOM   1281 O  O   . GLY A 1 188 ? 10.886  2.309   -3.410  1.00 24.06 ? 188 GLY A O   1 
ATOM   1282 N  N   . GLY A 1 189 ? 9.307   1.560   -4.837  1.00 23.06 ? 189 GLY A N   1 
ATOM   1283 C  CA  . GLY A 1 189 ? 8.181   1.809   -3.929  1.00 21.90 ? 189 GLY A CA  1 
ATOM   1284 C  C   . GLY A 1 189 ? 8.015   3.298   -3.679  1.00 20.95 ? 189 GLY A C   1 
ATOM   1285 O  O   . GLY A 1 189 ? 8.512   4.135   -4.456  1.00 20.17 ? 189 GLY A O   1 
ATOM   1286 N  N   . GLY A 1 190 ? 7.327   3.643   -2.590  1.00 20.48 ? 190 GLY A N   1 
ATOM   1287 C  CA  . GLY A 1 190 ? 7.050   5.041   -2.300  1.00 21.10 ? 190 GLY A CA  1 
ATOM   1288 C  C   . GLY A 1 190 ? 6.224   5.666   -3.411  1.00 21.60 ? 190 GLY A C   1 
ATOM   1289 O  O   . GLY A 1 190 ? 6.447   6.821   -3.804  1.00 21.50 ? 190 GLY A O   1 
ATOM   1290 N  N   . ASN A 1 191 ? 5.259   4.898   -3.907  1.00 20.63 ? 191 ASN A N   1 
ATOM   1291 C  CA  . ASN A 1 191 ? 4.355   5.352   -4.950  1.00 21.19 ? 191 ASN A CA  1 
ATOM   1292 C  C   . ASN A 1 191 ? 2.953   5.511   -4.410  1.00 21.14 ? 191 ASN A C   1 
ATOM   1293 O  O   . ASN A 1 191 ? 2.573   4.808   -3.464  1.00 21.14 ? 191 ASN A O   1 
ATOM   1294 C  CB  . ASN A 1 191 ? 4.349   4.368   -6.104  1.00 21.07 ? 191 ASN A CB  1 
ATOM   1295 C  CG  . ASN A 1 191 ? 5.702   4.285   -6.784  1.00 21.88 ? 191 ASN A CG  1 
ATOM   1296 O  OD1 . ASN A 1 191 ? 6.247   5.311   -7.201  1.00 23.22 ? 191 ASN A OD1 1 
ATOM   1297 N  ND2 . ASN A 1 191 ? 6.264   3.074   -6.874  1.00 21.79 ? 191 ASN A ND2 1 
ATOM   1298 N  N   . LEU A 1 192 ? 2.192   6.409   -5.019  1.00 20.85 ? 192 LEU A N   1 
ATOM   1299 C  CA  . LEU A 1 192 ? 0.818   6.626   -4.596  1.00 21.30 ? 192 LEU A CA  1 
ATOM   1300 C  C   . LEU A 1 192 ? -0.187  6.764   -5.727  1.00 21.43 ? 192 LEU A C   1 
ATOM   1301 O  O   . LEU A 1 192 ? 0.165   7.058   -6.874  1.00 21.24 ? 192 LEU A O   1 
ATOM   1302 C  CB  . LEU A 1 192 ? 0.729   7.835   -3.649  1.00 21.69 ? 192 LEU A CB  1 
ATOM   1303 C  CG  . LEU A 1 192 ? 0.994   9.268   -4.136  1.00 22.06 ? 192 LEU A CG  1 
ATOM   1304 C  CD1 . LEU A 1 192 ? -0.131  9.813   -5.025  1.00 23.21 ? 192 LEU A CD1 1 
ATOM   1305 C  CD2 . LEU A 1 192 ? 1.154   10.150  -2.916  1.00 21.41 ? 192 LEU A CD2 1 
ATOM   1306 N  N   . PHE A 1 193 ? -1.449  6.536   -5.387  1.00 21.22 ? 193 PHE A N   1 
ATOM   1307 C  CA  . PHE A 1 193 ? -2.541  6.961   -6.231  1.00 22.03 ? 193 PHE A CA  1 
ATOM   1308 C  C   . PHE A 1 193 ? -3.639  7.573   -5.363  1.00 22.56 ? 193 PHE A C   1 
ATOM   1309 O  O   . PHE A 1 193 ? -3.674  7.351   -4.149  1.00 22.10 ? 193 PHE A O   1 
ATOM   1310 C  CB  . PHE A 1 193 ? -3.043  5.829   -7.143  1.00 22.04 ? 193 PHE A CB  1 
ATOM   1311 C  CG  . PHE A 1 193 ? -3.741  4.697   -6.424  1.00 21.87 ? 193 PHE A CG  1 
ATOM   1312 C  CD1 . PHE A 1 193 ? -5.113  4.741   -6.207  1.00 23.00 ? 193 PHE A CD1 1 
ATOM   1313 C  CD2 . PHE A 1 193 ? -3.032  3.567   -6.027  1.00 22.08 ? 193 PHE A CD2 1 
ATOM   1314 C  CE1 . PHE A 1 193 ? -5.765  3.679   -5.574  1.00 22.28 ? 193 PHE A CE1 1 
ATOM   1315 C  CE2 . PHE A 1 193 ? -3.675  2.499   -5.392  1.00 22.77 ? 193 PHE A CE2 1 
ATOM   1316 C  CZ  . PHE A 1 193 ? -5.039  2.564   -5.161  1.00 22.81 ? 193 PHE A CZ  1 
ATOM   1317 N  N   . ARG A 1 194 ? -4.497  8.365   -5.994  1.00 23.66 ? 194 ARG A N   1 
ATOM   1318 C  CA  . ARG A 1 194 ? -5.581  9.038   -5.309  1.00 25.14 ? 194 ARG A CA  1 
ATOM   1319 C  C   . ARG A 1 194 ? -6.884  8.439   -5.812  1.00 24.72 ? 194 ARG A C   1 
ATOM   1320 O  O   . ARG A 1 194 ? -7.018  8.139   -7.005  1.00 24.92 ? 194 ARG A O   1 
ATOM   1321 C  CB  . ARG A 1 194 ? -5.521  10.543  -5.603  1.00 25.40 ? 194 ARG A CB  1 
ATOM   1322 C  CG  . ARG A 1 194 ? -6.494  11.417  -4.807  1.00 27.61 ? 194 ARG A CG  1 
ATOM   1323 C  CD  . ARG A 1 194 ? -6.207  12.902  -5.080  1.00 29.24 ? 194 ARG A CD  1 
ATOM   1324 N  NE  . ARG A 1 194 ? -7.033  13.431  -6.164  1.00 38.91 ? 194 ARG A NE  1 
ATOM   1325 C  CZ  . ARG A 1 194 ? -7.966  14.374  -6.005  1.00 40.52 ? 194 ARG A CZ  1 
ATOM   1326 N  NH1 . ARG A 1 194 ? -8.176  14.920  -4.811  1.00 42.69 ? 194 ARG A NH1 1 
ATOM   1327 N  NH2 . ARG A 1 194 ? -8.681  14.786  -7.044  1.00 43.51 ? 194 ARG A NH2 1 
ATOM   1328 N  N   . PHE A 1 195 ? -7.844  8.254   -4.909  1.00 24.45 ? 195 PHE A N   1 
ATOM   1329 C  CA  . PHE A 1 195 ? -9.170  7.789   -5.309  1.00 25.09 ? 195 PHE A CA  1 
ATOM   1330 C  C   . PHE A 1 195 ? -10.305 8.484   -4.564  1.00 25.79 ? 195 PHE A C   1 
ATOM   1331 O  O   . PHE A 1 195 ? -10.132 8.941   -3.434  1.00 25.42 ? 195 PHE A O   1 
ATOM   1332 C  CB  . PHE A 1 195 ? -9.296  6.265   -5.211  1.00 24.63 ? 195 PHE A CB  1 
ATOM   1333 C  CG  . PHE A 1 195 ? -9.181  5.724   -3.812  1.00 23.76 ? 195 PHE A CG  1 
ATOM   1334 C  CD1 . PHE A 1 195 ? -10.325 5.396   -3.091  1.00 24.07 ? 195 PHE A CD1 1 
ATOM   1335 C  CD2 . PHE A 1 195 ? -7.938  5.505   -3.236  1.00 22.44 ? 195 PHE A CD2 1 
ATOM   1336 C  CE1 . PHE A 1 195 ? -10.225 4.869   -1.804  1.00 23.24 ? 195 PHE A CE1 1 
ATOM   1337 C  CE2 . PHE A 1 195 ? -7.833  4.983   -1.946  1.00 21.94 ? 195 PHE A CE2 1 
ATOM   1338 C  CZ  . PHE A 1 195 ? -8.982  4.662   -1.241  1.00 22.16 ? 195 PHE A CZ  1 
ATOM   1339 N  N   . SER A 1 196 ? -11.460 8.554   -5.220  1.00 26.91 ? 196 SER A N   1 
ATOM   1340 C  CA  . SER A 1 196 ? -12.661 9.127   -4.631  1.00 27.33 ? 196 SER A CA  1 
ATOM   1341 C  C   . SER A 1 196 ? -13.258 8.173   -3.601  1.00 27.76 ? 196 SER A C   1 
ATOM   1342 O  O   . SER A 1 196 ? -13.537 7.004   -3.904  1.00 27.72 ? 196 SER A O   1 
ATOM   1343 C  CB  . SER A 1 196 ? -13.690 9.435   -5.720  1.00 27.71 ? 196 SER A CB  1 
ATOM   1344 O  OG  . SER A 1 196 ? -14.966 9.635   -5.144  1.00 28.30 ? 196 SER A OG  1 
ATOM   1345 N  N   . ILE A 1 197 ? -13.439 8.678   -2.383  1.00 28.54 ? 197 ILE A N   1 
ATOM   1346 C  CA  . ILE A 1 197 ? -14.063 7.915   -1.309  1.00 29.11 ? 197 ILE A CA  1 
ATOM   1347 C  C   . ILE A 1 197 ? -15.533 7.608   -1.633  1.00 30.35 ? 197 ILE A C   1 
ATOM   1348 O  O   . ILE A 1 197 ? -15.973 6.464   -1.484  1.00 29.66 ? 197 ILE A O   1 
ATOM   1349 C  CB  . ILE A 1 197 ? -13.909 8.636   0.059   1.00 29.33 ? 197 ILE A CB  1 
ATOM   1350 C  CG1 . ILE A 1 197 ? -12.420 8.753   0.411   1.00 27.96 ? 197 ILE A CG1 1 
ATOM   1351 C  CG2 . ILE A 1 197 ? -14.692 7.910   1.175   1.00 28.21 ? 197 ILE A CG2 1 
ATOM   1352 C  CD1 . ILE A 1 197 ? -12.105 9.605   1.635   1.00 29.03 ? 197 ILE A CD1 1 
ATOM   1353 N  N   . ALA A 1 198 ? -16.271 8.620   -2.099  1.00 31.27 ? 198 ALA A N   1 
ATOM   1354 C  CA  . ALA A 1 198 ? -17.686 8.454   -2.470  1.00 33.00 ? 198 ALA A CA  1 
ATOM   1355 C  C   . ALA A 1 198 ? -17.901 7.341   -3.494  1.00 34.04 ? 198 ALA A C   1 
ATOM   1356 O  O   . ALA A 1 198 ? -18.772 6.474   -3.324  1.00 34.18 ? 198 ALA A O   1 
ATOM   1357 C  CB  . ALA A 1 198 ? -18.265 9.774   -2.993  1.00 32.79 ? 198 ALA A CB  1 
ATOM   1358 N  N   . GLU A 1 199 ? -17.097 7.365   -4.552  1.00 35.03 ? 199 GLU A N   1 
ATOM   1359 C  CA  . GLU A 1 199 ? -17.205 6.397   -5.635  1.00 36.27 ? 199 GLU A CA  1 
ATOM   1360 C  C   . GLU A 1 199 ? -16.794 4.990   -5.221  1.00 36.98 ? 199 GLU A C   1 
ATOM   1361 O  O   . GLU A 1 199 ? -17.366 4.010   -5.707  1.00 37.28 ? 199 GLU A O   1 
ATOM   1362 C  CB  . GLU A 1 199 ? -16.383 6.855   -6.841  1.00 36.36 ? 199 GLU A CB  1 
ATOM   1363 C  CG  . GLU A 1 199 ? -16.933 8.113   -7.523  1.00 37.47 ? 199 GLU A CG  1 
ATOM   1364 C  CD  . GLU A 1 199 ? -18.408 7.993   -7.869  1.00 38.31 ? 199 GLU A CD  1 
ATOM   1365 N  N   . PHE A 1 200 ? -15.808 4.892   -4.323  1.00 37.57 ? 200 PHE A N   1 
ATOM   1366 C  CA  . PHE A 1 200 ? -15.324 3.596   -3.835  1.00 38.12 ? 200 PHE A CA  1 
ATOM   1367 C  C   . PHE A 1 200 ? -16.513 2.777   -3.357  1.00 39.04 ? 200 PHE A C   1 
ATOM   1368 O  O   . PHE A 1 200 ? -16.623 1.598   -3.667  1.00 39.45 ? 200 PHE A O   1 
ATOM   1369 C  CB  . PHE A 1 200 ? -14.287 3.786   -2.716  1.00 37.78 ? 200 PHE A CB  1 
ATOM   1370 C  CG  . PHE A 1 200 ? -13.761 2.495   -2.140  1.00 35.86 ? 200 PHE A CG  1 
ATOM   1371 C  CD1 . PHE A 1 200 ? -12.697 1.828   -2.739  1.00 35.65 ? 200 PHE A CD1 1 
ATOM   1372 C  CD2 . PHE A 1 200 ? -14.332 1.946   -0.996  1.00 35.06 ? 200 PHE A CD2 1 
ATOM   1373 C  CE1 . PHE A 1 200 ? -12.211 0.626   -2.204  1.00 34.32 ? 200 PHE A CE1 1 
ATOM   1374 C  CE2 . PHE A 1 200 ? -13.855 0.747   -0.463  1.00 33.97 ? 200 PHE A CE2 1 
ATOM   1375 C  CZ  . PHE A 1 200 ? -12.793 0.090   -1.070  1.00 34.91 ? 200 PHE A CZ  1 
ATOM   1376 N  N   . SER A 1 201 ? -17.404 3.436   -2.618  1.00 40.25 ? 201 SER A N   1 
ATOM   1377 C  CA  . SER A 1 201 ? -18.679 2.869   -2.203  1.00 41.34 ? 201 SER A CA  1 
ATOM   1378 C  C   . SER A 1 201 ? -19.604 2.599   -3.404  1.00 42.00 ? 201 SER A C   1 
ATOM   1379 O  O   . SER A 1 201 ? -20.566 3.333   -3.668  1.00 42.94 ? 201 SER A O   1 
ATOM   1380 C  CB  . SER A 1 201 ? -19.348 3.801   -1.190  1.00 41.48 ? 201 SER A CB  1 
ATOM   1381 N  N   . ALA A 1 203 ? -19.108 1.898   -7.611  1.00 60.92 ? 203 ALA A N   1 
ATOM   1382 C  CA  . ALA A 1 203 ? -19.004 1.738   -9.065  1.00 61.08 ? 203 ALA A CA  1 
ATOM   1383 C  C   . ALA A 1 203 ? -17.693 2.311   -9.625  1.00 60.98 ? 203 ALA A C   1 
ATOM   1384 O  O   . ALA A 1 203 ? -17.083 3.193   -9.010  1.00 60.89 ? 203 ALA A O   1 
ATOM   1385 C  CB  . ALA A 1 203 ? -20.212 2.366   -9.764  1.00 61.15 ? 203 ALA A CB  1 
ATOM   1386 N  N   . ALA A 1 204 ? -17.291 1.808   -10.797 1.00 60.87 ? 204 ALA A N   1 
ATOM   1387 C  CA  . ALA A 1 204 ? -15.986 2.101   -11.420 1.00 60.75 ? 204 ALA A CA  1 
ATOM   1388 C  C   . ALA A 1 204 ? -15.589 3.581   -11.464 1.00 60.75 ? 204 ALA A C   1 
ATOM   1389 O  O   . ALA A 1 204 ? -16.391 4.447   -11.834 1.00 60.64 ? 204 ALA A O   1 
ATOM   1390 C  CB  . ALA A 1 204 ? -15.915 1.489   -12.823 1.00 60.76 ? 204 ALA A CB  1 
ATOM   1391 N  N   . ALA A 1 205 ? -14.340 3.850   -11.087 1.00 60.60 ? 205 ALA A N   1 
ATOM   1392 C  CA  . ALA A 1 205 ? -13.805 5.209   -11.022 1.00 60.69 ? 205 ALA A CA  1 
ATOM   1393 C  C   . ALA A 1 205 ? -12.321 5.235   -11.377 1.00 60.66 ? 205 ALA A C   1 
ATOM   1394 O  O   . ALA A 1 205 ? -11.931 5.776   -12.414 1.00 60.70 ? 205 ALA A O   1 
ATOM   1395 C  CB  . ALA A 1 205 ? -14.033 5.806   -9.635  1.00 60.71 ? 205 ALA A CB  1 
ATOM   1396 N  N   . THR A 1 208 ? -8.870  6.255   -11.209 1.00 44.99 ? 208 THR A N   1 
ATOM   1397 C  CA  . THR A 1 208 ? -7.772  6.745   -10.382 1.00 44.97 ? 208 THR A CA  1 
ATOM   1398 C  C   . THR A 1 208 ? -6.563  7.143   -11.224 1.00 44.72 ? 208 THR A C   1 
ATOM   1399 O  O   . THR A 1 208 ? -6.397  6.688   -12.369 1.00 45.14 ? 208 THR A O   1 
ATOM   1400 C  CB  . THR A 1 208 ? -7.319  5.697   -9.334  1.00 45.04 ? 208 THR A CB  1 
ATOM   1401 O  OG1 . THR A 1 208 ? -6.607  4.633   -9.979  1.00 45.29 ? 208 THR A OG1 1 
ATOM   1402 C  CG2 . THR A 1 208 ? -8.505  5.132   -8.605  1.00 45.07 ? 208 THR A CG2 1 
ATOM   1403 N  N   . CYS A 1 209 ? -5.714  7.987   -10.645 1.00 43.78 ? 209 CYS A N   1 
ATOM   1404 C  CA  . CYS A 1 209 ? -4.506  8.425   -11.321 1.00 42.62 ? 209 CYS A CA  1 
ATOM   1405 C  C   . CYS A 1 209 ? -3.524  7.264   -11.460 1.00 41.74 ? 209 CYS A C   1 
ATOM   1406 O  O   . CYS A 1 209 ? -3.640  6.250   -10.758 1.00 41.89 ? 209 CYS A O   1 
ATOM   1407 C  CB  . CYS A 1 209 ? -3.870  9.614   -10.582 1.00 42.84 ? 209 CYS A CB  1 
ATOM   1408 S  SG  . CYS A 1 209 ? -3.237  9.281   -8.901  1.00 42.21 ? 209 CYS A SG  1 
ATOM   1409 N  N   . ASP A 1 210 ? -2.578  7.405   -12.383 1.00 40.27 ? 210 ASP A N   1 
ATOM   1410 C  CA  . ASP A 1 210 ? -1.441  6.493   -12.466 1.00 38.64 ? 210 ASP A CA  1 
ATOM   1411 C  C   . ASP A 1 210 ? -0.651  6.544   -11.157 1.00 36.79 ? 210 ASP A C   1 
ATOM   1412 O  O   . ASP A 1 210 ? -0.684  7.553   -10.441 1.00 36.81 ? 210 ASP A O   1 
ATOM   1413 C  CB  . ASP A 1 210 ? -0.528  6.870   -13.640 1.00 39.54 ? 210 ASP A CB  1 
ATOM   1414 C  CG  . ASP A 1 210 ? -1.233  6.783   -14.995 1.00 41.44 ? 210 ASP A CG  1 
ATOM   1415 O  OD1 . ASP A 1 210 ? -2.482  6.862   -15.039 1.00 43.39 ? 210 ASP A OD1 1 
ATOM   1416 O  OD2 . ASP A 1 210 ? -0.530  6.642   -16.021 1.00 44.07 ? 210 ASP A OD2 1 
ATOM   1417 N  N   . TRP A 1 211 ? 0.035   5.452   -10.832 1.00 34.17 ? 211 TRP A N   1 
ATOM   1418 C  CA  . TRP A 1 211 ? 0.982   5.454   -9.718  1.00 31.99 ? 211 TRP A CA  1 
ATOM   1419 C  C   . TRP A 1 211 ? 2.012   6.547   -9.961  1.00 31.72 ? 211 TRP A C   1 
ATOM   1420 O  O   . TRP A 1 211 ? 2.555   6.662   -11.070 1.00 31.86 ? 211 TRP A O   1 
ATOM   1421 C  CB  . TRP A 1 211 ? 1.727   4.131   -9.640  1.00 30.68 ? 211 TRP A CB  1 
ATOM   1422 C  CG  . TRP A 1 211 ? 0.935   2.959   -9.176  1.00 29.79 ? 211 TRP A CG  1 
ATOM   1423 C  CD1 . TRP A 1 211 ? 0.393   1.976   -9.948  1.00 28.86 ? 211 TRP A CD1 1 
ATOM   1424 C  CD2 . TRP A 1 211 ? 0.625   2.625   -7.817  1.00 28.42 ? 211 TRP A CD2 1 
ATOM   1425 N  NE1 . TRP A 1 211 ? -0.240  1.045   -9.155  1.00 29.41 ? 211 TRP A NE1 1 
ATOM   1426 C  CE2 . TRP A 1 211 ? -0.118  1.425   -7.842  1.00 29.54 ? 211 TRP A CE2 1 
ATOM   1427 C  CE3 . TRP A 1 211 ? 0.901   3.230   -6.578  1.00 27.29 ? 211 TRP A CE3 1 
ATOM   1428 C  CZ2 . TRP A 1 211 ? -0.593  0.812   -6.674  1.00 29.21 ? 211 TRP A CZ2 1 
ATOM   1429 C  CZ3 . TRP A 1 211 ? 0.428   2.619   -5.419  1.00 28.01 ? 211 TRP A CZ3 1 
ATOM   1430 C  CH2 . TRP A 1 211 ? -0.305  1.421   -5.476  1.00 27.60 ? 211 TRP A CH2 1 
ATOM   1431 N  N   . THR A 1 212 ? 2.285   7.342   -8.936  1.00 30.09 ? 212 THR A N   1 
ATOM   1432 C  CA  . THR A 1 212 ? 3.288   8.399   -9.043  1.00 29.94 ? 212 THR A CA  1 
ATOM   1433 C  C   . THR A 1 212 ? 4.134   8.462   -7.769  1.00 28.92 ? 212 THR A C   1 
ATOM   1434 O  O   . THR A 1 212 ? 3.650   8.140   -6.677  1.00 27.06 ? 212 THR A O   1 
ATOM   1435 C  CB  . THR A 1 212 ? 2.627   9.757   -9.381  1.00 30.63 ? 212 THR A CB  1 
ATOM   1436 O  OG1 . THR A 1 212 ? 3.637   10.728  -9.681  1.00 32.25 ? 212 THR A OG1 1 
ATOM   1437 C  CG2 . THR A 1 212 ? 1.759   10.248  -8.242  1.00 31.50 ? 212 THR A CG2 1 
ATOM   1438 N  N   . ALA A 1 213 ? 5.398   8.859   -7.909  1.00 27.75 ? 213 ALA A N   1 
ATOM   1439 C  CA  . ALA A 1 213 ? 6.305   8.916   -6.766  1.00 27.19 ? 213 ALA A CA  1 
ATOM   1440 C  C   . ALA A 1 213 ? 5.761   9.899   -5.751  1.00 27.01 ? 213 ALA A C   1 
ATOM   1441 O  O   . ALA A 1 213 ? 5.388   11.027  -6.097  1.00 25.40 ? 213 ALA A O   1 
ATOM   1442 C  CB  . ALA A 1 213 ? 7.728   9.319   -7.205  1.00 27.85 ? 213 ALA A CB  1 
HETATM 1443 N  N   . MSE A 1 214 ? 5.709   9.469   -4.490  1.00 26.84 ? 214 MSE A N   1 
HETATM 1444 C  CA  . MSE A 1 214 ? 5.101   10.280  -3.441  1.00 28.40 ? 214 MSE A CA  1 
HETATM 1445 C  C   . MSE A 1 214 ? 5.834   11.612  -3.230  1.00 28.53 ? 214 MSE A C   1 
HETATM 1446 O  O   . MSE A 1 214 ? 5.189   12.641  -3.030  1.00 28.06 ? 214 MSE A O   1 
HETATM 1447 C  CB  . MSE A 1 214 ? 5.012   9.503   -2.124  1.00 27.78 ? 214 MSE A CB  1 
HETATM 1448 C  CG  . MSE A 1 214 ? 6.365   9.156   -1.524  1.00 28.47 ? 214 MSE A CG  1 
HETATM 1449 SE SE  . MSE A 1 214 ? 6.239   7.935   -0.013  1.00 32.95 ? 214 MSE A SE  1 
HETATM 1450 C  CE  . MSE A 1 214 ? 8.124   7.665   0.257   1.00 28.32 ? 214 MSE A CE  1 
ATOM   1451 N  N   . GLU A 1 215 ? 7.164   11.587  -3.288  1.00 28.92 ? 215 GLU A N   1 
ATOM   1452 C  CA  . GLU A 1 215 ? 7.967   12.775  -2.970  1.00 30.57 ? 215 GLU A CA  1 
ATOM   1453 C  C   . GLU A 1 215 ? 7.948   13.848  -4.066  1.00 31.95 ? 215 GLU A C   1 
ATOM   1454 O  O   . GLU A 1 215 ? 8.446   14.966  -3.864  1.00 32.11 ? 215 GLU A O   1 
ATOM   1455 C  CB  . GLU A 1 215 ? 9.400   12.393  -2.586  1.00 30.17 ? 215 GLU A CB  1 
ATOM   1456 C  CG  . GLU A 1 215 ? 10.294  11.994  -3.752  1.00 29.41 ? 215 GLU A CG  1 
ATOM   1457 C  CD  . GLU A 1 215 ? 10.200  10.526  -4.143  1.00 29.32 ? 215 GLU A CD  1 
ATOM   1458 O  OE1 . GLU A 1 215 ? 11.189  10.034  -4.725  1.00 27.60 ? 215 GLU A OE1 1 
ATOM   1459 O  OE2 . GLU A 1 215 ? 9.165   9.859   -3.887  1.00 27.42 ? 215 GLU A OE2 1 
ATOM   1460 N  N   . THR A 1 216 ? 7.381   13.506  -5.217  1.00 33.52 ? 216 THR A N   1 
ATOM   1461 C  CA  . THR A 1 216 ? 7.300   14.436  -6.340  1.00 35.83 ? 216 THR A CA  1 
ATOM   1462 C  C   . THR A 1 216 ? 5.847   14.828  -6.613  1.00 36.66 ? 216 THR A C   1 
ATOM   1463 O  O   . THR A 1 216 ? 5.565   15.603  -7.531  1.00 36.96 ? 216 THR A O   1 
ATOM   1464 C  CB  . THR A 1 216 ? 7.943   13.846  -7.632  1.00 35.72 ? 216 THR A CB  1 
ATOM   1465 O  OG1 . THR A 1 216 ? 7.143   12.766  -8.134  1.00 37.58 ? 216 THR A OG1 1 
ATOM   1466 C  CG2 . THR A 1 216 ? 9.364   13.354  -7.369  1.00 36.59 ? 216 THR A CG2 1 
ATOM   1467 N  N   . TRP A 1 217 ? 4.923   14.298  -5.812  1.00 37.24 ? 217 TRP A N   1 
ATOM   1468 C  CA  . TRP A 1 217 ? 3.510   14.494  -6.088  1.00 38.21 ? 217 TRP A CA  1 
ATOM   1469 C  C   . TRP A 1 217 ? 3.034   15.876  -5.671  1.00 38.92 ? 217 TRP A C   1 
ATOM   1470 O  O   . TRP A 1 217 ? 3.195   16.285  -4.523  1.00 38.02 ? 217 TRP A O   1 
ATOM   1471 C  CB  . TRP A 1 217 ? 2.647   13.412  -5.449  1.00 38.42 ? 217 TRP A CB  1 
ATOM   1472 C  CG  . TRP A 1 217 ? 1.278   13.416  -6.012  1.00 39.15 ? 217 TRP A CG  1 
ATOM   1473 C  CD1 . TRP A 1 217 ? 0.935   13.323  -7.336  1.00 39.95 ? 217 TRP A CD1 1 
ATOM   1474 C  CD2 . TRP A 1 217 ? 0.056   13.537  -5.290  1.00 39.19 ? 217 TRP A CD2 1 
ATOM   1475 N  NE1 . TRP A 1 217 ? -0.428  13.372  -7.476  1.00 40.18 ? 217 TRP A NE1 1 
ATOM   1476 C  CE2 . TRP A 1 217 ? -0.994  13.501  -6.235  1.00 39.69 ? 217 TRP A CE2 1 
ATOM   1477 C  CE3 . TRP A 1 217 ? -0.259  13.666  -3.934  1.00 38.47 ? 217 TRP A CE3 1 
ATOM   1478 C  CZ2 . TRP A 1 217 ? -2.333  13.588  -5.866  1.00 39.18 ? 217 TRP A CZ2 1 
ATOM   1479 C  CZ3 . TRP A 1 217 ? -1.583  13.757  -3.569  1.00 38.82 ? 217 TRP A CZ3 1 
ATOM   1480 C  CH2 . TRP A 1 217 ? -2.606  13.722  -4.527  1.00 39.32 ? 217 TRP A CH2 1 
ATOM   1481 N  N   . GLN A 1 218 ? 2.438   16.575  -6.633  1.00 40.33 ? 218 GLN A N   1 
ATOM   1482 C  CA  . GLN A 1 218 ? 2.073   17.979  -6.485  1.00 41.87 ? 218 GLN A CA  1 
ATOM   1483 C  C   . GLN A 1 218 ? 0.588   18.158  -6.193  1.00 42.78 ? 218 GLN A C   1 
ATOM   1484 O  O   . GLN A 1 218 ? 0.063   19.271  -6.279  1.00 43.03 ? 218 GLN A O   1 
ATOM   1485 C  CB  . GLN A 1 218 ? 2.457   18.750  -7.758  1.00 41.88 ? 218 GLN A CB  1 
ATOM   1486 C  CG  . GLN A 1 218 ? 3.960   18.817  -8.024  1.00 42.46 ? 218 GLN A CG  1 
ATOM   1487 N  N   . GLY A 1 219 ? -0.084  17.066  -5.832  1.00 43.74 ? 219 GLY A N   1 
ATOM   1488 C  CA  . GLY A 1 219 ? -1.535  17.076  -5.655  1.00 44.66 ? 219 GLY A CA  1 
ATOM   1489 C  C   . GLY A 1 219 ? -1.994  17.681  -4.344  1.00 45.20 ? 219 GLY A C   1 
ATOM   1490 O  O   . GLY A 1 219 ? -3.190  17.647  -4.023  1.00 45.96 ? 219 GLY A O   1 
HETATM 1491 O  O   . HOH B 2 .   ? 8.899   -4.631  7.763   1.00 22.37 ? 220 HOH A O   1 
HETATM 1492 O  O   . HOH B 2 .   ? -10.374 -7.327  5.412   1.00 18.37 ? 221 HOH A O   1 
HETATM 1493 O  O   . HOH B 2 .   ? -6.455  -17.467 -0.326  1.00 23.32 ? 222 HOH A O   1 
HETATM 1494 O  O   . HOH B 2 .   ? -1.964  -17.306 -5.422  1.00 21.11 ? 223 HOH A O   1 
HETATM 1495 O  O   . HOH B 2 .   ? 6.640   -0.828  -2.086  1.00 21.03 ? 224 HOH A O   1 
HETATM 1496 O  O   . HOH B 2 .   ? -0.411  -5.922  8.588   1.00 25.96 ? 225 HOH A O   1 
HETATM 1497 O  O   . HOH B 2 .   ? -3.743  -16.017 -7.379  1.00 21.67 ? 226 HOH A O   1 
HETATM 1498 O  O   . HOH B 2 .   ? 17.723  1.802   -0.503  1.00 31.35 ? 227 HOH A O   1 
HETATM 1499 O  O   . HOH B 2 .   ? -4.399  1.297   15.613  1.00 23.25 ? 228 HOH A O   1 
HETATM 1500 O  O   . HOH B 2 .   ? 1.080   13.559  6.924   1.00 23.10 ? 229 HOH A O   1 
HETATM 1501 O  O   . HOH B 2 .   ? 3.911   15.631  7.464   1.00 29.09 ? 230 HOH A O   1 
HETATM 1502 O  O   . HOH B 2 .   ? 15.934  -2.826  8.778   1.00 26.45 ? 231 HOH A O   1 
HETATM 1503 O  O   . HOH B 2 .   ? -8.277  -17.806 -12.037 1.00 31.16 ? 232 HOH A O   1 
HETATM 1504 O  O   . HOH B 2 .   ? -1.900  -2.306  2.323   1.00 28.64 ? 233 HOH A O   1 
HETATM 1505 O  O   . HOH B 2 .   ? -16.430 0.254   9.881   1.00 27.88 ? 234 HOH A O   1 
HETATM 1506 O  O   . HOH B 2 .   ? -9.914  18.913  7.952   1.00 29.68 ? 235 HOH A O   1 
HETATM 1507 O  O   . HOH B 2 .   ? -1.786  -9.785  -15.148 1.00 32.99 ? 236 HOH A O   1 
HETATM 1508 O  O   . HOH B 2 .   ? -11.388 -1.981  10.504  1.00 23.80 ? 237 HOH A O   1 
HETATM 1509 O  O   . HOH B 2 .   ? 5.265   -3.115  -1.620  1.00 25.35 ? 238 HOH A O   1 
HETATM 1510 O  O   . HOH B 2 .   ? 12.685  -12.756 -5.192  0.50 37.05 ? 239 HOH A O   1 
HETATM 1511 O  O   . HOH B 2 .   ? -0.260  -14.120 -2.320  1.00 27.00 ? 240 HOH A O   1 
HETATM 1512 O  O   . HOH B 2 .   ? 0.166   -11.642 -15.004 1.00 32.47 ? 241 HOH A O   1 
HETATM 1513 O  O   . HOH B 2 .   ? -15.754 -4.000  5.246   1.00 30.61 ? 242 HOH A O   1 
HETATM 1514 O  O   . HOH B 2 .   ? -1.244  8.375   16.329  1.00 34.04 ? 243 HOH A O   1 
HETATM 1515 O  O   . HOH B 2 .   ? -11.180 -6.256  -10.009 1.00 30.76 ? 244 HOH A O   1 
HETATM 1516 O  O   . HOH B 2 .   ? -12.065 -10.045 -4.982  1.00 27.98 ? 245 HOH A O   1 
HETATM 1517 O  O   . HOH B 2 .   ? -6.135  19.024  6.704   1.00 28.75 ? 246 HOH A O   1 
HETATM 1518 O  O   . HOH B 2 .   ? 10.972  -6.954  4.983   1.00 38.66 ? 247 HOH A O   1 
HETATM 1519 O  O   . HOH B 2 .   ? 4.242   -13.255 2.957   1.00 35.39 ? 248 HOH A O   1 
HETATM 1520 O  O   . HOH B 2 .   ? 5.837   -4.945  0.940   1.00 28.93 ? 249 HOH A O   1 
HETATM 1521 O  O   . HOH B 2 .   ? 20.176  2.048   4.415   1.00 34.89 ? 250 HOH A O   1 
HETATM 1522 O  O   . HOH B 2 .   ? 19.705  3.697   1.200   1.00 26.51 ? 251 HOH A O   1 
HETATM 1523 O  O   . HOH B 2 .   ? 19.242  7.168   7.363   1.00 31.31 ? 252 HOH A O   1 
HETATM 1524 O  O   . HOH B 2 .   ? 16.007  12.576  5.146   1.00 40.74 ? 253 HOH A O   1 
HETATM 1525 O  O   . HOH B 2 .   ? -11.837 5.798   9.582   1.00 30.22 ? 254 HOH A O   1 
HETATM 1526 O  O   . HOH B 2 .   ? -14.418 12.664  13.882  1.00 32.70 ? 255 HOH A O   1 
HETATM 1527 O  O   . HOH B 2 .   ? -7.417  -14.077 2.340   1.00 29.03 ? 256 HOH A O   1 
HETATM 1528 O  O   . HOH B 2 .   ? 9.950   17.958  0.389   1.00 30.95 ? 257 HOH A O   1 
HETATM 1529 O  O   . HOH B 2 .   ? 13.353  -13.598 9.839   1.00 34.92 ? 258 HOH A O   1 
HETATM 1530 O  O   . HOH B 2 .   ? 4.005   -16.874 -15.063 1.00 29.33 ? 259 HOH A O   1 
HETATM 1531 O  O   . HOH B 2 .   ? 0.690   19.175  -2.583  1.00 47.85 ? 260 HOH A O   1 
HETATM 1532 O  O   . HOH B 2 .   ? -15.500 11.361  -2.968  1.00 38.15 ? 261 HOH A O   1 
HETATM 1533 O  O   . HOH B 2 .   ? 5.898   11.367  13.022  1.00 33.12 ? 262 HOH A O   1 
HETATM 1534 O  O   . HOH B 2 .   ? -1.142  21.677  3.319   1.00 35.29 ? 263 HOH A O   1 
HETATM 1535 O  O   . HOH B 2 .   ? -11.693 7.061   -7.775  1.00 31.27 ? 264 HOH A O   1 
HETATM 1536 O  O   . HOH B 2 .   ? 5.525   -7.629  3.197   1.00 46.02 ? 265 HOH A O   1 
HETATM 1537 O  O   . HOH B 2 .   ? -12.915 -14.085 -2.172  1.00 40.12 ? 266 HOH A O   1 
HETATM 1538 O  O   . HOH B 2 .   ? 0.311   20.394  8.997   1.00 36.03 ? 267 HOH A O   1 
HETATM 1539 O  O   . HOH B 2 .   ? 13.482  5.835   -5.789  1.00 38.93 ? 268 HOH A O   1 
HETATM 1540 O  O   . HOH B 2 .   ? -20.628 0.120   7.516   1.00 27.93 ? 269 HOH A O   1 
HETATM 1541 O  O   . HOH B 2 .   ? -0.988  12.127  16.494  1.00 55.37 ? 270 HOH A O   1 
HETATM 1542 O  O   . HOH B 2 .   ? -5.910  -23.231 -6.389  1.00 35.21 ? 271 HOH A O   1 
HETATM 1543 O  O   . HOH B 2 .   ? -20.898 1.497   3.190   1.00 26.59 ? 272 HOH A O   1 
HETATM 1544 O  O   . HOH B 2 .   ? 1.174   -18.347 1.852   1.00 38.12 ? 273 HOH A O   1 
HETATM 1545 O  O   . HOH B 2 .   ? -16.970 2.437   1.762   1.00 32.67 ? 274 HOH A O   1 
HETATM 1546 O  O   . HOH B 2 .   ? -4.104  15.831  1.695   1.00 41.16 ? 275 HOH A O   1 
HETATM 1547 O  O   . HOH B 2 .   ? 17.464  8.940   5.893   1.00 30.12 ? 277 HOH A O   1 
HETATM 1548 O  O   . HOH B 2 .   ? 7.578   -11.387 -15.661 1.00 42.90 ? 278 HOH A O   1 
HETATM 1549 O  O   . HOH B 2 .   ? 6.568   9.102   -10.580 1.00 31.35 ? 279 HOH A O   1 
HETATM 1550 O  O   . HOH B 2 .   ? 11.612  -14.157 -14.781 1.00 35.24 ? 280 HOH A O   1 
HETATM 1551 O  O   . HOH B 2 .   ? -7.910  0.490   14.805  1.00 30.88 ? 281 HOH A O   1 
HETATM 1552 O  O   . HOH B 2 .   ? 14.903  14.086  3.434   1.00 43.08 ? 282 HOH A O   1 
HETATM 1553 O  O   . HOH B 2 .   ? 2.064   -9.883  -5.288  1.00 41.08 ? 283 HOH A O   1 
HETATM 1554 O  O   . HOH B 2 .   ? -1.970  -24.041 -4.021  1.00 45.46 ? 284 HOH A O   1 
HETATM 1555 O  O   . HOH B 2 .   ? 19.669  -2.077  2.911   1.00 41.34 ? 285 HOH A O   1 
HETATM 1556 O  O   . HOH B 2 .   ? -10.991 4.525   11.826  1.00 41.45 ? 286 HOH A O   1 
HETATM 1557 O  O   . HOH B 2 .   ? 4.175   -24.561 -0.934  1.00 52.94 ? 288 HOH A O   1 
HETATM 1558 O  O   . HOH B 2 .   ? 9.859   4.466   -6.734  1.00 40.86 ? 289 HOH A O   1 
HETATM 1559 O  O   . HOH B 2 .   ? 14.115  -2.151  -1.031  1.00 37.80 ? 290 HOH A O   1 
HETATM 1560 O  O   . HOH B 2 .   ? -7.128  -5.011  -15.558 1.00 49.08 ? 291 HOH A O   1 
HETATM 1561 O  O   . HOH B 2 .   ? -21.977 0.274   1.027   1.00 42.17 ? 292 HOH A O   1 
HETATM 1562 O  O   . HOH B 2 .   ? -10.837 -5.532  -17.019 1.00 46.20 ? 293 HOH A O   1 
HETATM 1563 O  O   . HOH B 2 .   ? 15.284  1.830   -5.827  1.00 38.61 ? 294 HOH A O   1 
HETATM 1564 O  O   . HOH B 2 .   ? 14.128  -11.016 -12.175 1.00 43.54 ? 295 HOH A O   1 
HETATM 1565 O  O   . HOH B 2 .   ? -14.588 -3.820  -9.343  1.00 43.55 ? 296 HOH A O   1 
HETATM 1566 O  O   . HOH B 2 .   ? -18.349 -1.005  7.827   1.00 43.65 ? 297 HOH A O   1 
HETATM 1567 O  O   . HOH B 2 .   ? -10.276 -2.557  8.305   1.00 31.52 ? 298 HOH A O   1 
HETATM 1568 O  O   . HOH B 2 .   ? 3.666   -11.114 1.830   1.00 40.85 ? 299 HOH A O   1 
HETATM 1569 O  O   . HOH B 2 .   ? -9.355  10.690  -7.649  1.00 52.13 ? 300 HOH A O   1 
HETATM 1570 O  O   . HOH B 2 .   ? -6.332  -10.152 7.710   1.00 37.88 ? 301 HOH A O   1 
HETATM 1571 O  O   . HOH B 2 .   ? -6.360  -12.088 -14.101 1.00 42.09 ? 302 HOH A O   1 
HETATM 1572 O  O   . HOH B 2 .   ? -16.676 -1.497  -2.089  1.00 56.50 ? 303 HOH A O   1 
HETATM 1573 O  O   . HOH B 2 .   ? -3.853  21.183  7.427   0.50 26.39 ? 304 HOH A O   1 
HETATM 1574 O  O   . HOH B 2 .   ? -12.905 -7.557  -4.138  1.00 33.28 ? 305 HOH A O   1 
HETATM 1575 O  O   . HOH B 2 .   ? -17.417 -3.953  -1.071  1.00 36.53 ? 306 HOH A O   1 
HETATM 1576 O  O   . HOH B 2 .   ? -6.455  -16.795 2.170   1.00 32.19 ? 307 HOH A O   1 
HETATM 1577 O  O   . HOH B 2 .   ? -22.525 2.014   -0.880  1.00 40.59 ? 308 HOH A O   1 
HETATM 1578 O  O   . HOH B 2 .   ? -10.708 -10.804 -11.283 1.00 46.74 ? 309 HOH A O   1 
HETATM 1579 O  O   . HOH B 2 .   ? -14.356 -7.417  -0.170  1.00 32.02 ? 310 HOH A O   1 
HETATM 1580 O  O   . HOH B 2 .   ? -14.489 3.188   -7.541  1.00 45.87 ? 311 HOH A O   1 
HETATM 1581 O  O   . HOH B 2 .   ? 1.267   -16.378 -15.688 1.00 39.90 ? 312 HOH A O   1 
HETATM 1582 O  O   . HOH B 2 .   ? 13.043  -16.179 -16.204 1.00 40.82 ? 313 HOH A O   1 
HETATM 1583 O  O   . HOH B 2 .   ? -13.536 -6.341  -6.381  1.00 38.93 ? 314 HOH A O   1 
HETATM 1584 O  O   . HOH B 2 .   ? 15.491  15.016  7.096   1.00 40.24 ? 315 HOH A O   1 
HETATM 1585 O  O   . HOH B 2 .   ? -8.552  11.641  12.644  1.00 48.87 ? 316 HOH A O   1 
HETATM 1586 O  O   . HOH B 2 .   ? 22.105  -7.027  13.254  1.00 52.56 ? 317 HOH A O   1 
HETATM 1587 O  O   . HOH B 2 .   ? -3.411  -24.212 -7.621  1.00 42.90 ? 318 HOH A O   1 
HETATM 1588 O  O   . HOH B 2 .   ? -17.611 16.088  15.540  1.00 43.72 ? 319 HOH A O   1 
HETATM 1589 O  O   . HOH B 2 .   ? -13.289 5.108   -5.851  1.00 44.60 ? 320 HOH A O   1 
HETATM 1590 O  O   . HOH B 2 .   ? -4.958  -20.126 -0.421  1.00 42.03 ? 321 HOH A O   1 
HETATM 1591 O  O   . HOH B 2 .   ? -6.293  -9.896  10.506  1.00 49.37 ? 322 HOH A O   1 
HETATM 1592 O  O   . HOH B 2 .   ? -14.019 -16.611 -5.163  1.00 52.77 ? 323 HOH A O   1 
HETATM 1593 O  O   . HOH B 2 .   ? 4.894   -19.135 -16.013 1.00 42.24 ? 324 HOH A O   1 
HETATM 1594 O  O   . HOH B 2 .   ? 6.639   -6.373  11.196  1.00 40.17 ? 325 HOH A O   1 
HETATM 1595 O  O   . HOH B 2 .   ? -9.208  12.430  2.378   1.00 43.67 ? 326 HOH A O   1 
HETATM 1596 O  O   . HOH B 2 .   ? 11.680  -15.135 -2.438  0.50 34.14 ? 327 HOH A O   1 
HETATM 1597 O  O   . HOH B 2 .   ? 1.165   -7.930  9.543   1.00 45.44 ? 328 HOH A O   1 
HETATM 1598 O  O   . HOH B 2 .   ? 17.640  7.881   9.000   1.00 39.89 ? 329 HOH A O   1 
HETATM 1599 O  O   . HOH B 2 .   ? 2.051   -10.794 4.860   1.00 43.50 ? 330 HOH A O   1 
HETATM 1600 O  O   . HOH B 2 .   ? 12.481  -11.663 -14.572 1.00 46.34 ? 331 HOH A O   1 
HETATM 1601 O  O   . HOH B 2 .   ? -18.421 0.842   0.274   1.00 56.34 ? 332 HOH A O   1 
HETATM 1602 O  O   . HOH B 2 .   ? 16.903  -20.360 -10.252 1.00 45.17 ? 333 HOH A O   1 
HETATM 1603 O  O   . HOH B 2 .   ? 11.023  -2.064  -6.398  1.00 51.21 ? 334 HOH A O   1 
HETATM 1604 O  O   . HOH B 2 .   ? -12.016 -9.090  -9.246  1.00 36.57 ? 335 HOH A O   1 
HETATM 1605 O  O   . HOH B 2 .   ? -6.170  12.473  1.277   1.00 41.39 ? 336 HOH A O   1 
HETATM 1606 O  O   . HOH B 2 .   ? 7.175   -22.125 4.027   1.00 45.78 ? 337 HOH A O   1 
HETATM 1607 O  O   . HOH B 2 .   ? -2.625  19.568  -1.820  1.00 49.70 ? 338 HOH A O   1 
HETATM 1608 O  O   . HOH B 2 .   ? 12.694  -3.166  13.787  1.00 42.48 ? 339 HOH A O   1 
HETATM 1609 O  O   . HOH B 2 .   ? 4.757   -0.714  -15.191 1.00 61.45 ? 340 HOH A O   1 
HETATM 1610 O  O   . HOH B 2 .   ? 16.997  -13.351 11.869  1.00 50.78 ? 341 HOH A O   1 
HETATM 1611 O  O   . HOH B 2 .   ? -6.106  14.224  -2.118  1.00 58.01 ? 342 HOH A O   1 
HETATM 1612 O  O   . HOH B 2 .   ? 9.152   20.891  0.423   1.00 50.15 ? 343 HOH A O   1 
HETATM 1613 O  O   . HOH B 2 .   ? 5.179   -15.078 -16.720 1.00 43.34 ? 344 HOH A O   1 
HETATM 1614 O  O   . HOH B 2 .   ? 9.662   -13.266 -16.354 1.00 45.14 ? 345 HOH A O   1 
HETATM 1615 O  O   . HOH B 2 .   ? 6.900   -2.865  13.965  1.00 45.20 ? 346 HOH A O   1 
HETATM 1616 O  O   . HOH B 2 .   ? -2.985  -11.730 9.533   1.00 47.99 ? 347 HOH A O   1 
HETATM 1617 O  O   . HOH B 2 .   ? -15.898 -5.405  0.961   1.00 33.70 ? 348 HOH A O   1 
HETATM 1618 O  O   . HOH B 2 .   ? 3.409   18.841  -3.580  1.00 46.99 ? 349 HOH A O   1 
HETATM 1619 O  O   . HOH B 2 .   ? 12.597  18.027  1.875   1.00 40.46 ? 350 HOH A O   1 
HETATM 1620 O  O   . HOH B 2 .   ? -9.872  15.047  -0.605  1.00 51.08 ? 351 HOH A O   1 
HETATM 1621 O  O   . HOH B 2 .   ? 22.979  1.149   10.318  1.00 49.57 ? 352 HOH A O   1 
HETATM 1622 O  O   . HOH B 2 .   ? -0.036  -18.780 -16.540 1.00 46.53 ? 353 HOH A O   1 
HETATM 1623 O  O   . HOH B 2 .   ? -13.249 8.592   12.438  1.00 45.26 ? 354 HOH A O   1 
HETATM 1624 O  O   . HOH B 2 .   ? -17.203 -5.509  3.328   1.00 45.92 ? 355 HOH A O   1 
HETATM 1625 O  O   . HOH B 2 .   ? -1.607  21.920  5.854   1.00 45.97 ? 356 HOH A O   1 
HETATM 1626 O  O   . HOH B 2 .   ? -10.481 -12.592 1.549   1.00 26.94 ? 357 HOH A O   1 
HETATM 1627 O  O   . HOH B 2 .   ? -15.025 -7.393  -2.635  1.00 35.01 ? 358 HOH A O   1 
HETATM 1628 O  O   . HOH B 2 .   ? 1.527   11.105  14.484  1.00 40.45 ? 359 HOH A O   1 
HETATM 1629 O  O   . HOH B 2 .   ? -14.573 -9.829  -9.286  1.00 48.70 ? 360 HOH A O   1 
HETATM 1630 O  O   . HOH B 2 .   ? 8.276   -17.801 3.903   1.00 49.11 ? 361 HOH A O   1 
HETATM 1631 O  O   . HOH B 2 .   ? -11.888 -10.889 3.160   1.00 51.58 ? 362 HOH A O   1 
HETATM 1632 O  O   . HOH B 2 .   ? 5.460   -5.953  -1.396  1.00 42.43 ? 363 HOH A O   1 
HETATM 1633 O  O   . HOH B 2 .   ? 5.245   -3.933  -5.281  1.00 53.68 ? 364 HOH A O   1 
HETATM 1634 O  O   . HOH B 2 .   ? -14.420 -11.106 -5.315  1.00 42.63 ? 365 HOH A O   1 
HETATM 1635 O  O   . HOH B 2 .   ? 1.211   -5.040  -9.804  1.00 44.55 ? 366 HOH A O   1 
HETATM 1636 O  O   . HOH B 2 .   ? -12.063 9.803   10.609  1.00 45.35 ? 367 HOH A O   1 
HETATM 1637 O  O   . HOH B 2 .   ? 13.893  -0.913  -4.952  1.00 47.75 ? 368 HOH A O   1 
HETATM 1638 O  O   . HOH B 2 .   ? 2.640   15.408  -9.727  1.00 52.26 ? 369 HOH A O   1 
HETATM 1639 O  O   . HOH B 2 .   ? 13.886  11.858  -4.020  1.00 57.58 ? 370 HOH A O   1 
HETATM 1640 O  O   . HOH B 2 .   ? -0.129  3.444   -13.015 1.00 51.00 ? 371 HOH A O   1 
HETATM 1641 O  O   . HOH B 2 .   ? 11.587  8.882   -6.892  1.00 45.89 ? 372 HOH A O   1 
HETATM 1642 O  O   . HOH B 2 .   ? -12.080 5.945   14.031  1.00 48.93 ? 373 HOH A O   1 
HETATM 1643 O  O   . HOH B 2 .   ? -5.972  3.283   16.380  1.00 38.64 ? 374 HOH A O   1 
HETATM 1644 O  O   . HOH B 2 .   ? 21.411  -14.121 11.789  1.00 45.58 ? 375 HOH A O   1 
HETATM 1645 O  O   . HOH B 2 .   ? 16.214  15.666  1.401   1.00 49.79 ? 376 HOH A O   1 
HETATM 1646 O  O   . HOH B 2 .   ? 9.146   -1.702  -2.974  1.00 33.74 ? 377 HOH A O   1 
HETATM 1647 O  O   . HOH B 2 .   ? -5.827  -0.668  14.997  1.00 15.71 ? 379 HOH A O   1 
HETATM 1648 O  O   . HOH B 2 .   ? -3.428  -24.098 -1.688  1.00 48.50 ? 380 HOH A O   1 
HETATM 1649 O  O   . HOH B 2 .   ? -6.992  5.556   15.759  1.00 42.77 ? 381 HOH A O   1 
HETATM 1650 O  O   . HOH B 2 .   ? 0.144   -23.085 -14.504 1.00 56.60 ? 382 HOH A O   1 
HETATM 1651 O  O   . HOH B 2 .   ? 4.495   20.798  11.946  1.00 43.63 ? 383 HOH A O   1 
HETATM 1652 O  O   . HOH B 2 .   ? -2.814  -17.777 2.639   1.00 48.36 ? 384 HOH A O   1 
HETATM 1653 O  O   . HOH B 2 .   ? 12.588  21.211  3.281   1.00 49.20 ? 385 HOH A O   1 
HETATM 1654 O  O   . HOH B 2 .   ? -16.992 18.726  14.649  1.00 44.53 ? 386 HOH A O   1 
HETATM 1655 O  O   . HOH B 2 .   ? 11.006  -1.488  -1.960  1.00 50.12 ? 387 HOH A O   1 
HETATM 1656 O  O   . HOH B 2 .   ? -13.319 -18.687 -6.694  1.00 61.10 ? 388 HOH A O   1 
HETATM 1657 O  O   . HOH B 2 .   ? 6.878   -7.660  -4.144  1.00 48.74 ? 389 HOH A O   1 
HETATM 1658 O  O   . HOH B 2 .   ? 14.089  -2.175  -7.420  1.00 48.98 ? 391 HOH A O   1 
HETATM 1659 O  O   . HOH B 2 .   ? 7.409   21.163  6.534   1.00 50.27 ? 392 HOH A O   1 
HETATM 1660 O  O   . HOH B 2 .   ? 11.974  -22.478 -1.735  1.00 48.77 ? 393 HOH A O   1 
HETATM 1661 O  O   . HOH B 2 .   ? -5.484  -12.108 6.496   1.00 34.97 ? 394 HOH A O   1 
HETATM 1662 O  O   . HOH B 2 .   ? -14.757 -5.794  -15.207 1.00 52.98 ? 395 HOH A O   1 
HETATM 1663 O  O   . HOH B 2 .   ? -14.285 -7.457  -12.968 1.00 59.55 ? 396 HOH A O   1 
HETATM 1664 O  O   . HOH B 2 .   ? -10.999 8.380   9.269   1.00 40.37 ? 397 HOH A O   1 
HETATM 1665 O  O   . HOH B 2 .   ? 11.730  -16.850 -18.652 1.00 44.47 ? 398 HOH A O   1 
HETATM 1666 O  O   . HOH B 2 .   ? 8.580   6.180   -8.230  1.00 51.69 ? 399 HOH A O   1 
HETATM 1667 O  O   . HOH B 2 .   ? -17.463 -2.328  6.183   1.00 44.32 ? 400 HOH A O   1 
# 
